data_2DA1
#
_entry.id   2DA1
#
_entity_poly.entity_id   1
_entity_poly.type   'polypeptide(L)'
_entity_poly.pdbx_seq_one_letter_code
;GSSGSSGKRPRTRITDDQLRVLRQYFDINNSPSEEQIKEMADKSGLPQKVIKHWFRNTLFKERQSGPSSG
;
_entity_poly.pdbx_strand_id   A
#
# COMPACT_ATOMS: atom_id res chain seq x y z
N GLY A 1 -20.74 -1.37 24.26
CA GLY A 1 -19.56 -0.53 24.11
C GLY A 1 -19.89 0.94 24.05
N SER A 2 -19.19 1.67 23.20
CA SER A 2 -19.42 3.11 23.05
C SER A 2 -20.13 3.41 21.74
N SER A 3 -19.64 2.82 20.65
CA SER A 3 -20.23 3.03 19.34
C SER A 3 -20.61 1.71 18.69
N GLY A 4 -19.61 0.87 18.45
CA GLY A 4 -19.85 -0.43 17.84
C GLY A 4 -18.63 -0.96 17.11
N SER A 5 -18.21 -0.27 16.06
CA SER A 5 -17.05 -0.68 15.28
C SER A 5 -16.68 0.38 14.26
N SER A 6 -15.39 0.68 14.17
CA SER A 6 -14.90 1.68 13.22
C SER A 6 -14.95 1.16 11.80
N GLY A 7 -15.65 1.89 10.93
CA GLY A 7 -15.77 1.47 9.54
C GLY A 7 -15.60 2.63 8.59
N LYS A 8 -14.41 2.75 8.01
CA LYS A 8 -14.11 3.82 7.07
C LYS A 8 -13.67 3.26 5.72
N ARG A 9 -12.66 2.40 5.75
CA ARG A 9 -12.15 1.79 4.52
C ARG A 9 -13.22 0.97 3.83
N PRO A 10 -13.09 0.83 2.50
CA PRO A 10 -14.05 0.07 1.68
C PRO A 10 -13.99 -1.43 1.96
N ARG A 11 -14.93 -2.17 1.38
CA ARG A 11 -14.99 -3.61 1.56
C ARG A 11 -13.60 -4.23 1.47
N THR A 12 -12.90 -3.94 0.37
CA THR A 12 -11.55 -4.46 0.16
C THR A 12 -10.73 -4.39 1.43
N ARG A 13 -9.68 -5.21 1.50
CA ARG A 13 -8.81 -5.24 2.67
C ARG A 13 -7.51 -5.97 2.35
N ILE A 14 -6.39 -5.39 2.78
CA ILE A 14 -5.08 -5.97 2.55
C ILE A 14 -4.72 -6.98 3.64
N THR A 15 -4.10 -8.08 3.25
CA THR A 15 -3.69 -9.11 4.20
C THR A 15 -2.20 -9.01 4.52
N ASP A 16 -1.77 -9.76 5.53
CA ASP A 16 -0.37 -9.76 5.93
C ASP A 16 0.52 -10.26 4.81
N ASP A 17 -0.02 -11.15 3.97
CA ASP A 17 0.74 -11.70 2.85
C ASP A 17 0.93 -10.66 1.75
N GLN A 18 0.01 -9.70 1.69
CA GLN A 18 0.07 -8.65 0.69
C GLN A 18 0.87 -7.45 1.21
N LEU A 19 0.59 -7.06 2.44
CA LEU A 19 1.28 -5.93 3.06
C LEU A 19 2.79 -6.14 3.06
N ARG A 20 3.21 -7.33 3.48
CA ARG A 20 4.63 -7.66 3.53
C ARG A 20 5.33 -7.27 2.23
N VAL A 21 4.64 -7.49 1.11
CA VAL A 21 5.19 -7.17 -0.20
C VAL A 21 5.38 -5.66 -0.36
N LEU A 22 4.50 -4.89 0.27
CA LEU A 22 4.57 -3.43 0.21
C LEU A 22 5.60 -2.89 1.20
N ARG A 23 5.76 -3.59 2.31
CA ARG A 23 6.71 -3.18 3.34
C ARG A 23 8.14 -3.44 2.88
N GLN A 24 8.41 -4.67 2.44
CA GLN A 24 9.74 -5.04 1.98
C GLN A 24 10.30 -3.98 1.05
N TYR A 25 9.50 -3.56 0.08
CA TYR A 25 9.93 -2.56 -0.89
C TYR A 25 10.17 -1.21 -0.20
N PHE A 26 9.38 -0.92 0.82
CA PHE A 26 9.51 0.32 1.56
C PHE A 26 10.98 0.60 1.90
N ASP A 27 11.65 -0.39 2.47
CA ASP A 27 13.05 -0.25 2.85
C ASP A 27 13.90 0.11 1.63
N ILE A 28 13.86 -0.75 0.62
CA ILE A 28 14.63 -0.52 -0.61
C ILE A 28 14.44 0.91 -1.11
N ASN A 29 13.19 1.28 -1.35
CA ASN A 29 12.87 2.62 -1.84
C ASN A 29 11.59 3.15 -1.19
N ASN A 30 11.67 4.34 -0.61
CA ASN A 30 10.52 4.96 0.04
C ASN A 30 9.23 4.61 -0.69
N SER A 31 9.07 5.17 -1.89
CA SER A 31 7.89 4.92 -2.70
C SER A 31 8.24 4.14 -3.97
N PRO A 32 7.32 3.25 -4.38
CA PRO A 32 7.51 2.42 -5.58
C PRO A 32 7.44 3.24 -6.86
N SER A 33 8.13 2.77 -7.90
CA SER A 33 8.14 3.46 -9.18
C SER A 33 7.08 2.89 -10.11
N GLU A 34 6.63 3.72 -11.05
CA GLU A 34 5.61 3.31 -12.01
C GLU A 34 5.85 1.87 -12.47
N GLU A 35 7.11 1.44 -12.40
CA GLU A 35 7.47 0.08 -12.82
C GLU A 35 7.24 -0.91 -11.68
N GLN A 36 7.56 -0.50 -10.46
CA GLN A 36 7.39 -1.35 -9.30
C GLN A 36 5.92 -1.48 -8.93
N ILE A 37 5.20 -0.36 -8.96
CA ILE A 37 3.79 -0.35 -8.63
C ILE A 37 3.02 -1.36 -9.47
N LYS A 38 3.49 -1.60 -10.69
CA LYS A 38 2.85 -2.55 -11.59
C LYS A 38 3.28 -3.97 -11.27
N GLU A 39 4.59 -4.20 -11.20
CA GLU A 39 5.12 -5.52 -10.90
C GLU A 39 4.54 -6.05 -9.59
N MET A 40 4.32 -5.16 -8.64
CA MET A 40 3.76 -5.55 -7.35
C MET A 40 2.24 -5.76 -7.45
N ALA A 41 1.55 -4.81 -8.06
CA ALA A 41 0.11 -4.90 -8.22
C ALA A 41 -0.31 -6.30 -8.65
N ASP A 42 0.58 -6.99 -9.34
CA ASP A 42 0.31 -8.35 -9.82
C ASP A 42 0.82 -9.38 -8.82
N LYS A 43 1.99 -9.12 -8.26
CA LYS A 43 2.59 -10.03 -7.28
C LYS A 43 1.65 -10.28 -6.11
N SER A 44 0.97 -9.21 -5.68
CA SER A 44 0.05 -9.31 -4.55
C SER A 44 -1.39 -9.42 -5.06
N GLY A 45 -1.72 -8.65 -6.09
CA GLY A 45 -3.06 -8.68 -6.64
C GLY A 45 -3.81 -7.38 -6.42
N LEU A 46 -3.15 -6.42 -5.77
CA LEU A 46 -3.76 -5.13 -5.50
C LEU A 46 -3.56 -4.18 -6.67
N PRO A 47 -4.50 -3.22 -6.83
CA PRO A 47 -4.44 -2.23 -7.91
C PRO A 47 -3.32 -1.22 -7.72
N GLN A 48 -3.15 -0.34 -8.69
CA GLN A 48 -2.11 0.69 -8.62
C GLN A 48 -2.55 1.85 -7.73
N LYS A 49 -3.85 1.96 -7.50
CA LYS A 49 -4.39 3.03 -6.66
C LYS A 49 -4.28 2.66 -5.18
N VAL A 50 -4.51 1.39 -4.88
CA VAL A 50 -4.44 0.91 -3.49
C VAL A 50 -3.01 0.93 -2.99
N ILE A 51 -2.09 0.40 -3.80
CA ILE A 51 -0.68 0.35 -3.43
C ILE A 51 -0.12 1.75 -3.23
N LYS A 52 -0.24 2.58 -4.25
CA LYS A 52 0.26 3.95 -4.19
C LYS A 52 -0.24 4.65 -2.93
N HIS A 53 -1.55 4.66 -2.73
CA HIS A 53 -2.15 5.29 -1.57
C HIS A 53 -1.53 4.75 -0.27
N TRP A 54 -1.52 3.43 -0.14
CA TRP A 54 -0.96 2.79 1.04
C TRP A 54 0.41 3.38 1.38
N PHE A 55 1.28 3.44 0.38
CA PHE A 55 2.62 3.98 0.58
C PHE A 55 2.57 5.39 1.14
N ARG A 56 1.56 6.15 0.71
CA ARG A 56 1.40 7.53 1.16
C ARG A 56 0.86 7.56 2.59
N ASN A 57 -0.33 7.03 2.78
CA ASN A 57 -0.96 7.01 4.10
C ASN A 57 0.02 6.49 5.15
N THR A 58 0.90 5.58 4.75
CA THR A 58 1.88 5.01 5.65
C THR A 58 3.12 5.91 5.75
N LEU A 59 3.70 6.23 4.61
CA LEU A 59 4.89 7.08 4.57
C LEU A 59 4.64 8.39 5.29
N PHE A 60 3.61 9.11 4.87
CA PHE A 60 3.26 10.39 5.48
C PHE A 60 3.33 10.31 7.01
N LYS A 61 2.87 9.18 7.55
CA LYS A 61 2.88 8.97 8.99
C LYS A 61 4.31 9.01 9.54
N GLU A 62 5.19 8.23 8.93
CA GLU A 62 6.59 8.17 9.36
C GLU A 62 7.22 9.55 9.30
N ARG A 63 6.75 10.38 8.37
CA ARG A 63 7.28 11.73 8.21
C ARG A 63 6.93 12.60 9.42
N GLN A 64 5.88 12.21 10.13
CA GLN A 64 5.44 12.96 11.30
C GLN A 64 6.63 13.32 12.19
N SER A 65 6.51 14.44 12.91
CA SER A 65 7.58 14.90 13.78
C SER A 65 7.01 15.33 15.13
N GLY A 66 7.10 14.44 16.12
CA GLY A 66 6.60 14.74 17.45
C GLY A 66 7.71 15.00 18.44
N PRO A 67 7.46 15.90 19.40
CA PRO A 67 8.43 16.26 20.44
C PRO A 67 8.67 15.12 21.43
N SER A 68 9.80 15.18 22.12
CA SER A 68 10.15 14.16 23.10
C SER A 68 10.10 14.73 24.52
N SER A 69 9.50 13.97 25.43
CA SER A 69 9.38 14.39 26.82
C SER A 69 9.42 13.18 27.76
N GLY A 70 10.48 13.09 28.55
CA GLY A 70 10.61 11.99 29.48
C GLY A 70 11.95 11.30 29.37
N GLY A 1 -14.34 18.44 -18.07
CA GLY A 1 -13.01 18.04 -17.66
C GLY A 1 -13.04 16.95 -16.61
N SER A 2 -12.49 15.79 -16.95
CA SER A 2 -12.45 14.66 -16.01
C SER A 2 -12.09 15.13 -14.61
N SER A 3 -11.10 16.01 -14.51
CA SER A 3 -10.66 16.53 -13.23
C SER A 3 -11.86 16.89 -12.35
N GLY A 4 -11.81 16.44 -11.09
CA GLY A 4 -12.90 16.73 -10.18
C GLY A 4 -12.51 16.51 -8.73
N SER A 5 -12.82 15.32 -8.20
CA SER A 5 -12.50 14.99 -6.82
C SER A 5 -11.89 13.60 -6.73
N SER A 6 -11.23 13.32 -5.61
CA SER A 6 -10.58 12.03 -5.40
C SER A 6 -10.39 11.76 -3.91
N GLY A 7 -10.48 10.49 -3.53
CA GLY A 7 -10.31 10.12 -2.13
C GLY A 7 -11.38 9.17 -1.65
N LYS A 8 -11.27 7.91 -2.05
CA LYS A 8 -12.24 6.89 -1.65
C LYS A 8 -11.66 5.95 -0.59
N ARG A 9 -12.48 5.05 -0.09
CA ARG A 9 -12.04 4.10 0.92
C ARG A 9 -11.76 2.73 0.30
N PRO A 10 -10.84 1.97 0.93
CA PRO A 10 -10.46 0.65 0.44
C PRO A 10 -11.58 -0.38 0.62
N ARG A 11 -11.85 -1.14 -0.44
CA ARG A 11 -12.90 -2.16 -0.40
C ARG A 11 -12.33 -3.50 0.04
N THR A 12 -11.39 -4.03 -0.74
CA THR A 12 -10.77 -5.32 -0.43
C THR A 12 -9.66 -5.15 0.61
N ARG A 13 -9.90 -5.68 1.80
CA ARG A 13 -8.92 -5.60 2.88
C ARG A 13 -7.61 -6.27 2.49
N ILE A 14 -6.51 -5.59 2.76
CA ILE A 14 -5.19 -6.12 2.43
C ILE A 14 -4.79 -7.25 3.38
N THR A 15 -4.23 -8.31 2.82
CA THR A 15 -3.81 -9.46 3.61
C THR A 15 -2.34 -9.33 4.03
N ASP A 16 -2.01 -9.92 5.18
CA ASP A 16 -0.64 -9.87 5.68
C ASP A 16 0.35 -10.32 4.61
N ASP A 17 -0.05 -11.29 3.82
CA ASP A 17 0.81 -11.81 2.75
C ASP A 17 1.00 -10.77 1.65
N GLN A 18 0.04 -9.87 1.52
CA GLN A 18 0.10 -8.83 0.51
C GLN A 18 0.84 -7.61 1.04
N LEU A 19 0.62 -7.28 2.31
CA LEU A 19 1.27 -6.14 2.94
C LEU A 19 2.78 -6.31 2.96
N ARG A 20 3.24 -7.42 3.54
CA ARG A 20 4.66 -7.71 3.62
C ARG A 20 5.38 -7.30 2.34
N VAL A 21 4.73 -7.56 1.20
CA VAL A 21 5.31 -7.21 -0.09
C VAL A 21 5.50 -5.70 -0.23
N LEU A 22 4.51 -4.94 0.25
CA LEU A 22 4.57 -3.49 0.17
C LEU A 22 5.57 -2.93 1.19
N ARG A 23 5.65 -3.58 2.34
CA ARG A 23 6.57 -3.16 3.39
C ARG A 23 8.02 -3.39 2.98
N GLN A 24 8.29 -4.57 2.42
CA GLN A 24 9.63 -4.92 1.97
C GLN A 24 10.20 -3.84 1.06
N TYR A 25 9.39 -3.40 0.10
CA TYR A 25 9.81 -2.37 -0.84
C TYR A 25 10.08 -1.05 -0.14
N PHE A 26 9.33 -0.79 0.93
CA PHE A 26 9.48 0.44 1.70
C PHE A 26 10.96 0.68 2.05
N ASP A 27 11.60 -0.35 2.59
CA ASP A 27 13.01 -0.25 2.97
C ASP A 27 13.87 0.12 1.77
N ILE A 28 13.82 -0.70 0.72
CA ILE A 28 14.59 -0.46 -0.49
C ILE A 28 14.44 0.99 -0.96
N ASN A 29 13.19 1.40 -1.18
CA ASN A 29 12.91 2.75 -1.63
C ASN A 29 11.62 3.28 -0.98
N ASN A 30 11.72 4.49 -0.41
CA ASN A 30 10.57 5.11 0.24
C ASN A 30 9.27 4.75 -0.48
N SER A 31 9.10 5.29 -1.67
CA SER A 31 7.90 5.03 -2.46
C SER A 31 8.25 4.30 -3.76
N PRO A 32 7.37 3.39 -4.18
CA PRO A 32 7.56 2.61 -5.41
C PRO A 32 7.42 3.47 -6.67
N SER A 33 7.88 2.94 -7.79
CA SER A 33 7.80 3.65 -9.06
C SER A 33 6.79 2.99 -10.00
N GLU A 34 6.24 3.79 -10.91
CA GLU A 34 5.26 3.28 -11.86
C GLU A 34 5.59 1.84 -12.28
N GLU A 35 6.88 1.52 -12.31
CA GLU A 35 7.33 0.20 -12.69
C GLU A 35 7.11 -0.80 -11.55
N GLN A 36 7.54 -0.43 -10.35
CA GLN A 36 7.39 -1.28 -9.18
C GLN A 36 5.91 -1.46 -8.82
N ILE A 37 5.18 -0.34 -8.81
CA ILE A 37 3.76 -0.38 -8.49
C ILE A 37 3.01 -1.36 -9.39
N LYS A 38 3.56 -1.61 -10.58
CA LYS A 38 2.95 -2.52 -11.53
C LYS A 38 3.35 -3.96 -11.23
N GLU A 39 4.65 -4.20 -11.14
CA GLU A 39 5.17 -5.53 -10.86
C GLU A 39 4.53 -6.11 -9.60
N MET A 40 4.32 -5.25 -8.61
CA MET A 40 3.72 -5.68 -7.35
C MET A 40 2.22 -5.88 -7.50
N ALA A 41 1.55 -4.90 -8.10
CA ALA A 41 0.11 -4.98 -8.30
C ALA A 41 -0.29 -6.36 -8.80
N ASP A 42 0.64 -7.05 -9.47
CA ASP A 42 0.37 -8.38 -10.00
C ASP A 42 0.85 -9.45 -9.02
N LYS A 43 1.96 -9.18 -8.34
CA LYS A 43 2.51 -10.12 -7.38
C LYS A 43 1.56 -10.32 -6.21
N SER A 44 0.96 -9.23 -5.75
CA SER A 44 0.03 -9.28 -4.63
C SER A 44 -1.41 -9.38 -5.11
N GLY A 45 -1.71 -8.68 -6.20
CA GLY A 45 -3.06 -8.70 -6.76
C GLY A 45 -3.81 -7.42 -6.49
N LEU A 46 -3.14 -6.45 -5.89
CA LEU A 46 -3.76 -5.16 -5.58
C LEU A 46 -3.54 -4.17 -6.72
N PRO A 47 -4.49 -3.23 -6.87
CA PRO A 47 -4.42 -2.21 -7.91
C PRO A 47 -3.31 -1.19 -7.66
N GLN A 48 -3.16 -0.24 -8.57
CA GLN A 48 -2.14 0.79 -8.45
C GLN A 48 -2.59 1.89 -7.49
N LYS A 49 -3.90 2.05 -7.36
CA LYS A 49 -4.46 3.07 -6.48
C LYS A 49 -4.35 2.64 -5.02
N VAL A 50 -4.46 1.34 -4.79
CA VAL A 50 -4.38 0.79 -3.43
C VAL A 50 -2.93 0.81 -2.92
N ILE A 51 -2.02 0.34 -3.76
CA ILE A 51 -0.61 0.31 -3.40
C ILE A 51 -0.05 1.72 -3.21
N LYS A 52 -0.22 2.55 -4.23
CA LYS A 52 0.26 3.93 -4.18
C LYS A 52 -0.22 4.63 -2.91
N HIS A 53 -1.53 4.59 -2.66
CA HIS A 53 -2.10 5.22 -1.48
C HIS A 53 -1.45 4.69 -0.22
N TRP A 54 -1.44 3.36 -0.07
CA TRP A 54 -0.85 2.72 1.10
C TRP A 54 0.51 3.33 1.42
N PHE A 55 1.38 3.41 0.40
CA PHE A 55 2.71 3.97 0.58
C PHE A 55 2.64 5.42 1.06
N ARG A 56 1.66 6.15 0.55
CA ARG A 56 1.48 7.56 0.93
C ARG A 56 0.99 7.67 2.36
N ASN A 57 -0.19 7.12 2.63
CA ASN A 57 -0.77 7.18 3.97
C ASN A 57 0.26 6.77 5.02
N THR A 58 0.96 5.67 4.76
CA THR A 58 1.98 5.18 5.69
C THR A 58 3.18 6.11 5.72
N LEU A 59 3.85 6.26 4.58
CA LEU A 59 5.02 7.12 4.48
C LEU A 59 4.75 8.48 5.14
N PHE A 60 3.82 9.23 4.56
CA PHE A 60 3.48 10.55 5.09
C PHE A 60 3.31 10.50 6.61
N LYS A 61 2.85 9.36 7.11
CA LYS A 61 2.64 9.18 8.55
C LYS A 61 3.98 8.98 9.26
N GLU A 62 4.93 8.33 8.58
CA GLU A 62 6.24 8.07 9.15
C GLU A 62 7.12 9.32 9.07
N ARG A 63 6.75 10.25 8.19
CA ARG A 63 7.51 11.48 8.00
C ARG A 63 7.04 12.55 8.96
N GLN A 64 5.74 12.54 9.28
CA GLN A 64 5.16 13.51 10.19
C GLN A 64 5.42 13.13 11.64
N SER A 65 5.48 11.83 11.90
CA SER A 65 5.71 11.32 13.25
C SER A 65 7.17 11.56 13.67
N GLY A 66 7.34 12.30 14.77
CA GLY A 66 8.68 12.59 15.26
C GLY A 66 8.77 12.51 16.77
N PRO A 67 8.95 11.30 17.28
CA PRO A 67 9.06 11.06 18.73
C PRO A 67 10.35 11.61 19.31
N SER A 68 10.51 11.47 20.63
CA SER A 68 11.70 11.97 21.31
C SER A 68 12.97 11.47 20.60
N SER A 69 13.06 10.17 20.42
CA SER A 69 14.22 9.58 19.76
C SER A 69 14.12 9.72 18.24
N GLY A 70 15.25 9.53 17.56
CA GLY A 70 15.26 9.65 16.11
C GLY A 70 16.24 10.69 15.63
N GLY A 1 0.91 -4.31 -25.82
CA GLY A 1 0.64 -3.68 -24.54
C GLY A 1 -0.79 -3.88 -24.08
N SER A 2 -1.05 -3.59 -22.82
CA SER A 2 -2.39 -3.75 -22.25
C SER A 2 -3.34 -2.69 -22.79
N SER A 3 -4.61 -3.05 -22.93
CA SER A 3 -5.62 -2.12 -23.44
C SER A 3 -5.89 -1.00 -22.45
N GLY A 4 -6.33 -1.37 -21.25
CA GLY A 4 -6.61 -0.38 -20.24
C GLY A 4 -8.05 -0.43 -19.76
N SER A 5 -8.48 -1.59 -19.30
CA SER A 5 -9.85 -1.77 -18.82
C SER A 5 -10.03 -1.13 -17.45
N SER A 6 -11.24 -0.63 -17.20
CA SER A 6 -11.55 0.02 -15.93
C SER A 6 -12.73 -0.66 -15.24
N GLY A 7 -12.50 -1.14 -14.02
CA GLY A 7 -13.56 -1.81 -13.29
C GLY A 7 -13.92 -1.08 -12.01
N LYS A 8 -15.11 -1.36 -11.48
CA LYS A 8 -15.58 -0.73 -10.25
C LYS A 8 -15.82 -1.76 -9.17
N ARG A 9 -14.79 -2.07 -8.39
CA ARG A 9 -14.89 -3.04 -7.32
C ARG A 9 -15.07 -2.34 -5.97
N PRO A 10 -15.79 -3.01 -5.05
CA PRO A 10 -16.04 -2.47 -3.71
C PRO A 10 -14.79 -2.44 -2.84
N ARG A 11 -14.93 -1.96 -1.61
CA ARG A 11 -13.81 -1.88 -0.69
C ARG A 11 -12.91 -3.12 -0.81
N THR A 12 -11.65 -2.96 -0.44
CA THR A 12 -10.69 -4.05 -0.51
C THR A 12 -9.89 -4.17 0.78
N ARG A 13 -9.65 -5.40 1.21
CA ARG A 13 -8.89 -5.65 2.43
C ARG A 13 -7.56 -6.31 2.12
N ILE A 14 -6.49 -5.75 2.68
CA ILE A 14 -5.14 -6.28 2.46
C ILE A 14 -4.78 -7.31 3.52
N THR A 15 -4.08 -8.36 3.11
CA THR A 15 -3.67 -9.42 4.03
C THR A 15 -2.20 -9.29 4.38
N ASP A 16 -1.78 -9.97 5.44
CA ASP A 16 -0.39 -9.95 5.88
C ASP A 16 0.54 -10.47 4.79
N ASP A 17 0.00 -11.33 3.92
CA ASP A 17 0.79 -11.90 2.84
C ASP A 17 0.96 -10.90 1.70
N GLN A 18 0.07 -9.91 1.66
CA GLN A 18 0.13 -8.88 0.62
C GLN A 18 0.82 -7.63 1.14
N LEU A 19 0.65 -7.35 2.43
CA LEU A 19 1.25 -6.18 3.05
C LEU A 19 2.77 -6.31 3.08
N ARG A 20 3.25 -7.48 3.47
CA ARG A 20 4.70 -7.73 3.54
C ARG A 20 5.38 -7.31 2.25
N VAL A 21 4.77 -7.64 1.12
CA VAL A 21 5.32 -7.31 -0.18
C VAL A 21 5.50 -5.80 -0.33
N LEU A 22 4.57 -5.04 0.25
CA LEU A 22 4.61 -3.59 0.18
C LEU A 22 5.67 -3.04 1.13
N ARG A 23 5.91 -3.75 2.23
CA ARG A 23 6.90 -3.34 3.22
C ARG A 23 8.31 -3.57 2.69
N GLN A 24 8.59 -4.79 2.28
CA GLN A 24 9.91 -5.15 1.76
C GLN A 24 10.44 -4.06 0.83
N TYR A 25 9.61 -3.66 -0.12
CA TYR A 25 9.99 -2.62 -1.09
C TYR A 25 10.09 -1.26 -0.41
N PHE A 26 9.36 -1.10 0.69
CA PHE A 26 9.37 0.16 1.43
C PHE A 26 10.79 0.52 1.86
N ASP A 27 11.45 -0.42 2.52
CA ASP A 27 12.81 -0.21 3.00
C ASP A 27 13.75 0.14 1.84
N ILE A 28 13.77 -0.73 0.82
CA ILE A 28 14.62 -0.52 -0.35
C ILE A 28 14.44 0.90 -0.91
N ASN A 29 13.20 1.38 -0.88
CA ASN A 29 12.90 2.71 -1.39
C ASN A 29 11.61 3.26 -0.76
N ASN A 30 11.70 4.44 -0.19
CA ASN A 30 10.54 5.07 0.45
C ASN A 30 9.26 4.72 -0.30
N SER A 31 9.11 5.29 -1.50
CA SER A 31 7.92 5.05 -2.31
C SER A 31 8.29 4.30 -3.59
N PRO A 32 7.39 3.40 -4.02
CA PRO A 32 7.60 2.59 -5.23
C PRO A 32 7.52 3.44 -6.50
N SER A 33 8.05 2.90 -7.61
CA SER A 33 8.04 3.61 -8.88
C SER A 33 7.04 2.96 -9.84
N GLU A 34 6.59 3.75 -10.81
CA GLU A 34 5.63 3.24 -11.80
C GLU A 34 5.98 1.82 -12.23
N GLU A 35 7.26 1.49 -12.14
CA GLU A 35 7.72 0.15 -12.52
C GLU A 35 7.43 -0.86 -11.41
N GLN A 36 7.65 -0.44 -10.17
CA GLN A 36 7.42 -1.31 -9.01
C GLN A 36 5.92 -1.42 -8.73
N ILE A 37 5.25 -0.28 -8.63
CA ILE A 37 3.82 -0.26 -8.36
C ILE A 37 3.07 -1.22 -9.26
N LYS A 38 3.63 -1.47 -10.45
CA LYS A 38 3.01 -2.38 -11.40
C LYS A 38 3.39 -3.83 -11.12
N GLU A 39 4.70 -4.07 -10.98
CA GLU A 39 5.20 -5.41 -10.70
C GLU A 39 4.60 -5.95 -9.40
N MET A 40 4.28 -5.05 -8.48
CA MET A 40 3.71 -5.44 -7.20
C MET A 40 2.21 -5.67 -7.33
N ALA A 41 1.51 -4.72 -7.96
CA ALA A 41 0.08 -4.82 -8.15
C ALA A 41 -0.31 -6.20 -8.67
N ASP A 42 0.62 -6.86 -9.35
CA ASP A 42 0.37 -8.19 -9.90
C ASP A 42 0.86 -9.28 -8.94
N LYS A 43 2.04 -9.05 -8.36
CA LYS A 43 2.62 -10.00 -7.43
C LYS A 43 1.66 -10.29 -6.28
N SER A 44 0.95 -9.27 -5.83
CA SER A 44 0.00 -9.42 -4.74
C SER A 44 -1.43 -9.49 -5.26
N GLY A 45 -1.76 -8.62 -6.21
CA GLY A 45 -3.09 -8.60 -6.78
C GLY A 45 -3.81 -7.29 -6.52
N LEU A 46 -3.12 -6.35 -5.90
CA LEU A 46 -3.71 -5.04 -5.58
C LEU A 46 -3.51 -4.07 -6.74
N PRO A 47 -4.47 -3.16 -6.91
CA PRO A 47 -4.43 -2.15 -7.97
C PRO A 47 -3.35 -1.10 -7.73
N GLN A 48 -3.20 -0.17 -8.67
CA GLN A 48 -2.21 0.88 -8.56
C GLN A 48 -2.71 2.03 -7.71
N LYS A 49 -4.02 2.02 -7.41
CA LYS A 49 -4.64 3.05 -6.60
C LYS A 49 -4.58 2.70 -5.12
N VAL A 50 -4.73 1.41 -4.82
CA VAL A 50 -4.69 0.94 -3.44
C VAL A 50 -3.26 0.90 -2.92
N ILE A 51 -2.34 0.47 -3.77
CA ILE A 51 -0.93 0.40 -3.40
C ILE A 51 -0.33 1.78 -3.18
N LYS A 52 -0.49 2.65 -4.18
CA LYS A 52 0.03 4.01 -4.11
C LYS A 52 -0.40 4.68 -2.81
N HIS A 53 -1.72 4.73 -2.59
CA HIS A 53 -2.26 5.35 -1.39
C HIS A 53 -1.62 4.76 -0.13
N TRP A 54 -1.69 3.43 0.00
CA TRP A 54 -1.12 2.75 1.15
C TRP A 54 0.26 3.30 1.48
N PHE A 55 1.12 3.37 0.47
CA PHE A 55 2.47 3.88 0.66
C PHE A 55 2.45 5.30 1.20
N ARG A 56 1.63 6.15 0.58
CA ARG A 56 1.52 7.55 1.00
C ARG A 56 1.00 7.64 2.43
N ASN A 57 -0.25 7.18 2.63
CA ASN A 57 -0.87 7.22 3.94
C ASN A 57 0.14 6.88 5.03
N THR A 58 0.89 5.80 4.83
CA THR A 58 1.88 5.36 5.79
C THR A 58 3.13 6.23 5.73
N LEU A 59 3.85 6.15 4.63
CA LEU A 59 5.06 6.94 4.44
C LEU A 59 4.81 8.41 4.74
N PHE A 60 3.89 9.02 3.99
CA PHE A 60 3.56 10.43 4.18
C PHE A 60 3.40 10.74 5.66
N LYS A 61 2.73 9.86 6.39
CA LYS A 61 2.51 10.06 7.82
C LYS A 61 3.82 9.87 8.60
N GLU A 62 4.72 9.08 8.04
CA GLU A 62 6.01 8.83 8.68
C GLU A 62 6.96 10.00 8.48
N ARG A 63 6.71 10.78 7.43
CA ARG A 63 7.55 11.94 7.13
C ARG A 63 7.18 13.13 8.02
N GLN A 64 5.88 13.33 8.22
CA GLN A 64 5.40 14.43 9.05
C GLN A 64 5.60 14.12 10.52
N SER A 65 5.47 12.84 10.88
CA SER A 65 5.63 12.41 12.26
C SER A 65 7.06 12.63 12.74
N GLY A 66 8.02 12.20 11.92
CA GLY A 66 9.42 12.35 12.28
C GLY A 66 9.89 11.27 13.24
N PRO A 67 10.98 11.56 13.96
CA PRO A 67 11.56 10.63 14.93
C PRO A 67 10.68 10.44 16.16
N SER A 68 10.36 9.19 16.48
CA SER A 68 9.52 8.88 17.63
C SER A 68 9.76 9.87 18.76
N SER A 69 8.69 10.24 19.45
CA SER A 69 8.78 11.18 20.56
C SER A 69 9.75 10.68 21.63
N GLY A 70 10.81 11.45 21.87
CA GLY A 70 11.79 11.07 22.86
C GLY A 70 11.93 12.09 23.98
N GLY A 1 -24.63 -13.04 -7.06
CA GLY A 1 -25.55 -12.63 -6.02
C GLY A 1 -26.46 -11.50 -6.45
N SER A 2 -26.97 -10.74 -5.48
CA SER A 2 -27.86 -9.62 -5.77
C SER A 2 -27.23 -8.30 -5.35
N SER A 3 -26.39 -7.74 -6.22
CA SER A 3 -25.72 -6.48 -5.93
C SER A 3 -26.70 -5.48 -5.31
N GLY A 4 -27.79 -5.21 -6.01
CA GLY A 4 -28.78 -4.27 -5.51
C GLY A 4 -28.71 -2.93 -6.21
N SER A 5 -27.73 -2.11 -5.84
CA SER A 5 -27.57 -0.79 -6.44
C SER A 5 -26.12 -0.54 -6.84
N SER A 6 -25.90 -0.18 -8.09
CA SER A 6 -24.56 0.08 -8.61
C SER A 6 -24.04 1.42 -8.10
N GLY A 7 -23.08 1.37 -7.18
CA GLY A 7 -22.51 2.58 -6.64
C GLY A 7 -21.48 2.30 -5.54
N LYS A 8 -21.89 2.52 -4.30
CA LYS A 8 -20.99 2.30 -3.16
C LYS A 8 -20.66 0.81 -3.02
N ARG A 9 -19.37 0.50 -3.02
CA ARG A 9 -18.93 -0.89 -2.89
C ARG A 9 -17.63 -0.97 -2.08
N PRO A 10 -17.42 -2.11 -1.40
CA PRO A 10 -16.22 -2.34 -0.59
C PRO A 10 -14.96 -2.48 -1.44
N ARG A 11 -13.81 -2.33 -0.80
CA ARG A 11 -12.53 -2.44 -1.49
C ARG A 11 -11.77 -3.68 -1.03
N THR A 12 -11.16 -4.38 -1.98
CA THR A 12 -10.40 -5.58 -1.67
C THR A 12 -9.45 -5.35 -0.50
N ARG A 13 -9.82 -5.84 0.67
CA ARG A 13 -8.99 -5.68 1.86
C ARG A 13 -7.59 -6.24 1.63
N ILE A 14 -6.61 -5.70 2.35
CA ILE A 14 -5.23 -6.15 2.23
C ILE A 14 -4.89 -7.18 3.30
N THR A 15 -4.18 -8.23 2.89
CA THR A 15 -3.78 -9.28 3.82
C THR A 15 -2.32 -9.13 4.24
N ASP A 16 -1.89 -9.95 5.19
CA ASP A 16 -0.52 -9.91 5.67
C ASP A 16 0.46 -10.39 4.61
N ASP A 17 -0.02 -11.28 3.74
CA ASP A 17 0.79 -11.82 2.67
C ASP A 17 0.96 -10.81 1.54
N GLN A 18 0.06 -9.83 1.49
CA GLN A 18 0.10 -8.80 0.47
C GLN A 18 0.83 -7.56 0.97
N LEU A 19 0.63 -7.23 2.23
CA LEU A 19 1.25 -6.06 2.84
C LEU A 19 2.78 -6.20 2.82
N ARG A 20 3.27 -7.34 3.32
CA ARG A 20 4.71 -7.60 3.35
C ARG A 20 5.37 -7.19 2.04
N VAL A 21 4.78 -7.63 0.93
CA VAL A 21 5.32 -7.30 -0.39
C VAL A 21 5.49 -5.79 -0.56
N LEU A 22 4.59 -5.03 0.04
CA LEU A 22 4.63 -3.58 -0.05
C LEU A 22 5.63 -3.01 0.97
N ARG A 23 5.91 -3.78 2.01
CA ARG A 23 6.84 -3.35 3.05
C ARG A 23 8.28 -3.55 2.59
N GLN A 24 8.61 -4.77 2.18
CA GLN A 24 9.96 -5.08 1.73
C GLN A 24 10.48 -4.01 0.78
N TYR A 25 9.59 -3.50 -0.07
CA TYR A 25 9.96 -2.46 -1.03
C TYR A 25 10.13 -1.11 -0.34
N PHE A 26 9.22 -0.80 0.58
CA PHE A 26 9.28 0.46 1.30
C PHE A 26 10.70 0.76 1.77
N ASP A 27 11.28 -0.17 2.52
CA ASP A 27 12.64 -0.01 3.02
C ASP A 27 13.62 0.23 1.88
N ILE A 28 13.64 -0.68 0.92
CA ILE A 28 14.53 -0.56 -0.23
C ILE A 28 14.42 0.82 -0.88
N ASN A 29 13.18 1.33 -0.96
CA ASN A 29 12.95 2.63 -1.55
C ASN A 29 11.71 3.29 -0.94
N ASN A 30 11.88 4.51 -0.44
CA ASN A 30 10.78 5.25 0.17
C ASN A 30 9.45 4.94 -0.53
N SER A 31 9.33 5.39 -1.77
CA SER A 31 8.12 5.16 -2.56
C SER A 31 8.43 4.36 -3.81
N PRO A 32 7.50 3.46 -4.18
CA PRO A 32 7.65 2.62 -5.37
C PRO A 32 7.54 3.41 -6.67
N SER A 33 8.05 2.84 -7.75
CA SER A 33 8.01 3.50 -9.05
C SER A 33 7.02 2.80 -9.99
N GLU A 34 6.50 3.56 -10.96
CA GLU A 34 5.55 3.01 -11.91
C GLU A 34 5.87 1.56 -12.24
N GLU A 35 7.16 1.25 -12.31
CA GLU A 35 7.62 -0.10 -12.63
C GLU A 35 7.29 -1.05 -11.49
N GLN A 36 7.59 -0.64 -10.26
CA GLN A 36 7.32 -1.46 -9.09
C GLN A 36 5.83 -1.50 -8.77
N ILE A 37 5.22 -0.33 -8.69
CA ILE A 37 3.79 -0.22 -8.39
C ILE A 37 2.98 -1.20 -9.24
N LYS A 38 3.51 -1.55 -10.41
CA LYS A 38 2.83 -2.47 -11.30
C LYS A 38 3.27 -3.90 -11.02
N GLU A 39 4.58 -4.12 -10.94
CA GLU A 39 5.13 -5.44 -10.68
C GLU A 39 4.54 -6.02 -9.39
N MET A 40 4.28 -5.15 -8.43
CA MET A 40 3.72 -5.58 -7.14
C MET A 40 2.22 -5.82 -7.26
N ALA A 41 1.51 -4.87 -7.87
CA ALA A 41 0.07 -4.99 -8.05
C ALA A 41 -0.32 -6.40 -8.48
N ASP A 42 0.58 -7.06 -9.20
CA ASP A 42 0.33 -8.41 -9.68
C ASP A 42 0.78 -9.44 -8.65
N LYS A 43 1.98 -9.25 -8.10
CA LYS A 43 2.53 -10.15 -7.10
C LYS A 43 1.56 -10.32 -5.93
N SER A 44 0.85 -9.25 -5.60
CA SER A 44 -0.11 -9.28 -4.50
C SER A 44 -1.55 -9.33 -5.03
N GLY A 45 -1.81 -8.59 -6.09
CA GLY A 45 -3.14 -8.57 -6.67
C GLY A 45 -3.84 -7.23 -6.48
N LEU A 46 -3.23 -6.35 -5.69
CA LEU A 46 -3.81 -5.04 -5.42
C LEU A 46 -3.55 -4.09 -6.59
N PRO A 47 -4.49 -3.17 -6.82
CA PRO A 47 -4.40 -2.18 -7.89
C PRO A 47 -3.31 -1.15 -7.63
N GLN A 48 -3.06 -0.29 -8.62
CA GLN A 48 -2.04 0.75 -8.49
C GLN A 48 -2.51 1.86 -7.55
N LYS A 49 -3.80 2.17 -7.61
CA LYS A 49 -4.37 3.21 -6.76
C LYS A 49 -4.26 2.83 -5.29
N VAL A 50 -4.51 1.57 -4.97
CA VAL A 50 -4.42 1.09 -3.60
C VAL A 50 -2.99 1.15 -3.08
N ILE A 51 -2.08 0.47 -3.77
CA ILE A 51 -0.68 0.45 -3.38
C ILE A 51 -0.14 1.86 -3.20
N LYS A 52 -0.26 2.68 -4.24
CA LYS A 52 0.20 4.06 -4.19
C LYS A 52 -0.31 4.76 -2.94
N HIS A 53 -1.59 4.59 -2.64
CA HIS A 53 -2.20 5.21 -1.48
C HIS A 53 -1.56 4.68 -0.19
N TRP A 54 -1.57 3.37 -0.03
CA TRP A 54 -0.98 2.73 1.15
C TRP A 54 0.38 3.34 1.48
N PHE A 55 1.25 3.40 0.48
CA PHE A 55 2.58 3.96 0.66
C PHE A 55 2.51 5.39 1.20
N ARG A 56 1.52 6.14 0.74
CA ARG A 56 1.33 7.51 1.18
C ARG A 56 0.82 7.56 2.62
N ASN A 57 -0.29 6.89 2.87
CA ASN A 57 -0.88 6.87 4.20
C ASN A 57 0.18 6.54 5.26
N THR A 58 1.10 5.65 4.91
CA THR A 58 2.15 5.24 5.83
C THR A 58 3.32 6.22 5.78
N LEU A 59 3.85 6.45 4.59
CA LEU A 59 4.98 7.37 4.40
C LEU A 59 4.68 8.71 5.05
N PHE A 60 3.59 9.34 4.62
CA PHE A 60 3.20 10.64 5.16
C PHE A 60 3.44 10.70 6.67
N LYS A 61 3.11 9.61 7.36
CA LYS A 61 3.29 9.53 8.80
C LYS A 61 4.75 9.28 9.16
N GLU A 62 5.40 8.40 8.39
CA GLU A 62 6.79 8.07 8.62
C GLU A 62 7.64 9.33 8.71
N ARG A 63 7.45 10.23 7.76
CA ARG A 63 8.21 11.48 7.72
C ARG A 63 7.77 12.41 8.86
N GLN A 64 6.47 12.45 9.11
CA GLN A 64 5.92 13.30 10.17
C GLN A 64 6.75 13.17 11.44
N SER A 65 6.84 11.96 11.97
CA SER A 65 7.61 11.70 13.19
C SER A 65 9.10 11.91 12.95
N GLY A 66 9.59 11.37 11.84
CA GLY A 66 11.01 11.51 11.52
C GLY A 66 11.40 12.95 11.23
N PRO A 67 12.51 13.12 10.50
CA PRO A 67 13.02 14.46 10.14
C PRO A 67 12.12 15.15 9.12
N SER A 68 11.18 15.95 9.60
CA SER A 68 10.26 16.67 8.73
C SER A 68 11.01 17.64 7.82
N SER A 69 11.36 17.16 6.63
CA SER A 69 12.09 17.99 5.66
C SER A 69 13.38 18.53 6.29
N GLY A 70 14.09 17.68 7.00
CA GLY A 70 15.34 18.10 7.64
C GLY A 70 16.56 17.51 6.95
N GLY A 1 -18.09 -3.23 -17.12
CA GLY A 1 -17.04 -4.02 -16.50
C GLY A 1 -16.97 -3.80 -15.01
N SER A 2 -15.75 -3.63 -14.50
CA SER A 2 -15.53 -3.41 -13.08
C SER A 2 -16.66 -2.57 -12.48
N SER A 3 -16.92 -1.42 -13.09
CA SER A 3 -17.96 -0.52 -12.62
C SER A 3 -19.34 -1.11 -12.87
N GLY A 4 -19.94 -1.64 -11.81
CA GLY A 4 -21.27 -2.24 -11.94
C GLY A 4 -22.34 -1.43 -11.24
N SER A 5 -23.47 -2.06 -10.96
CA SER A 5 -24.58 -1.39 -10.30
C SER A 5 -24.11 -0.71 -9.02
N SER A 6 -24.33 0.61 -8.93
CA SER A 6 -23.93 1.38 -7.77
C SER A 6 -24.73 0.96 -6.55
N GLY A 7 -24.03 0.57 -5.48
CA GLY A 7 -24.70 0.16 -4.26
C GLY A 7 -23.76 -0.56 -3.31
N LYS A 8 -23.75 -1.88 -3.38
CA LYS A 8 -22.90 -2.70 -2.52
C LYS A 8 -21.51 -2.08 -2.41
N ARG A 9 -20.76 -2.48 -1.38
CA ARG A 9 -19.42 -1.97 -1.16
C ARG A 9 -18.38 -3.07 -1.39
N PRO A 10 -17.16 -2.66 -1.79
CA PRO A 10 -16.07 -3.59 -2.05
C PRO A 10 -15.53 -4.23 -0.77
N ARG A 11 -15.61 -3.49 0.33
CA ARG A 11 -15.13 -3.99 1.62
C ARG A 11 -13.77 -4.67 1.47
N THR A 12 -12.89 -4.05 0.70
CA THR A 12 -11.56 -4.61 0.47
C THR A 12 -10.70 -4.49 1.72
N ARG A 13 -9.73 -5.38 1.85
CA ARG A 13 -8.83 -5.38 3.00
C ARG A 13 -7.53 -6.11 2.69
N ILE A 14 -6.40 -5.45 2.89
CA ILE A 14 -5.10 -6.03 2.63
C ILE A 14 -4.70 -7.01 3.73
N THR A 15 -4.01 -8.08 3.36
CA THR A 15 -3.58 -9.08 4.31
C THR A 15 -2.07 -9.01 4.54
N ASP A 16 -1.59 -9.72 5.56
CA ASP A 16 -0.18 -9.73 5.88
C ASP A 16 0.65 -10.25 4.70
N ASP A 17 0.05 -11.15 3.92
CA ASP A 17 0.73 -11.73 2.78
C ASP A 17 0.86 -10.70 1.65
N GLN A 18 -0.04 -9.74 1.64
CA GLN A 18 -0.03 -8.70 0.61
C GLN A 18 0.73 -7.46 1.10
N LEU A 19 0.68 -7.22 2.41
CA LEU A 19 1.37 -6.07 3.00
C LEU A 19 2.87 -6.30 3.03
N ARG A 20 3.28 -7.48 3.49
CA ARG A 20 4.70 -7.81 3.58
C ARG A 20 5.41 -7.51 2.26
N VAL A 21 4.72 -7.74 1.15
CA VAL A 21 5.28 -7.49 -0.17
C VAL A 21 5.56 -6.01 -0.37
N LEU A 22 4.65 -5.17 0.10
CA LEU A 22 4.80 -3.72 -0.02
C LEU A 22 5.88 -3.20 0.93
N ARG A 23 5.90 -3.74 2.14
CA ARG A 23 6.87 -3.33 3.14
C ARG A 23 8.30 -3.58 2.65
N GLN A 24 8.51 -4.77 2.08
CA GLN A 24 9.82 -5.14 1.57
C GLN A 24 10.39 -4.05 0.67
N TYR A 25 9.57 -3.57 -0.26
CA TYR A 25 9.98 -2.53 -1.19
C TYR A 25 10.13 -1.19 -0.47
N PHE A 26 9.31 -0.98 0.55
CA PHE A 26 9.35 0.26 1.32
C PHE A 26 10.76 0.54 1.82
N ASP A 27 11.39 -0.48 2.39
CA ASP A 27 12.75 -0.34 2.91
C ASP A 27 13.73 -0.01 1.80
N ILE A 28 13.71 -0.80 0.74
CA ILE A 28 14.61 -0.59 -0.39
C ILE A 28 14.45 0.82 -0.96
N ASN A 29 13.25 1.38 -0.82
CA ASN A 29 12.97 2.72 -1.31
C ASN A 29 11.70 3.28 -0.69
N ASN A 30 11.75 4.55 -0.28
CA ASN A 30 10.61 5.19 0.33
C ASN A 30 9.33 4.88 -0.43
N SER A 31 9.20 5.44 -1.63
CA SER A 31 8.02 5.23 -2.46
C SER A 31 8.38 4.45 -3.71
N PRO A 32 7.48 3.55 -4.14
CA PRO A 32 7.68 2.73 -5.33
C PRO A 32 7.62 3.54 -6.62
N SER A 33 8.06 2.93 -7.72
CA SER A 33 8.06 3.60 -9.01
C SER A 33 7.07 2.94 -9.97
N GLU A 34 6.59 3.71 -10.93
CA GLU A 34 5.63 3.20 -11.92
C GLU A 34 5.94 1.74 -12.26
N GLU A 35 7.22 1.40 -12.22
CA GLU A 35 7.65 0.03 -12.54
C GLU A 35 7.34 -0.91 -11.38
N GLN A 36 7.68 -0.49 -10.17
CA GLN A 36 7.44 -1.30 -8.99
C GLN A 36 5.95 -1.41 -8.69
N ILE A 37 5.26 -0.27 -8.70
CA ILE A 37 3.83 -0.24 -8.43
C ILE A 37 3.08 -1.24 -9.32
N LYS A 38 3.67 -1.55 -10.47
CA LYS A 38 3.07 -2.49 -11.41
C LYS A 38 3.43 -3.92 -11.05
N GLU A 39 4.73 -4.17 -10.91
CA GLU A 39 5.22 -5.51 -10.56
C GLU A 39 4.55 -6.02 -9.30
N MET A 40 4.29 -5.11 -8.36
CA MET A 40 3.66 -5.47 -7.10
C MET A 40 2.16 -5.70 -7.29
N ALA A 41 1.50 -4.75 -7.95
CA ALA A 41 0.06 -4.85 -8.20
C ALA A 41 -0.31 -6.25 -8.67
N ASP A 42 0.64 -6.93 -9.31
CA ASP A 42 0.41 -8.28 -9.82
C ASP A 42 0.85 -9.32 -8.79
N LYS A 43 2.06 -9.14 -8.26
CA LYS A 43 2.61 -10.06 -7.28
C LYS A 43 1.64 -10.28 -6.12
N SER A 44 0.87 -9.24 -5.80
CA SER A 44 -0.10 -9.32 -4.73
C SER A 44 -1.52 -9.36 -5.27
N GLY A 45 -1.77 -8.61 -6.34
CA GLY A 45 -3.09 -8.59 -6.95
C GLY A 45 -3.81 -7.29 -6.68
N LEU A 46 -3.18 -6.40 -5.92
CA LEU A 46 -3.78 -5.11 -5.60
C LEU A 46 -3.58 -4.11 -6.74
N PRO A 47 -4.54 -3.18 -6.88
CA PRO A 47 -4.48 -2.15 -7.93
C PRO A 47 -3.40 -1.12 -7.67
N GLN A 48 -3.18 -0.23 -8.64
CA GLN A 48 -2.16 0.80 -8.51
C GLN A 48 -2.64 1.91 -7.57
N LYS A 49 -3.95 2.09 -7.48
CA LYS A 49 -4.53 3.11 -6.63
C LYS A 49 -4.43 2.71 -5.15
N VAL A 50 -4.66 1.44 -4.87
CA VAL A 50 -4.60 0.93 -3.50
C VAL A 50 -3.17 0.96 -2.98
N ILE A 51 -2.23 0.50 -3.80
CA ILE A 51 -0.82 0.48 -3.42
C ILE A 51 -0.28 1.90 -3.24
N LYS A 52 -0.39 2.70 -4.30
CA LYS A 52 0.09 4.07 -4.27
C LYS A 52 -0.36 4.78 -2.99
N HIS A 53 -1.64 4.66 -2.68
CA HIS A 53 -2.19 5.29 -1.48
C HIS A 53 -1.53 4.74 -0.23
N TRP A 54 -1.70 3.44 0.01
CA TRP A 54 -1.11 2.78 1.18
C TRP A 54 0.26 3.34 1.47
N PHE A 55 1.10 3.43 0.45
CA PHE A 55 2.46 3.95 0.60
C PHE A 55 2.43 5.39 1.10
N ARG A 56 1.51 6.18 0.55
CA ARG A 56 1.39 7.59 0.94
C ARG A 56 0.88 7.71 2.37
N ASN A 57 -0.27 7.08 2.64
CA ASN A 57 -0.86 7.13 3.97
C ASN A 57 0.15 6.78 5.03
N THR A 58 0.88 5.68 4.83
CA THR A 58 1.89 5.24 5.77
C THR A 58 3.09 6.18 5.77
N LEU A 59 3.73 6.31 4.60
CA LEU A 59 4.90 7.17 4.47
C LEU A 59 4.65 8.53 5.10
N PHE A 60 3.63 9.23 4.61
CA PHE A 60 3.29 10.55 5.14
C PHE A 60 3.32 10.56 6.66
N LYS A 61 2.87 9.45 7.26
CA LYS A 61 2.85 9.33 8.71
C LYS A 61 4.27 9.27 9.28
N GLU A 62 5.17 8.65 8.52
CA GLU A 62 6.56 8.52 8.95
C GLU A 62 7.30 9.84 8.79
N ARG A 63 6.99 10.56 7.71
CA ARG A 63 7.63 11.85 7.45
C ARG A 63 7.27 12.86 8.53
N GLN A 64 6.03 12.81 9.01
CA GLN A 64 5.55 13.72 10.03
C GLN A 64 5.96 13.24 11.43
N SER A 65 5.88 11.91 11.63
CA SER A 65 6.23 11.33 12.92
C SER A 65 7.42 12.04 13.54
N GLY A 66 7.26 12.48 14.79
CA GLY A 66 8.33 13.18 15.48
C GLY A 66 7.89 14.54 15.99
N PRO A 67 8.68 15.10 16.92
CA PRO A 67 8.39 16.40 17.51
C PRO A 67 8.58 17.54 16.51
N SER A 68 8.97 17.20 15.29
CA SER A 68 9.20 18.19 14.25
C SER A 68 7.87 18.74 13.72
N SER A 69 7.70 20.05 13.80
CA SER A 69 6.48 20.70 13.33
C SER A 69 6.07 20.16 11.97
N GLY A 70 7.00 20.20 11.02
CA GLY A 70 6.72 19.73 9.68
C GLY A 70 7.91 19.86 8.75
N GLY A 1 -14.67 -14.86 26.36
CA GLY A 1 -15.39 -14.55 25.15
C GLY A 1 -14.65 -13.54 24.27
N SER A 2 -14.30 -13.96 23.07
CA SER A 2 -13.58 -13.09 22.14
C SER A 2 -14.53 -12.15 21.43
N SER A 3 -14.10 -10.90 21.24
CA SER A 3 -14.92 -9.90 20.58
C SER A 3 -14.41 -9.61 19.17
N GLY A 4 -15.27 -9.82 18.19
CA GLY A 4 -14.88 -9.59 16.80
C GLY A 4 -14.84 -8.12 16.45
N SER A 5 -13.90 -7.74 15.59
CA SER A 5 -13.76 -6.35 15.18
C SER A 5 -14.09 -6.18 13.70
N SER A 6 -13.41 -6.95 12.84
CA SER A 6 -13.64 -6.88 11.41
C SER A 6 -14.61 -7.96 10.96
N GLY A 7 -15.29 -7.72 9.85
CA GLY A 7 -16.24 -8.69 9.33
C GLY A 7 -16.01 -8.99 7.86
N LYS A 8 -16.80 -9.92 7.33
CA LYS A 8 -16.68 -10.31 5.92
C LYS A 8 -17.29 -9.26 5.01
N ARG A 9 -16.48 -8.70 4.12
CA ARG A 9 -16.95 -7.68 3.19
C ARG A 9 -16.35 -7.88 1.81
N PRO A 10 -17.07 -7.42 0.77
CA PRO A 10 -16.62 -7.55 -0.62
C PRO A 10 -15.42 -6.65 -0.93
N ARG A 11 -14.95 -5.93 0.09
CA ARG A 11 -13.82 -5.03 -0.08
C ARG A 11 -12.53 -5.82 -0.32
N THR A 12 -11.53 -5.15 -0.86
CA THR A 12 -10.25 -5.78 -1.15
C THR A 12 -9.26 -5.57 0.01
N ARG A 13 -9.69 -5.93 1.21
CA ARG A 13 -8.85 -5.78 2.39
C ARG A 13 -7.49 -6.44 2.17
N ILE A 14 -6.43 -5.71 2.49
CA ILE A 14 -5.07 -6.22 2.33
C ILE A 14 -4.68 -7.11 3.51
N THR A 15 -4.00 -8.21 3.20
CA THR A 15 -3.57 -9.15 4.23
C THR A 15 -2.08 -9.01 4.52
N ASP A 16 -1.60 -9.71 5.54
CA ASP A 16 -0.19 -9.66 5.91
C ASP A 16 0.70 -10.15 4.75
N ASP A 17 0.16 -11.03 3.93
CA ASP A 17 0.89 -11.57 2.79
C ASP A 17 1.01 -10.53 1.68
N GLN A 18 0.02 -9.65 1.59
CA GLN A 18 0.01 -8.61 0.58
C GLN A 18 0.76 -7.37 1.07
N LEU A 19 0.66 -7.09 2.36
CA LEU A 19 1.33 -5.93 2.94
C LEU A 19 2.85 -6.15 2.98
N ARG A 20 3.27 -7.29 3.50
CA ARG A 20 4.68 -7.61 3.59
C ARG A 20 5.40 -7.31 2.27
N VAL A 21 4.71 -7.59 1.16
CA VAL A 21 5.28 -7.34 -0.17
C VAL A 21 5.53 -5.86 -0.38
N LEU A 22 4.58 -5.03 0.02
CA LEU A 22 4.70 -3.59 -0.14
C LEU A 22 5.72 -3.02 0.83
N ARG A 23 5.64 -3.45 2.09
CA ARG A 23 6.56 -2.98 3.12
C ARG A 23 8.01 -3.22 2.70
N GLN A 24 8.30 -4.44 2.27
CA GLN A 24 9.65 -4.79 1.84
C GLN A 24 10.26 -3.69 0.97
N TYR A 25 9.52 -3.29 -0.06
CA TYR A 25 9.99 -2.25 -0.97
C TYR A 25 10.22 -0.94 -0.23
N PHE A 26 9.52 -0.77 0.90
CA PHE A 26 9.65 0.44 1.70
C PHE A 26 11.12 0.70 2.06
N ASP A 27 11.78 -0.33 2.56
CA ASP A 27 13.19 -0.22 2.94
C ASP A 27 14.05 0.12 1.72
N ILE A 28 14.03 -0.74 0.73
CA ILE A 28 14.82 -0.53 -0.49
C ILE A 28 14.61 0.88 -1.03
N ASN A 29 13.34 1.27 -1.18
CA ASN A 29 13.02 2.60 -1.69
C ASN A 29 11.75 3.14 -1.01
N ASN A 30 11.86 4.35 -0.47
CA ASN A 30 10.74 4.98 0.20
C ASN A 30 9.43 4.72 -0.55
N SER A 31 9.30 5.35 -1.72
CA SER A 31 8.10 5.20 -2.54
C SER A 31 8.39 4.34 -3.77
N PRO A 32 7.42 3.50 -4.15
CA PRO A 32 7.55 2.61 -5.31
C PRO A 32 7.54 3.39 -6.63
N SER A 33 8.13 2.78 -7.66
CA SER A 33 8.21 3.41 -8.96
C SER A 33 7.13 2.85 -9.90
N GLU A 34 6.71 3.65 -10.86
CA GLU A 34 5.69 3.24 -11.82
C GLU A 34 5.93 1.80 -12.28
N GLU A 35 7.18 1.37 -12.22
CA GLU A 35 7.54 0.02 -12.63
C GLU A 35 7.26 -0.98 -11.52
N GLN A 36 7.53 -0.58 -10.28
CA GLN A 36 7.30 -1.45 -9.13
C GLN A 36 5.81 -1.53 -8.80
N ILE A 37 5.15 -0.37 -8.77
CA ILE A 37 3.73 -0.32 -8.46
C ILE A 37 2.94 -1.30 -9.31
N LYS A 38 3.48 -1.61 -10.49
CA LYS A 38 2.82 -2.54 -11.40
C LYS A 38 3.23 -3.99 -11.09
N GLU A 39 4.53 -4.21 -10.98
CA GLU A 39 5.04 -5.55 -10.67
C GLU A 39 4.41 -6.09 -9.40
N MET A 40 4.10 -5.20 -8.46
CA MET A 40 3.49 -5.59 -7.19
C MET A 40 2.00 -5.83 -7.36
N ALA A 41 1.32 -4.89 -8.03
CA ALA A 41 -0.11 -5.01 -8.27
C ALA A 41 -0.49 -6.40 -8.75
N ASP A 42 0.44 -7.06 -9.43
CA ASP A 42 0.21 -8.40 -9.95
C ASP A 42 0.62 -9.45 -8.93
N LYS A 43 1.73 -9.21 -8.25
CA LYS A 43 2.24 -10.14 -7.25
C LYS A 43 1.23 -10.30 -6.11
N SER A 44 0.70 -9.19 -5.63
CA SER A 44 -0.28 -9.21 -4.55
C SER A 44 -1.71 -9.27 -5.09
N GLY A 45 -1.96 -8.50 -6.15
CA GLY A 45 -3.28 -8.48 -6.75
C GLY A 45 -3.98 -7.15 -6.54
N LEU A 46 -3.35 -6.25 -5.80
CA LEU A 46 -3.93 -4.94 -5.53
C LEU A 46 -3.68 -3.99 -6.70
N PRO A 47 -4.62 -3.04 -6.90
CA PRO A 47 -4.53 -2.06 -7.97
C PRO A 47 -3.41 -1.04 -7.74
N GLN A 48 -3.06 -0.30 -8.79
CA GLN A 48 -2.01 0.70 -8.69
C GLN A 48 -2.41 1.82 -7.73
N LYS A 49 -3.71 2.07 -7.63
CA LYS A 49 -4.22 3.12 -6.76
C LYS A 49 -4.05 2.74 -5.29
N VAL A 50 -4.45 1.51 -4.95
CA VAL A 50 -4.33 1.01 -3.59
C VAL A 50 -2.89 1.05 -3.11
N ILE A 51 -2.00 0.43 -3.88
CA ILE A 51 -0.59 0.40 -3.53
C ILE A 51 -0.04 1.80 -3.31
N LYS A 52 -0.30 2.69 -4.25
CA LYS A 52 0.16 4.07 -4.15
C LYS A 52 -0.35 4.73 -2.88
N HIS A 53 -1.66 4.64 -2.66
CA HIS A 53 -2.28 5.23 -1.48
C HIS A 53 -1.65 4.67 -0.20
N TRP A 54 -1.50 3.35 -0.17
CA TRP A 54 -0.91 2.69 1.00
C TRP A 54 0.44 3.31 1.36
N PHE A 55 1.31 3.42 0.37
CA PHE A 55 2.63 4.00 0.59
C PHE A 55 2.53 5.42 1.11
N ARG A 56 1.57 6.17 0.58
CA ARG A 56 1.37 7.55 1.00
C ARG A 56 0.88 7.62 2.45
N ASN A 57 -0.27 7.01 2.71
CA ASN A 57 -0.84 7.00 4.05
C ASN A 57 0.18 6.52 5.07
N THR A 58 0.85 5.41 4.75
CA THR A 58 1.85 4.84 5.63
C THR A 58 3.03 5.77 5.80
N LEU A 59 3.77 6.00 4.72
CA LEU A 59 4.93 6.88 4.75
C LEU A 59 4.59 8.21 5.40
N PHE A 60 3.59 8.91 4.86
CA PHE A 60 3.17 10.19 5.38
C PHE A 60 2.84 10.08 6.88
N LYS A 61 2.24 8.95 7.26
CA LYS A 61 1.86 8.71 8.64
C LYS A 61 3.10 8.49 9.51
N GLU A 62 4.17 8.00 8.89
CA GLU A 62 5.41 7.73 9.60
C GLU A 62 6.23 9.01 9.75
N ARG A 63 6.07 9.94 8.82
CA ARG A 63 6.79 11.19 8.85
C ARG A 63 6.12 12.19 9.79
N GLN A 64 4.80 12.21 9.77
CA GLN A 64 4.04 13.12 10.62
C GLN A 64 4.08 12.66 12.07
N SER A 65 3.90 11.36 12.28
CA SER A 65 3.92 10.79 13.63
C SER A 65 5.32 10.85 14.22
N GLY A 66 5.47 11.59 15.32
CA GLY A 66 6.76 11.71 15.96
C GLY A 66 6.65 11.74 17.47
N PRO A 67 7.67 12.28 18.14
CA PRO A 67 7.71 12.36 19.60
C PRO A 67 6.71 13.37 20.15
N SER A 68 5.92 13.95 19.25
CA SER A 68 4.91 14.94 19.64
C SER A 68 3.50 14.39 19.43
N SER A 69 2.55 14.91 20.19
CA SER A 69 1.17 14.47 20.09
C SER A 69 0.25 15.63 19.68
N GLY A 70 -0.81 15.30 18.95
CA GLY A 70 -1.74 16.32 18.51
C GLY A 70 -3.18 15.84 18.52
N GLY A 1 -17.68 8.44 -12.01
CA GLY A 1 -16.94 9.28 -11.08
C GLY A 1 -16.33 10.49 -11.75
N SER A 2 -15.52 11.23 -11.00
CA SER A 2 -14.86 12.42 -11.54
C SER A 2 -13.34 12.31 -11.41
N SER A 3 -12.63 13.17 -12.13
CA SER A 3 -11.18 13.16 -12.11
C SER A 3 -10.65 13.28 -10.68
N GLY A 4 -10.34 12.14 -10.08
CA GLY A 4 -9.84 12.14 -8.71
C GLY A 4 -9.99 10.78 -8.05
N SER A 5 -9.00 10.41 -7.25
CA SER A 5 -9.02 9.12 -6.55
C SER A 5 -10.41 8.83 -6.01
N SER A 6 -10.93 7.64 -6.34
CA SER A 6 -12.25 7.24 -5.89
C SER A 6 -12.15 6.23 -4.75
N GLY A 7 -12.53 6.68 -3.55
CA GLY A 7 -12.47 5.82 -2.38
C GLY A 7 -11.62 6.40 -1.27
N LYS A 8 -12.25 6.68 -0.13
CA LYS A 8 -11.54 7.25 1.00
C LYS A 8 -10.98 6.14 1.90
N ARG A 9 -11.81 5.13 2.17
CA ARG A 9 -11.39 4.01 3.00
C ARG A 9 -11.09 2.78 2.15
N PRO A 10 -10.21 1.90 2.66
CA PRO A 10 -9.82 0.68 1.97
C PRO A 10 -10.95 -0.34 1.93
N ARG A 11 -11.70 -0.35 0.83
CA ARG A 11 -12.81 -1.27 0.66
C ARG A 11 -12.35 -2.71 0.88
N THR A 12 -11.32 -3.12 0.16
CA THR A 12 -10.79 -4.46 0.26
C THR A 12 -9.58 -4.51 1.20
N ARG A 13 -9.81 -4.96 2.43
CA ARG A 13 -8.74 -5.04 3.42
C ARG A 13 -7.53 -5.77 2.85
N ILE A 14 -6.34 -5.37 3.29
CA ILE A 14 -5.11 -5.98 2.81
C ILE A 14 -4.70 -7.14 3.71
N THR A 15 -4.12 -8.17 3.09
CA THR A 15 -3.69 -9.35 3.83
C THR A 15 -2.23 -9.22 4.26
N ASP A 16 -1.72 -10.26 4.91
CA ASP A 16 -0.34 -10.26 5.38
C ASP A 16 0.63 -10.58 4.24
N ASP A 17 0.23 -11.52 3.38
CA ASP A 17 1.06 -11.91 2.25
C ASP A 17 1.12 -10.80 1.21
N GLN A 18 0.11 -9.94 1.20
CA GLN A 18 0.05 -8.83 0.26
C GLN A 18 0.69 -7.58 0.84
N LEU A 19 0.50 -7.37 2.14
CA LEU A 19 1.05 -6.21 2.83
C LEU A 19 2.57 -6.31 2.90
N ARG A 20 3.06 -7.44 3.40
CA ARG A 20 4.50 -7.65 3.53
C ARG A 20 5.23 -7.19 2.26
N VAL A 21 4.70 -7.56 1.11
CA VAL A 21 5.30 -7.19 -0.16
C VAL A 21 5.47 -5.68 -0.27
N LEU A 22 4.49 -4.95 0.24
CA LEU A 22 4.54 -3.48 0.20
C LEU A 22 5.55 -2.95 1.20
N ARG A 23 5.69 -3.63 2.33
CA ARG A 23 6.63 -3.22 3.35
C ARG A 23 8.07 -3.47 2.91
N GLN A 24 8.36 -4.71 2.53
CA GLN A 24 9.70 -5.09 2.08
C GLN A 24 10.29 -4.01 1.19
N TYR A 25 9.52 -3.61 0.17
CA TYR A 25 9.97 -2.59 -0.77
C TYR A 25 10.21 -1.26 -0.06
N PHE A 26 9.43 -1.01 0.99
CA PHE A 26 9.54 0.23 1.76
C PHE A 26 11.00 0.48 2.16
N ASP A 27 11.66 -0.56 2.66
CA ASP A 27 13.05 -0.45 3.08
C ASP A 27 13.95 -0.08 1.90
N ILE A 28 13.91 -0.90 0.85
CA ILE A 28 14.71 -0.66 -0.34
C ILE A 28 14.55 0.76 -0.84
N ASN A 29 13.31 1.17 -1.07
CA ASN A 29 13.01 2.52 -1.55
C ASN A 29 11.77 3.08 -0.88
N ASN A 30 11.89 4.27 -0.32
CA ASN A 30 10.76 4.92 0.37
C ASN A 30 9.45 4.59 -0.34
N SER A 31 9.26 5.16 -1.52
CA SER A 31 8.04 4.94 -2.29
C SER A 31 8.36 4.22 -3.60
N PRO A 32 7.45 3.31 -4.01
CA PRO A 32 7.61 2.54 -5.25
C PRO A 32 7.45 3.40 -6.49
N SER A 33 8.04 2.96 -7.59
CA SER A 33 7.96 3.69 -8.85
C SER A 33 6.93 3.06 -9.78
N GLU A 34 6.39 3.87 -10.70
CA GLU A 34 5.40 3.39 -11.65
C GLU A 34 5.71 1.96 -12.09
N GLU A 35 6.98 1.61 -12.08
CA GLU A 35 7.40 0.28 -12.48
C GLU A 35 7.17 -0.73 -11.36
N GLN A 36 7.54 -0.35 -10.13
CA GLN A 36 7.37 -1.22 -8.98
C GLN A 36 5.89 -1.35 -8.61
N ILE A 37 5.18 -0.23 -8.64
CA ILE A 37 3.76 -0.22 -8.31
C ILE A 37 2.99 -1.21 -9.18
N LYS A 38 3.51 -1.47 -10.38
CA LYS A 38 2.88 -2.38 -11.31
C LYS A 38 3.32 -3.82 -11.05
N GLU A 39 4.63 -4.01 -10.91
CA GLU A 39 5.19 -5.34 -10.66
C GLU A 39 4.60 -5.94 -9.39
N MET A 40 4.27 -5.08 -8.43
CA MET A 40 3.69 -5.52 -7.17
C MET A 40 2.19 -5.81 -7.32
N ALA A 41 1.48 -4.87 -7.93
CA ALA A 41 0.05 -5.02 -8.14
C ALA A 41 -0.29 -6.42 -8.66
N ASP A 42 0.66 -7.02 -9.36
CA ASP A 42 0.46 -8.36 -9.92
C ASP A 42 0.93 -9.42 -8.93
N LYS A 43 2.12 -9.24 -8.38
CA LYS A 43 2.68 -10.18 -7.42
C LYS A 43 1.73 -10.41 -6.25
N SER A 44 1.08 -9.34 -5.81
CA SER A 44 0.13 -9.41 -4.70
C SER A 44 -1.30 -9.54 -5.21
N GLY A 45 -1.64 -8.70 -6.18
CA GLY A 45 -2.98 -8.73 -6.74
C GLY A 45 -3.75 -7.45 -6.48
N LEU A 46 -3.12 -6.53 -5.76
CA LEU A 46 -3.76 -5.25 -5.43
C LEU A 46 -3.56 -4.24 -6.56
N PRO A 47 -4.52 -3.32 -6.71
CA PRO A 47 -4.47 -2.28 -7.75
C PRO A 47 -3.40 -1.25 -7.47
N GLN A 48 -3.23 -0.31 -8.40
CA GLN A 48 -2.23 0.74 -8.26
C GLN A 48 -2.72 1.86 -7.33
N LYS A 49 -4.04 1.96 -7.20
CA LYS A 49 -4.65 2.97 -6.35
C LYS A 49 -4.58 2.56 -4.88
N VAL A 50 -4.64 1.26 -4.63
CA VAL A 50 -4.58 0.74 -3.27
C VAL A 50 -3.15 0.72 -2.74
N ILE A 51 -2.22 0.34 -3.62
CA ILE A 51 -0.80 0.28 -3.25
C ILE A 51 -0.23 1.68 -3.04
N LYS A 52 -0.32 2.51 -4.08
CA LYS A 52 0.19 3.87 -4.01
C LYS A 52 -0.33 4.58 -2.77
N HIS A 53 -1.65 4.53 -2.57
CA HIS A 53 -2.27 5.17 -1.42
C HIS A 53 -1.68 4.65 -0.11
N TRP A 54 -1.57 3.33 -0.01
CA TRP A 54 -1.02 2.70 1.19
C TRP A 54 0.37 3.26 1.50
N PHE A 55 1.18 3.45 0.47
CA PHE A 55 2.53 3.98 0.64
C PHE A 55 2.49 5.44 1.06
N ARG A 56 1.59 6.21 0.45
CA ARG A 56 1.46 7.62 0.75
C ARG A 56 0.96 7.82 2.18
N ASN A 57 -0.22 7.29 2.46
CA ASN A 57 -0.81 7.41 3.80
C ASN A 57 0.22 7.14 4.88
N THR A 58 0.97 6.05 4.71
CA THR A 58 2.00 5.67 5.67
C THR A 58 3.25 6.53 5.51
N LEU A 59 3.92 6.38 4.37
CA LEU A 59 5.12 7.14 4.09
C LEU A 59 4.96 8.61 4.48
N PHE A 60 4.06 9.30 3.79
CA PHE A 60 3.79 10.70 4.07
C PHE A 60 3.61 10.94 5.57
N LYS A 61 2.81 10.08 6.20
CA LYS A 61 2.55 10.19 7.63
C LYS A 61 3.85 10.08 8.43
N GLU A 62 4.74 9.21 7.98
CA GLU A 62 6.02 9.01 8.64
C GLU A 62 6.90 10.25 8.53
N ARG A 63 6.92 10.84 7.34
CA ARG A 63 7.73 12.04 7.10
C ARG A 63 7.26 13.19 7.99
N GLN A 64 5.96 13.22 8.27
CA GLN A 64 5.40 14.27 9.11
C GLN A 64 5.32 13.83 10.57
N SER A 65 6.40 13.25 11.06
CA SER A 65 6.46 12.77 12.44
C SER A 65 7.71 13.29 13.14
N GLY A 66 7.54 14.35 13.93
CA GLY A 66 8.67 14.92 14.64
C GLY A 66 8.45 16.39 14.98
N PRO A 67 8.60 17.26 13.97
CA PRO A 67 8.43 18.70 14.13
C PRO A 67 6.97 19.09 14.39
N SER A 68 6.75 19.90 15.41
CA SER A 68 5.41 20.33 15.77
C SER A 68 4.54 19.15 16.20
N SER A 69 5.15 18.21 16.91
CA SER A 69 4.44 17.02 17.38
C SER A 69 3.26 17.41 18.25
N GLY A 70 2.32 16.48 18.43
CA GLY A 70 1.16 16.74 19.25
C GLY A 70 0.22 17.76 18.61
N GLY A 1 -5.16 -17.12 5.63
CA GLY A 1 -6.39 -17.18 4.86
C GLY A 1 -6.41 -18.35 3.89
N SER A 2 -7.19 -19.37 4.21
CA SER A 2 -7.29 -20.55 3.35
C SER A 2 -8.33 -20.34 2.25
N SER A 3 -9.50 -19.85 2.64
CA SER A 3 -10.58 -19.60 1.69
C SER A 3 -10.23 -18.45 0.75
N GLY A 4 -9.60 -17.42 1.30
CA GLY A 4 -9.22 -16.27 0.50
C GLY A 4 -10.28 -15.19 0.51
N SER A 5 -11.51 -15.57 0.18
CA SER A 5 -12.62 -14.63 0.14
C SER A 5 -12.32 -13.48 -0.81
N SER A 6 -11.48 -13.75 -1.81
CA SER A 6 -11.11 -12.74 -2.79
C SER A 6 -11.91 -12.91 -4.08
N GLY A 7 -12.03 -11.82 -4.85
CA GLY A 7 -12.77 -11.87 -6.09
C GLY A 7 -12.60 -10.61 -6.91
N LYS A 8 -13.39 -10.49 -7.98
CA LYS A 8 -13.32 -9.32 -8.85
C LYS A 8 -14.32 -8.26 -8.41
N ARG A 9 -14.26 -7.87 -7.15
CA ARG A 9 -15.16 -6.87 -6.60
C ARG A 9 -14.42 -5.56 -6.32
N PRO A 10 -15.16 -4.45 -6.35
CA PRO A 10 -14.59 -3.11 -6.10
C PRO A 10 -14.17 -2.92 -4.65
N ARG A 11 -14.37 -3.96 -3.84
CA ARG A 11 -14.01 -3.90 -2.43
C ARG A 11 -13.10 -5.06 -2.05
N THR A 12 -11.86 -4.73 -1.68
CA THR A 12 -10.89 -5.76 -1.29
C THR A 12 -10.12 -5.32 -0.05
N ARG A 13 -9.73 -6.30 0.77
CA ARG A 13 -8.97 -6.03 1.99
C ARG A 13 -7.57 -6.62 1.89
N ILE A 14 -6.58 -5.80 2.23
CA ILE A 14 -5.18 -6.24 2.20
C ILE A 14 -4.88 -7.19 3.35
N THR A 15 -4.05 -8.19 3.08
CA THR A 15 -3.67 -9.17 4.10
C THR A 15 -2.18 -9.07 4.43
N ASP A 16 -1.77 -9.79 5.47
CA ASP A 16 -0.38 -9.79 5.89
C ASP A 16 0.54 -10.32 4.78
N ASP A 17 -0.01 -11.19 3.94
CA ASP A 17 0.75 -11.76 2.84
C ASP A 17 0.97 -10.73 1.74
N GLN A 18 0.03 -9.80 1.60
CA GLN A 18 0.13 -8.76 0.58
C GLN A 18 0.89 -7.55 1.10
N LEU A 19 0.71 -7.25 2.39
CA LEU A 19 1.39 -6.12 3.01
C LEU A 19 2.90 -6.30 2.99
N ARG A 20 3.36 -7.48 3.41
CA ARG A 20 4.79 -7.77 3.43
C ARG A 20 5.46 -7.35 2.13
N VAL A 21 4.75 -7.56 1.01
CA VAL A 21 5.27 -7.20 -0.29
C VAL A 21 5.48 -5.69 -0.41
N LEU A 22 4.55 -4.93 0.18
CA LEU A 22 4.63 -3.48 0.14
C LEU A 22 5.67 -2.96 1.13
N ARG A 23 5.78 -3.63 2.27
CA ARG A 23 6.74 -3.24 3.29
C ARG A 23 8.18 -3.47 2.81
N GLN A 24 8.45 -4.69 2.37
CA GLN A 24 9.78 -5.04 1.90
C GLN A 24 10.36 -3.93 1.04
N TYR A 25 9.57 -3.44 0.10
CA TYR A 25 10.00 -2.37 -0.79
C TYR A 25 10.23 -1.07 -0.02
N PHE A 26 9.34 -0.78 0.91
CA PHE A 26 9.44 0.43 1.72
C PHE A 26 10.89 0.70 2.11
N ASP A 27 11.56 -0.32 2.64
CA ASP A 27 12.95 -0.19 3.05
C ASP A 27 13.83 0.24 1.87
N ILE A 28 13.82 -0.56 0.81
CA ILE A 28 14.61 -0.26 -0.37
C ILE A 28 14.34 1.16 -0.87
N ASN A 29 13.08 1.46 -1.13
CA ASN A 29 12.69 2.79 -1.61
C ASN A 29 11.39 3.24 -0.96
N ASN A 30 11.45 4.35 -0.22
CA ASN A 30 10.28 4.89 0.44
C ASN A 30 9.02 4.64 -0.38
N SER A 31 9.02 5.11 -1.62
CA SER A 31 7.89 4.95 -2.51
C SER A 31 8.27 4.14 -3.74
N PRO A 32 7.34 3.27 -4.20
CA PRO A 32 7.56 2.43 -5.37
C PRO A 32 7.60 3.22 -6.67
N SER A 33 8.17 2.63 -7.71
CA SER A 33 8.27 3.29 -9.00
C SER A 33 7.23 2.75 -9.98
N GLU A 34 6.78 3.60 -10.90
CA GLU A 34 5.78 3.21 -11.88
C GLU A 34 5.99 1.76 -12.32
N GLU A 35 7.25 1.31 -12.28
CA GLU A 35 7.58 -0.06 -12.68
C GLU A 35 7.24 -1.04 -11.57
N GLN A 36 7.60 -0.70 -10.34
CA GLN A 36 7.33 -1.55 -9.20
C GLN A 36 5.84 -1.59 -8.88
N ILE A 37 5.21 -0.41 -8.90
CA ILE A 37 3.79 -0.30 -8.62
C ILE A 37 2.98 -1.27 -9.47
N LYS A 38 3.50 -1.60 -10.65
CA LYS A 38 2.84 -2.51 -11.56
C LYS A 38 3.20 -3.95 -11.24
N GLU A 39 4.50 -4.21 -11.10
CA GLU A 39 4.98 -5.56 -10.81
C GLU A 39 4.36 -6.09 -9.52
N MET A 40 4.11 -5.17 -8.57
CA MET A 40 3.52 -5.54 -7.29
C MET A 40 2.01 -5.78 -7.44
N ALA A 41 1.34 -4.85 -8.10
CA ALA A 41 -0.10 -4.96 -8.32
C ALA A 41 -0.48 -6.35 -8.82
N ASP A 42 0.46 -7.01 -9.47
CA ASP A 42 0.23 -8.36 -10.00
C ASP A 42 0.71 -9.42 -9.03
N LYS A 43 1.91 -9.21 -8.48
CA LYS A 43 2.48 -10.15 -7.53
C LYS A 43 1.53 -10.40 -6.37
N SER A 44 0.87 -9.34 -5.90
CA SER A 44 -0.06 -9.44 -4.79
C SER A 44 -1.50 -9.53 -5.29
N GLY A 45 -1.83 -8.69 -6.27
CA GLY A 45 -3.17 -8.70 -6.83
C GLY A 45 -3.91 -7.39 -6.57
N LEU A 46 -3.27 -6.49 -5.84
CA LEU A 46 -3.87 -5.20 -5.52
C LEU A 46 -3.69 -4.21 -6.67
N PRO A 47 -4.62 -3.26 -6.77
CA PRO A 47 -4.58 -2.23 -7.82
C PRO A 47 -3.45 -1.23 -7.62
N GLN A 48 -3.37 -0.25 -8.51
CA GLN A 48 -2.33 0.76 -8.43
C GLN A 48 -2.75 1.90 -7.50
N LYS A 49 -4.06 2.09 -7.36
CA LYS A 49 -4.59 3.15 -6.50
C LYS A 49 -4.48 2.75 -5.03
N VAL A 50 -4.48 1.45 -4.77
CA VAL A 50 -4.38 0.95 -3.40
C VAL A 50 -2.93 0.94 -2.93
N ILE A 51 -2.03 0.47 -3.78
CA ILE A 51 -0.61 0.42 -3.44
C ILE A 51 -0.03 1.82 -3.30
N LYS A 52 -0.19 2.63 -4.34
CA LYS A 52 0.31 4.00 -4.33
C LYS A 52 -0.16 4.75 -3.09
N HIS A 53 -1.42 4.54 -2.73
CA HIS A 53 -2.00 5.19 -1.56
C HIS A 53 -1.35 4.68 -0.28
N TRP A 54 -1.43 3.37 -0.06
CA TRP A 54 -0.85 2.76 1.13
C TRP A 54 0.52 3.34 1.43
N PHE A 55 1.33 3.49 0.40
CA PHE A 55 2.68 4.04 0.55
C PHE A 55 2.62 5.47 1.07
N ARG A 56 1.66 6.24 0.57
CA ARG A 56 1.50 7.63 0.97
C ARG A 56 0.95 7.71 2.39
N ASN A 57 -0.19 7.08 2.61
CA ASN A 57 -0.83 7.09 3.92
C ASN A 57 0.14 6.60 5.00
N THR A 58 0.91 5.57 4.67
CA THR A 58 1.87 5.01 5.61
C THR A 58 3.08 5.93 5.77
N LEU A 59 3.71 6.27 4.65
CA LEU A 59 4.88 7.13 4.67
C LEU A 59 4.56 8.46 5.34
N PHE A 60 3.61 9.20 4.77
CA PHE A 60 3.21 10.49 5.32
C PHE A 60 3.04 10.41 6.84
N LYS A 61 2.44 9.32 7.30
CA LYS A 61 2.21 9.12 8.72
C LYS A 61 3.54 9.03 9.48
N GLU A 62 4.55 8.47 8.82
CA GLU A 62 5.87 8.34 9.44
C GLU A 62 6.59 9.69 9.48
N ARG A 63 6.38 10.49 8.45
CA ARG A 63 7.01 11.81 8.36
C ARG A 63 6.33 12.80 9.29
N GLN A 64 5.02 12.64 9.46
CA GLN A 64 4.23 13.52 10.31
C GLN A 64 4.34 13.09 11.77
N SER A 65 4.26 11.79 12.01
CA SER A 65 4.34 11.25 13.36
C SER A 65 5.39 11.99 14.19
N GLY A 66 5.06 12.28 15.44
CA GLY A 66 5.98 12.98 16.30
C GLY A 66 5.29 14.00 17.19
N PRO A 67 6.07 14.73 18.00
CA PRO A 67 5.54 15.75 18.91
C PRO A 67 4.99 16.96 18.18
N SER A 68 3.74 17.29 18.44
CA SER A 68 3.09 18.43 17.80
C SER A 68 3.36 19.72 18.57
N SER A 69 3.91 20.70 17.88
CA SER A 69 4.23 21.98 18.50
C SER A 69 3.12 23.00 18.26
N GLY A 70 2.70 23.13 17.01
CA GLY A 70 1.64 24.07 16.66
C GLY A 70 2.05 25.02 15.56
N GLY A 1 -16.22 -20.24 21.52
CA GLY A 1 -15.06 -19.42 21.81
C GLY A 1 -13.99 -19.53 20.74
N SER A 2 -14.32 -19.06 19.54
CA SER A 2 -13.38 -19.10 18.43
C SER A 2 -13.57 -17.90 17.51
N SER A 3 -12.47 -17.42 16.94
CA SER A 3 -12.51 -16.27 16.04
C SER A 3 -11.37 -16.34 15.02
N GLY A 4 -11.74 -16.36 13.74
CA GLY A 4 -10.75 -16.41 12.69
C GLY A 4 -11.33 -16.87 11.37
N SER A 5 -11.90 -15.93 10.62
CA SER A 5 -12.50 -16.24 9.32
C SER A 5 -12.44 -15.03 8.39
N SER A 6 -12.01 -15.27 7.15
CA SER A 6 -11.90 -14.20 6.17
C SER A 6 -13.28 -13.78 5.67
N GLY A 7 -14.02 -14.74 5.12
CA GLY A 7 -15.36 -14.44 4.62
C GLY A 7 -15.32 -13.57 3.38
N LYS A 8 -16.36 -12.74 3.22
CA LYS A 8 -16.44 -11.85 2.06
C LYS A 8 -16.96 -10.48 2.48
N ARG A 9 -16.29 -9.43 2.02
CA ARG A 9 -16.68 -8.07 2.34
C ARG A 9 -16.96 -7.26 1.08
N PRO A 10 -17.84 -6.26 1.19
CA PRO A 10 -18.21 -5.40 0.06
C PRO A 10 -17.08 -4.47 -0.36
N ARG A 11 -15.97 -4.54 0.37
CA ARG A 11 -14.81 -3.70 0.08
C ARG A 11 -13.54 -4.54 0.04
N THR A 12 -12.50 -4.02 -0.61
CA THR A 12 -11.23 -4.71 -0.71
C THR A 12 -10.40 -4.52 0.56
N ARG A 13 -9.88 -5.63 1.08
CA ARG A 13 -9.08 -5.60 2.29
C ARG A 13 -7.70 -6.21 2.05
N ILE A 14 -6.67 -5.56 2.57
CA ILE A 14 -5.29 -6.04 2.41
C ILE A 14 -4.95 -7.06 3.49
N THR A 15 -4.19 -8.09 3.11
CA THR A 15 -3.78 -9.13 4.04
C THR A 15 -2.31 -8.98 4.42
N ASP A 16 -1.86 -9.80 5.35
CA ASP A 16 -0.48 -9.77 5.80
C ASP A 16 0.47 -10.27 4.71
N ASP A 17 -0.07 -11.08 3.80
CA ASP A 17 0.72 -11.63 2.71
C ASP A 17 0.90 -10.59 1.60
N GLN A 18 -0.06 -9.68 1.49
CA GLN A 18 0.00 -8.64 0.47
C GLN A 18 0.73 -7.41 1.00
N LEU A 19 0.57 -7.13 2.28
CA LEU A 19 1.22 -5.98 2.90
C LEU A 19 2.72 -6.15 2.93
N ARG A 20 3.18 -7.29 3.42
CA ARG A 20 4.61 -7.58 3.50
C ARG A 20 5.31 -7.20 2.18
N VAL A 21 4.69 -7.57 1.07
CA VAL A 21 5.24 -7.28 -0.24
C VAL A 21 5.47 -5.77 -0.42
N LEU A 22 4.58 -4.98 0.15
CA LEU A 22 4.69 -3.53 0.06
C LEU A 22 5.73 -2.99 1.04
N ARG A 23 5.93 -3.71 2.12
CA ARG A 23 6.90 -3.31 3.14
C ARG A 23 8.32 -3.53 2.65
N GLN A 24 8.60 -4.74 2.17
CA GLN A 24 9.94 -5.08 1.66
C GLN A 24 10.41 -4.03 0.66
N TYR A 25 9.50 -3.50 -0.14
CA TYR A 25 9.83 -2.50 -1.14
C TYR A 25 10.02 -1.13 -0.48
N PHE A 26 9.23 -0.85 0.54
CA PHE A 26 9.32 0.42 1.26
C PHE A 26 10.76 0.73 1.64
N ASP A 27 11.37 -0.20 2.38
CA ASP A 27 12.75 -0.03 2.83
C ASP A 27 13.67 0.26 1.64
N ILE A 28 13.69 -0.64 0.67
CA ILE A 28 14.52 -0.47 -0.51
C ILE A 28 14.40 0.93 -1.08
N ASN A 29 13.17 1.45 -1.13
CA ASN A 29 12.92 2.79 -1.65
C ASN A 29 11.69 3.40 -1.01
N ASN A 30 11.84 4.60 -0.46
CA ASN A 30 10.72 5.29 0.18
C ASN A 30 9.41 4.99 -0.53
N SER A 31 9.26 5.53 -1.74
CA SER A 31 8.04 5.32 -2.52
C SER A 31 8.34 4.49 -3.77
N PRO A 32 7.39 3.63 -4.14
CA PRO A 32 7.52 2.76 -5.31
C PRO A 32 7.46 3.53 -6.62
N SER A 33 7.97 2.93 -7.69
CA SER A 33 7.98 3.57 -9.00
C SER A 33 7.03 2.86 -9.96
N GLU A 34 6.57 3.59 -10.97
CA GLU A 34 5.64 3.03 -11.95
C GLU A 34 6.01 1.60 -12.29
N GLU A 35 7.29 1.27 -12.15
CA GLU A 35 7.79 -0.07 -12.45
C GLU A 35 7.44 -1.03 -11.32
N GLN A 36 7.68 -0.60 -10.09
CA GLN A 36 7.40 -1.42 -8.91
C GLN A 36 5.90 -1.50 -8.66
N ILE A 37 5.24 -0.35 -8.69
CA ILE A 37 3.80 -0.29 -8.45
C ILE A 37 3.06 -1.30 -9.32
N LYS A 38 3.62 -1.60 -10.48
CA LYS A 38 3.03 -2.56 -11.40
C LYS A 38 3.43 -3.99 -11.05
N GLU A 39 4.74 -4.19 -10.88
CA GLU A 39 5.26 -5.51 -10.53
C GLU A 39 4.59 -6.06 -9.28
N MET A 40 4.21 -5.15 -8.39
CA MET A 40 3.55 -5.54 -7.14
C MET A 40 2.07 -5.80 -7.35
N ALA A 41 1.41 -4.88 -8.05
CA ALA A 41 -0.01 -5.01 -8.33
C ALA A 41 -0.35 -6.42 -8.81
N ASP A 42 0.61 -7.05 -9.49
CA ASP A 42 0.42 -8.40 -10.01
C ASP A 42 0.89 -9.44 -9.01
N LYS A 43 2.04 -9.18 -8.39
CA LYS A 43 2.61 -10.09 -7.41
C LYS A 43 1.63 -10.35 -6.26
N SER A 44 0.89 -9.32 -5.88
CA SER A 44 -0.09 -9.43 -4.80
C SER A 44 -1.51 -9.49 -5.36
N GLY A 45 -1.78 -8.65 -6.35
CA GLY A 45 -3.10 -8.62 -6.96
C GLY A 45 -3.83 -7.33 -6.68
N LEU A 46 -3.19 -6.43 -5.94
CA LEU A 46 -3.79 -5.14 -5.60
C LEU A 46 -3.62 -4.13 -6.74
N PRO A 47 -4.56 -3.19 -6.84
CA PRO A 47 -4.54 -2.16 -7.88
C PRO A 47 -3.42 -1.15 -7.66
N GLN A 48 -3.25 -0.24 -8.63
CA GLN A 48 -2.21 0.78 -8.53
C GLN A 48 -2.66 1.93 -7.63
N LYS A 49 -3.95 1.98 -7.34
CA LYS A 49 -4.51 3.03 -6.50
C LYS A 49 -4.41 2.64 -5.02
N VAL A 50 -4.60 1.36 -4.74
CA VAL A 50 -4.54 0.86 -3.36
C VAL A 50 -3.09 0.84 -2.86
N ILE A 51 -2.19 0.38 -3.72
CA ILE A 51 -0.77 0.31 -3.36
C ILE A 51 -0.17 1.70 -3.18
N LYS A 52 -0.26 2.52 -4.23
CA LYS A 52 0.25 3.88 -4.18
C LYS A 52 -0.22 4.61 -2.94
N HIS A 53 -1.53 4.57 -2.70
CA HIS A 53 -2.11 5.23 -1.54
C HIS A 53 -1.49 4.71 -0.24
N TRP A 54 -1.51 3.39 -0.06
CA TRP A 54 -0.94 2.77 1.13
C TRP A 54 0.43 3.37 1.45
N PHE A 55 1.29 3.44 0.44
CA PHE A 55 2.62 3.99 0.62
C PHE A 55 2.57 5.42 1.16
N ARG A 56 1.61 6.19 0.66
CA ARG A 56 1.44 7.58 1.08
C ARG A 56 0.90 7.64 2.50
N ASN A 57 -0.26 7.02 2.72
CA ASN A 57 -0.88 7.02 4.04
C ASN A 57 0.15 6.75 5.13
N THR A 58 0.92 5.68 4.96
CA THR A 58 1.94 5.31 5.93
C THR A 58 3.12 6.29 5.89
N LEU A 59 3.84 6.29 4.77
CA LEU A 59 4.98 7.18 4.60
C LEU A 59 4.72 8.54 5.24
N PHE A 60 3.63 9.18 4.82
CA PHE A 60 3.28 10.49 5.35
C PHE A 60 3.39 10.51 6.88
N LYS A 61 2.94 9.43 7.51
CA LYS A 61 3.00 9.32 8.96
C LYS A 61 4.44 9.32 9.45
N GLU A 62 5.31 8.60 8.76
CA GLU A 62 6.72 8.53 9.13
C GLU A 62 7.32 9.93 9.25
N ARG A 63 7.05 10.76 8.25
CA ARG A 63 7.56 12.13 8.25
C ARG A 63 6.79 13.02 9.22
N GLN A 64 5.48 12.80 9.29
CA GLN A 64 4.63 13.57 10.19
C GLN A 64 5.30 13.78 11.54
N SER A 65 5.32 15.04 11.99
CA SER A 65 5.94 15.37 13.27
C SER A 65 5.11 16.40 14.01
N GLY A 66 5.03 16.26 15.33
CA GLY A 66 4.27 17.19 16.14
C GLY A 66 3.95 16.64 17.52
N PRO A 67 3.14 17.37 18.28
CA PRO A 67 2.74 16.97 19.63
C PRO A 67 1.79 15.77 19.62
N SER A 68 2.32 14.60 19.91
CA SER A 68 1.53 13.37 19.92
C SER A 68 0.94 13.13 21.31
N SER A 69 0.12 12.08 21.43
CA SER A 69 -0.52 11.75 22.69
C SER A 69 0.52 11.54 23.78
N GLY A 70 0.74 12.56 24.60
CA GLY A 70 1.71 12.47 25.68
C GLY A 70 1.38 13.40 26.83
N GLY A 1 -27.21 -15.41 -10.71
CA GLY A 1 -26.93 -15.75 -12.10
C GLY A 1 -26.35 -14.57 -12.87
N SER A 2 -26.97 -14.25 -14.01
CA SER A 2 -26.52 -13.15 -14.84
C SER A 2 -26.03 -11.99 -13.99
N SER A 3 -25.01 -11.29 -14.48
CA SER A 3 -24.45 -10.15 -13.76
C SER A 3 -24.73 -8.85 -14.50
N GLY A 4 -25.22 -7.85 -13.75
CA GLY A 4 -25.52 -6.56 -14.34
C GLY A 4 -25.48 -5.44 -13.34
N SER A 5 -24.27 -5.11 -12.88
CA SER A 5 -24.09 -4.04 -11.90
C SER A 5 -22.96 -3.10 -12.32
N SER A 6 -23.28 -1.82 -12.42
CA SER A 6 -22.29 -0.82 -12.82
C SER A 6 -21.16 -0.74 -11.81
N GLY A 7 -21.49 -0.36 -10.57
CA GLY A 7 -20.49 -0.26 -9.54
C GLY A 7 -20.97 -0.82 -8.21
N LYS A 8 -20.85 -0.03 -7.15
CA LYS A 8 -21.27 -0.45 -5.82
C LYS A 8 -20.63 -1.79 -5.44
N ARG A 9 -19.35 -1.94 -5.76
CA ARG A 9 -18.62 -3.17 -5.46
C ARG A 9 -18.02 -3.11 -4.06
N PRO A 10 -17.81 -4.29 -3.46
CA PRO A 10 -17.25 -4.41 -2.12
C PRO A 10 -15.78 -4.00 -2.06
N ARG A 11 -15.41 -3.25 -1.03
CA ARG A 11 -14.03 -2.80 -0.87
C ARG A 11 -13.10 -3.99 -0.61
N THR A 12 -11.86 -3.87 -1.07
CA THR A 12 -10.87 -4.93 -0.89
C THR A 12 -9.83 -4.53 0.14
N ARG A 13 -9.89 -5.15 1.32
CA ARG A 13 -8.95 -4.86 2.38
C ARG A 13 -7.64 -5.64 2.19
N ILE A 14 -6.52 -4.93 2.30
CA ILE A 14 -5.21 -5.55 2.13
C ILE A 14 -4.95 -6.58 3.22
N THR A 15 -4.23 -7.65 2.86
CA THR A 15 -3.91 -8.70 3.81
C THR A 15 -2.45 -8.62 4.26
N ASP A 16 -2.02 -9.60 5.05
CA ASP A 16 -0.65 -9.64 5.54
C ASP A 16 0.31 -10.07 4.44
N ASP A 17 0.01 -11.20 3.82
CA ASP A 17 0.85 -11.73 2.74
C ASP A 17 1.01 -10.70 1.62
N GLN A 18 0.09 -9.74 1.58
CA GLN A 18 0.12 -8.70 0.56
C GLN A 18 0.82 -7.45 1.08
N LEU A 19 0.58 -7.13 2.34
CA LEU A 19 1.18 -5.95 2.96
C LEU A 19 2.71 -6.09 3.02
N ARG A 20 3.16 -7.26 3.47
CA ARG A 20 4.59 -7.52 3.57
C ARG A 20 5.31 -7.19 2.26
N VAL A 21 4.64 -7.47 1.14
CA VAL A 21 5.21 -7.20 -0.17
C VAL A 21 5.42 -5.71 -0.39
N LEU A 22 4.49 -4.91 0.12
CA LEU A 22 4.58 -3.46 -0.01
C LEU A 22 5.63 -2.88 0.93
N ARG A 23 5.72 -3.46 2.12
CA ARG A 23 6.69 -3.00 3.11
C ARG A 23 8.12 -3.29 2.65
N GLN A 24 8.37 -4.53 2.26
CA GLN A 24 9.70 -4.93 1.81
C GLN A 24 10.29 -3.88 0.88
N TYR A 25 9.49 -3.40 -0.06
CA TYR A 25 9.94 -2.40 -1.02
C TYR A 25 10.17 -1.06 -0.32
N PHE A 26 9.29 -0.73 0.62
CA PHE A 26 9.40 0.53 1.36
C PHE A 26 10.85 0.84 1.70
N ASP A 27 11.47 -0.04 2.48
CA ASP A 27 12.86 0.13 2.88
C ASP A 27 13.76 0.32 1.66
N ILE A 28 13.78 -0.69 0.79
CA ILE A 28 14.60 -0.63 -0.42
C ILE A 28 14.42 0.70 -1.14
N ASN A 29 13.27 1.34 -0.93
CA ASN A 29 12.99 2.62 -1.56
C ASN A 29 11.74 3.26 -0.93
N ASN A 30 11.91 4.47 -0.41
CA ASN A 30 10.80 5.20 0.21
C ASN A 30 9.49 4.89 -0.50
N SER A 31 9.35 5.41 -1.72
CA SER A 31 8.13 5.19 -2.51
C SER A 31 8.44 4.41 -3.77
N PRO A 32 7.52 3.50 -4.14
CA PRO A 32 7.67 2.68 -5.35
C PRO A 32 7.54 3.49 -6.63
N SER A 33 8.02 2.90 -7.73
CA SER A 33 7.96 3.57 -9.03
C SER A 33 6.99 2.85 -9.97
N GLU A 34 6.45 3.60 -10.93
CA GLU A 34 5.52 3.03 -11.89
C GLU A 34 5.88 1.58 -12.22
N GLU A 35 7.17 1.27 -12.20
CA GLU A 35 7.63 -0.07 -12.50
C GLU A 35 7.31 -1.02 -11.35
N GLN A 36 7.63 -0.60 -10.12
CA GLN A 36 7.37 -1.41 -8.95
C GLN A 36 5.87 -1.49 -8.65
N ILE A 37 5.20 -0.34 -8.72
CA ILE A 37 3.78 -0.27 -8.47
C ILE A 37 3.01 -1.24 -9.35
N LYS A 38 3.62 -1.60 -10.48
CA LYS A 38 2.99 -2.53 -11.42
C LYS A 38 3.37 -3.98 -11.09
N GLU A 39 4.66 -4.21 -10.91
CA GLU A 39 5.14 -5.55 -10.58
C GLU A 39 4.46 -6.09 -9.33
N MET A 40 4.25 -5.23 -8.35
CA MET A 40 3.61 -5.62 -7.10
C MET A 40 2.11 -5.87 -7.32
N ALA A 41 1.46 -4.94 -8.00
CA ALA A 41 0.03 -5.06 -8.28
C ALA A 41 -0.30 -6.44 -8.81
N ASP A 42 0.63 -7.04 -9.54
CA ASP A 42 0.43 -8.37 -10.10
C ASP A 42 0.88 -9.45 -9.11
N LYS A 43 2.01 -9.22 -8.46
CA LYS A 43 2.55 -10.17 -7.51
C LYS A 43 1.54 -10.45 -6.39
N SER A 44 0.91 -9.39 -5.89
CA SER A 44 -0.07 -9.52 -4.83
C SER A 44 -1.48 -9.59 -5.40
N GLY A 45 -1.78 -8.71 -6.35
CA GLY A 45 -3.10 -8.69 -6.96
C GLY A 45 -3.83 -7.39 -6.71
N LEU A 46 -3.22 -6.51 -5.91
CA LEU A 46 -3.82 -5.22 -5.59
C LEU A 46 -3.61 -4.22 -6.72
N PRO A 47 -4.54 -3.27 -6.87
CA PRO A 47 -4.48 -2.24 -7.90
C PRO A 47 -3.36 -1.23 -7.63
N GLN A 48 -3.22 -0.27 -8.54
CA GLN A 48 -2.20 0.76 -8.41
C GLN A 48 -2.65 1.86 -7.47
N LYS A 49 -3.96 2.04 -7.36
CA LYS A 49 -4.53 3.06 -6.49
C LYS A 49 -4.41 2.66 -5.03
N VAL A 50 -4.51 1.36 -4.76
CA VAL A 50 -4.41 0.84 -3.40
C VAL A 50 -2.96 0.85 -2.91
N ILE A 51 -2.06 0.38 -3.77
CA ILE A 51 -0.64 0.34 -3.43
C ILE A 51 -0.08 1.75 -3.23
N LYS A 52 -0.24 2.59 -4.25
CA LYS A 52 0.25 3.96 -4.19
C LYS A 52 -0.23 4.66 -2.92
N HIS A 53 -1.54 4.63 -2.70
CA HIS A 53 -2.13 5.26 -1.53
C HIS A 53 -1.51 4.71 -0.25
N TRP A 54 -1.48 3.38 -0.13
CA TRP A 54 -0.91 2.74 1.04
C TRP A 54 0.46 3.32 1.38
N PHE A 55 1.35 3.35 0.40
CA PHE A 55 2.69 3.89 0.59
C PHE A 55 2.63 5.32 1.13
N ARG A 56 1.64 6.07 0.67
CA ARG A 56 1.48 7.46 1.09
C ARG A 56 1.00 7.52 2.55
N ASN A 57 -0.12 6.85 2.82
CA ASN A 57 -0.69 6.84 4.16
C ASN A 57 0.36 6.45 5.19
N THR A 58 1.11 5.39 4.90
CA THR A 58 2.15 4.92 5.80
C THR A 58 3.33 5.88 5.84
N LEU A 59 3.82 6.27 4.67
CA LEU A 59 4.94 7.19 4.57
C LEU A 59 4.61 8.51 5.25
N PHE A 60 3.64 9.23 4.70
CA PHE A 60 3.23 10.51 5.25
C PHE A 60 3.21 10.47 6.78
N LYS A 61 2.69 9.38 7.32
CA LYS A 61 2.60 9.20 8.77
C LYS A 61 3.99 9.25 9.40
N GLU A 62 4.95 8.59 8.76
CA GLU A 62 6.33 8.57 9.27
C GLU A 62 6.91 9.97 9.33
N ARG A 63 6.62 10.78 8.32
CA ARG A 63 7.11 12.15 8.27
C ARG A 63 6.65 12.94 9.49
N GLN A 64 5.37 12.81 9.81
CA GLN A 64 4.80 13.52 10.96
C GLN A 64 5.29 12.91 12.28
N SER A 65 5.33 11.59 12.32
CA SER A 65 5.77 10.89 13.52
C SER A 65 4.91 11.26 14.72
N GLY A 66 3.59 11.21 14.53
CA GLY A 66 2.68 11.54 15.62
C GLY A 66 1.95 10.33 16.16
N PRO A 67 1.67 10.34 17.47
CA PRO A 67 0.97 9.24 18.14
C PRO A 67 -0.50 9.15 17.73
N SER A 68 -0.78 8.29 16.76
CA SER A 68 -2.14 8.11 16.27
C SER A 68 -2.91 7.14 17.16
N SER A 69 -3.25 7.60 18.36
CA SER A 69 -3.99 6.77 19.32
C SER A 69 -5.13 7.56 19.95
N GLY A 70 -6.30 6.92 20.06
CA GLY A 70 -7.44 7.58 20.64
C GLY A 70 -8.62 6.63 20.82
N GLY A 1 -15.97 -3.12 -15.83
CA GLY A 1 -16.84 -3.43 -14.70
C GLY A 1 -16.09 -3.42 -13.39
N SER A 2 -16.51 -4.28 -12.47
CA SER A 2 -15.88 -4.37 -11.15
C SER A 2 -16.08 -5.76 -10.55
N SER A 3 -15.11 -6.19 -9.73
CA SER A 3 -15.19 -7.49 -9.09
C SER A 3 -16.15 -7.46 -7.90
N GLY A 4 -17.07 -8.41 -7.89
CA GLY A 4 -18.04 -8.48 -6.81
C GLY A 4 -19.46 -8.28 -7.29
N SER A 5 -20.10 -9.37 -7.73
CA SER A 5 -21.46 -9.31 -8.22
C SER A 5 -22.43 -8.92 -7.11
N SER A 6 -22.40 -9.68 -6.02
CA SER A 6 -23.27 -9.41 -4.88
C SER A 6 -23.15 -7.97 -4.41
N GLY A 7 -21.90 -7.49 -4.31
CA GLY A 7 -21.66 -6.13 -3.87
C GLY A 7 -21.63 -5.16 -5.03
N LYS A 8 -21.72 -3.87 -4.71
CA LYS A 8 -21.70 -2.82 -5.74
C LYS A 8 -20.32 -2.17 -5.82
N ARG A 9 -19.85 -1.64 -4.70
CA ARG A 9 -18.54 -1.00 -4.65
C ARG A 9 -17.46 -1.98 -4.23
N PRO A 10 -16.22 -1.72 -4.67
CA PRO A 10 -15.07 -2.57 -4.36
C PRO A 10 -14.67 -2.48 -2.89
N ARG A 11 -14.69 -3.62 -2.20
CA ARG A 11 -14.34 -3.68 -0.78
C ARG A 11 -12.82 -3.72 -0.62
N THR A 12 -12.29 -2.70 0.06
CA THR A 12 -10.85 -2.61 0.29
C THR A 12 -10.45 -3.40 1.54
N ARG A 13 -9.46 -4.26 1.39
CA ARG A 13 -8.98 -5.08 2.50
C ARG A 13 -7.65 -5.75 2.15
N ILE A 14 -6.59 -5.33 2.84
CA ILE A 14 -5.26 -5.89 2.60
C ILE A 14 -4.89 -6.89 3.69
N THR A 15 -4.15 -7.93 3.30
CA THR A 15 -3.72 -8.96 4.25
C THR A 15 -2.25 -8.79 4.60
N ASP A 16 -1.77 -9.65 5.50
CA ASP A 16 -0.37 -9.61 5.93
C ASP A 16 0.55 -10.12 4.81
N ASP A 17 0.03 -11.02 3.99
CA ASP A 17 0.81 -11.59 2.90
C ASP A 17 0.96 -10.58 1.77
N GLN A 18 0.04 -9.63 1.69
CA GLN A 18 0.07 -8.61 0.65
C GLN A 18 0.84 -7.38 1.13
N LEU A 19 0.64 -7.02 2.40
CA LEU A 19 1.31 -5.85 2.98
C LEU A 19 2.82 -6.07 3.04
N ARG A 20 3.23 -7.29 3.41
CA ARG A 20 4.64 -7.62 3.50
C ARG A 20 5.36 -7.30 2.19
N VAL A 21 4.74 -7.68 1.07
CA VAL A 21 5.32 -7.44 -0.24
C VAL A 21 5.56 -5.95 -0.47
N LEU A 22 4.68 -5.12 0.08
CA LEU A 22 4.80 -3.67 -0.06
C LEU A 22 5.84 -3.11 0.90
N ARG A 23 5.97 -3.76 2.06
CA ARG A 23 6.92 -3.33 3.07
C ARG A 23 8.36 -3.54 2.59
N GLN A 24 8.65 -4.77 2.15
CA GLN A 24 9.99 -5.12 1.68
C GLN A 24 10.54 -4.01 0.79
N TYR A 25 9.73 -3.55 -0.15
CA TYR A 25 10.15 -2.49 -1.06
C TYR A 25 10.28 -1.16 -0.33
N PHE A 26 9.45 -0.96 0.69
CA PHE A 26 9.47 0.28 1.47
C PHE A 26 10.90 0.62 1.88
N ASP A 27 11.52 -0.27 2.63
CA ASP A 27 12.89 -0.05 3.10
C ASP A 27 13.82 0.25 1.93
N ILE A 28 13.81 -0.62 0.93
CA ILE A 28 14.65 -0.46 -0.25
C ILE A 28 14.42 0.89 -0.90
N ASN A 29 13.18 1.37 -0.83
CA ASN A 29 12.81 2.65 -1.42
C ASN A 29 11.52 3.19 -0.81
N ASN A 30 11.61 4.35 -0.17
CA ASN A 30 10.46 4.97 0.47
C ASN A 30 9.19 4.69 -0.34
N SER A 31 9.15 5.19 -1.56
CA SER A 31 7.99 5.00 -2.43
C SER A 31 8.38 4.22 -3.69
N PRO A 32 7.47 3.35 -4.14
CA PRO A 32 7.69 2.53 -5.34
C PRO A 32 7.67 3.36 -6.62
N SER A 33 8.14 2.75 -7.71
CA SER A 33 8.18 3.44 -8.99
C SER A 33 7.17 2.83 -9.96
N GLU A 34 6.72 3.65 -10.92
CA GLU A 34 5.74 3.20 -11.90
C GLU A 34 6.00 1.76 -12.31
N GLU A 35 7.27 1.36 -12.29
CA GLU A 35 7.66 0.01 -12.66
C GLU A 35 7.35 -0.98 -11.54
N GLN A 36 7.64 -0.57 -10.32
CA GLN A 36 7.40 -1.43 -9.15
C GLN A 36 5.90 -1.50 -8.85
N ILE A 37 5.25 -0.34 -8.76
CA ILE A 37 3.82 -0.28 -8.48
C ILE A 37 3.05 -1.28 -9.33
N LYS A 38 3.59 -1.58 -10.50
CA LYS A 38 2.95 -2.53 -11.41
C LYS A 38 3.34 -3.97 -11.06
N GLU A 39 4.63 -4.21 -10.92
CA GLU A 39 5.12 -5.54 -10.58
C GLU A 39 4.48 -6.06 -9.29
N MET A 40 4.14 -5.13 -8.41
CA MET A 40 3.52 -5.48 -7.14
C MET A 40 2.03 -5.76 -7.32
N ALA A 41 1.35 -4.85 -8.01
CA ALA A 41 -0.09 -5.00 -8.26
C ALA A 41 -0.42 -6.39 -8.76
N ASP A 42 0.55 -7.03 -9.42
CA ASP A 42 0.36 -8.37 -9.96
C ASP A 42 0.83 -9.42 -8.96
N LYS A 43 1.95 -9.14 -8.30
CA LYS A 43 2.51 -10.06 -7.32
C LYS A 43 1.52 -10.32 -6.18
N SER A 44 0.82 -9.26 -5.77
CA SER A 44 -0.17 -9.37 -4.70
C SER A 44 -1.58 -9.42 -5.25
N GLY A 45 -1.86 -8.55 -6.23
CA GLY A 45 -3.18 -8.52 -6.82
C GLY A 45 -3.89 -7.20 -6.59
N LEU A 46 -3.29 -6.35 -5.77
CA LEU A 46 -3.87 -5.05 -5.46
C LEU A 46 -3.67 -4.07 -6.62
N PRO A 47 -4.62 -3.14 -6.77
CA PRO A 47 -4.58 -2.13 -7.84
C PRO A 47 -3.47 -1.11 -7.62
N GLN A 48 -3.30 -0.21 -8.58
CA GLN A 48 -2.27 0.82 -8.49
C GLN A 48 -2.71 1.95 -7.58
N LYS A 49 -4.02 2.08 -7.39
CA LYS A 49 -4.58 3.13 -6.54
C LYS A 49 -4.46 2.74 -5.07
N VAL A 50 -4.71 1.48 -4.76
CA VAL A 50 -4.63 0.99 -3.39
C VAL A 50 -3.18 0.96 -2.91
N ILE A 51 -2.28 0.54 -3.79
CA ILE A 51 -0.86 0.47 -3.45
C ILE A 51 -0.25 1.86 -3.32
N LYS A 52 -0.41 2.67 -4.35
CA LYS A 52 0.12 4.03 -4.35
C LYS A 52 -0.32 4.78 -3.09
N HIS A 53 -1.59 4.64 -2.73
CA HIS A 53 -2.13 5.29 -1.54
C HIS A 53 -1.46 4.76 -0.28
N TRP A 54 -1.57 3.46 -0.06
CA TRP A 54 -0.98 2.83 1.12
C TRP A 54 0.41 3.39 1.39
N PHE A 55 1.23 3.48 0.35
CA PHE A 55 2.58 4.01 0.48
C PHE A 55 2.57 5.45 0.99
N ARG A 56 1.61 6.23 0.49
CA ARG A 56 1.48 7.63 0.89
C ARG A 56 0.98 7.75 2.32
N ASN A 57 -0.17 7.13 2.60
CA ASN A 57 -0.76 7.17 3.93
C ASN A 57 0.21 6.62 4.96
N THR A 58 0.79 5.45 4.68
CA THR A 58 1.73 4.81 5.59
C THR A 58 2.97 5.69 5.79
N LEU A 59 3.61 6.05 4.68
CA LEU A 59 4.81 6.89 4.73
C LEU A 59 4.52 8.22 5.41
N PHE A 60 3.62 8.99 4.81
CA PHE A 60 3.25 10.30 5.36
C PHE A 60 2.97 10.20 6.86
N LYS A 61 2.27 9.14 7.25
CA LYS A 61 1.94 8.93 8.66
C LYS A 61 3.19 8.66 9.48
N GLU A 62 4.02 7.74 9.00
CA GLU A 62 5.26 7.39 9.69
C GLU A 62 6.06 8.64 10.05
N ARG A 63 6.01 9.64 9.17
CA ARG A 63 6.71 10.89 9.40
C ARG A 63 6.25 11.56 10.69
N GLN A 64 4.98 11.35 11.04
CA GLN A 64 4.41 11.93 12.25
C GLN A 64 5.44 11.91 13.38
N SER A 65 5.24 12.80 14.35
CA SER A 65 6.14 12.90 15.50
C SER A 65 5.40 12.61 16.80
N GLY A 66 4.31 13.33 17.02
CA GLY A 66 3.53 13.14 18.24
C GLY A 66 4.27 13.58 19.48
N PRO A 67 3.58 13.49 20.64
CA PRO A 67 4.17 13.89 21.92
C PRO A 67 5.27 12.93 22.38
N SER A 68 5.01 11.63 22.26
CA SER A 68 5.99 10.62 22.66
C SER A 68 6.56 9.92 21.43
N SER A 69 7.87 10.09 21.23
CA SER A 69 8.55 9.48 20.10
C SER A 69 8.83 8.01 20.37
N GLY A 70 9.23 7.28 19.32
CA GLY A 70 9.54 5.86 19.47
C GLY A 70 9.37 5.10 18.18
N GLY A 1 -7.82 -19.58 1.06
CA GLY A 1 -7.43 -18.26 1.52
C GLY A 1 -8.63 -17.34 1.70
N SER A 2 -8.39 -16.17 2.31
CA SER A 2 -9.45 -15.20 2.55
C SER A 2 -9.10 -13.86 1.92
N SER A 3 -8.56 -13.90 0.71
CA SER A 3 -8.17 -12.68 0.01
C SER A 3 -9.40 -11.95 -0.53
N GLY A 4 -10.03 -11.16 0.34
CA GLY A 4 -11.21 -10.41 -0.06
C GLY A 4 -12.37 -11.32 -0.43
N SER A 5 -12.65 -12.29 0.43
CA SER A 5 -13.73 -13.24 0.18
C SER A 5 -14.99 -12.51 -0.29
N SER A 6 -15.50 -11.60 0.54
CA SER A 6 -16.69 -10.84 0.22
C SER A 6 -16.62 -9.44 0.81
N GLY A 7 -16.78 -8.43 -0.05
CA GLY A 7 -16.73 -7.05 0.40
C GLY A 7 -17.99 -6.28 0.04
N LYS A 8 -18.72 -5.83 1.05
CA LYS A 8 -19.94 -5.07 0.84
C LYS A 8 -19.63 -3.60 0.57
N ARG A 9 -18.66 -3.06 1.30
CA ARG A 9 -18.27 -1.66 1.14
C ARG A 9 -17.01 -1.55 0.29
N PRO A 10 -16.76 -0.35 -0.25
CA PRO A 10 -15.59 -0.08 -1.09
C PRO A 10 -14.29 -0.09 -0.29
N ARG A 11 -14.42 -0.08 1.04
CA ARG A 11 -13.26 -0.09 1.91
C ARG A 11 -12.57 -1.45 1.91
N THR A 12 -11.51 -1.57 1.12
CA THR A 12 -10.77 -2.81 1.01
C THR A 12 -9.63 -2.86 2.03
N ARG A 13 -9.30 -4.08 2.47
CA ARG A 13 -8.23 -4.26 3.45
C ARG A 13 -7.12 -5.13 2.89
N ILE A 14 -5.90 -4.90 3.34
CA ILE A 14 -4.75 -5.66 2.88
C ILE A 14 -4.35 -6.72 3.90
N THR A 15 -3.95 -7.89 3.41
CA THR A 15 -3.54 -8.99 4.28
C THR A 15 -2.05 -8.90 4.59
N ASP A 16 -1.56 -9.87 5.38
CA ASP A 16 -0.15 -9.90 5.75
C ASP A 16 0.71 -10.32 4.56
N ASP A 17 0.23 -11.30 3.80
CA ASP A 17 0.96 -11.78 2.63
C ASP A 17 1.08 -10.68 1.57
N GLN A 18 0.10 -9.78 1.55
CA GLN A 18 0.09 -8.68 0.58
C GLN A 18 0.83 -7.47 1.13
N LEU A 19 0.63 -7.20 2.42
CA LEU A 19 1.27 -6.05 3.06
C LEU A 19 2.79 -6.22 3.08
N ARG A 20 3.25 -7.39 3.49
CA ARG A 20 4.68 -7.68 3.55
C ARG A 20 5.36 -7.30 2.23
N VAL A 21 4.62 -7.42 1.14
CA VAL A 21 5.16 -7.08 -0.18
C VAL A 21 5.33 -5.58 -0.33
N LEU A 22 4.44 -4.81 0.29
CA LEU A 22 4.49 -3.36 0.22
C LEU A 22 5.49 -2.80 1.24
N ARG A 23 5.74 -3.57 2.30
CA ARG A 23 6.67 -3.16 3.34
C ARG A 23 8.11 -3.44 2.93
N GLN A 24 8.37 -4.67 2.50
CA GLN A 24 9.71 -5.07 2.08
C GLN A 24 10.33 -4.00 1.19
N TYR A 25 9.56 -3.51 0.22
CA TYR A 25 10.04 -2.48 -0.69
C TYR A 25 10.32 -1.18 0.04
N PHE A 26 9.46 -0.85 1.00
CA PHE A 26 9.61 0.37 1.78
C PHE A 26 11.08 0.58 2.18
N ASP A 27 11.75 -0.50 2.55
CA ASP A 27 13.15 -0.44 2.95
C ASP A 27 14.03 -0.08 1.76
N ILE A 28 13.91 -0.84 0.69
CA ILE A 28 14.70 -0.61 -0.51
C ILE A 28 14.51 0.81 -1.03
N ASN A 29 13.25 1.19 -1.25
CA ASN A 29 12.91 2.51 -1.74
C ASN A 29 11.68 3.07 -1.05
N ASN A 30 11.81 4.26 -0.47
CA ASN A 30 10.70 4.90 0.23
C ASN A 30 9.39 4.67 -0.51
N SER A 31 9.30 5.21 -1.73
CA SER A 31 8.10 5.08 -2.53
C SER A 31 8.38 4.26 -3.79
N PRO A 32 7.42 3.41 -4.18
CA PRO A 32 7.53 2.56 -5.38
C PRO A 32 7.50 3.37 -6.67
N SER A 33 8.13 2.83 -7.71
CA SER A 33 8.17 3.49 -9.00
C SER A 33 7.12 2.91 -9.96
N GLU A 34 6.65 3.74 -10.87
CA GLU A 34 5.64 3.30 -11.84
C GLU A 34 5.89 1.86 -12.27
N GLU A 35 7.14 1.45 -12.26
CA GLU A 35 7.51 0.09 -12.64
C GLU A 35 7.20 -0.90 -11.51
N GLN A 36 7.59 -0.52 -10.30
CA GLN A 36 7.36 -1.37 -9.14
C GLN A 36 5.87 -1.45 -8.80
N ILE A 37 5.19 -0.30 -8.86
CA ILE A 37 3.77 -0.24 -8.57
C ILE A 37 2.99 -1.24 -9.43
N LYS A 38 3.52 -1.54 -10.61
CA LYS A 38 2.88 -2.48 -11.52
C LYS A 38 3.29 -3.92 -11.19
N GLU A 39 4.59 -4.15 -11.05
CA GLU A 39 5.11 -5.48 -10.75
C GLU A 39 4.47 -6.02 -9.48
N MET A 40 4.15 -5.13 -8.55
CA MET A 40 3.53 -5.52 -7.28
C MET A 40 2.04 -5.79 -7.47
N ALA A 41 1.35 -4.83 -8.11
CA ALA A 41 -0.08 -4.97 -8.36
C ALA A 41 -0.43 -6.37 -8.85
N ASP A 42 0.53 -7.03 -9.49
CA ASP A 42 0.33 -8.38 -9.99
C ASP A 42 0.82 -9.42 -9.00
N LYS A 43 2.00 -9.18 -8.42
CA LYS A 43 2.58 -10.09 -7.46
C LYS A 43 1.62 -10.35 -6.30
N SER A 44 0.90 -9.30 -5.89
CA SER A 44 -0.04 -9.41 -4.79
C SER A 44 -1.48 -9.49 -5.31
N GLY A 45 -1.79 -8.66 -6.30
CA GLY A 45 -3.12 -8.66 -6.87
C GLY A 45 -3.86 -7.37 -6.60
N LEU A 46 -3.24 -6.48 -5.84
CA LEU A 46 -3.86 -5.20 -5.51
C LEU A 46 -3.69 -4.20 -6.65
N PRO A 47 -4.63 -3.24 -6.74
CA PRO A 47 -4.60 -2.22 -7.78
C PRO A 47 -3.47 -1.22 -7.58
N GLN A 48 -3.36 -0.26 -8.51
CA GLN A 48 -2.31 0.75 -8.43
C GLN A 48 -2.70 1.85 -7.44
N LYS A 49 -4.00 2.07 -7.30
CA LYS A 49 -4.50 3.10 -6.38
C LYS A 49 -4.31 2.67 -4.92
N VAL A 50 -4.60 1.40 -4.65
CA VAL A 50 -4.47 0.87 -3.30
C VAL A 50 -3.01 0.85 -2.85
N ILE A 51 -2.13 0.41 -3.75
CA ILE A 51 -0.70 0.35 -3.45
C ILE A 51 -0.12 1.75 -3.26
N LYS A 52 -0.32 2.61 -4.25
CA LYS A 52 0.18 3.98 -4.19
C LYS A 52 -0.35 4.70 -2.96
N HIS A 53 -1.65 4.56 -2.70
CA HIS A 53 -2.28 5.20 -1.56
C HIS A 53 -1.69 4.66 -0.26
N TRP A 54 -1.47 3.36 -0.20
CA TRP A 54 -0.90 2.73 0.99
C TRP A 54 0.46 3.33 1.34
N PHE A 55 1.34 3.40 0.35
CA PHE A 55 2.67 3.95 0.55
C PHE A 55 2.59 5.40 1.01
N ARG A 56 1.71 6.17 0.40
CA ARG A 56 1.54 7.57 0.75
C ARG A 56 0.99 7.71 2.17
N ASN A 57 -0.22 7.20 2.39
CA ASN A 57 -0.85 7.27 3.70
C ASN A 57 0.12 6.86 4.80
N THR A 58 0.73 5.69 4.64
CA THR A 58 1.69 5.19 5.61
C THR A 58 2.92 6.08 5.69
N LEU A 59 3.68 6.13 4.59
CA LEU A 59 4.88 6.95 4.53
C LEU A 59 4.65 8.32 5.18
N PHE A 60 3.69 9.06 4.63
CA PHE A 60 3.37 10.38 5.16
C PHE A 60 3.43 10.39 6.69
N LYS A 61 3.00 9.30 7.29
CA LYS A 61 3.01 9.18 8.75
C LYS A 61 4.39 8.80 9.26
N GLU A 62 5.09 7.96 8.50
CA GLU A 62 6.43 7.52 8.88
C GLU A 62 7.40 8.70 8.89
N ARG A 63 7.40 9.48 7.81
CA ARG A 63 8.29 10.63 7.69
C ARG A 63 8.04 11.62 8.82
N GLN A 64 6.77 11.87 9.11
CA GLN A 64 6.39 12.81 10.16
C GLN A 64 6.47 12.14 11.53
N SER A 65 6.48 12.94 12.58
CA SER A 65 6.54 12.42 13.94
C SER A 65 6.13 13.50 14.95
N GLY A 66 5.27 13.12 15.89
CA GLY A 66 4.81 14.05 16.91
C GLY A 66 5.68 14.05 18.13
N PRO A 67 5.28 13.26 19.14
CA PRO A 67 6.04 13.15 20.41
C PRO A 67 7.36 12.43 20.24
N SER A 68 8.12 12.33 21.33
CA SER A 68 9.42 11.66 21.30
C SER A 68 9.36 10.32 22.03
N SER A 69 8.72 10.33 23.20
CA SER A 69 8.60 9.12 24.01
C SER A 69 7.31 9.16 24.83
N GLY A 70 7.01 8.03 25.48
CA GLY A 70 5.81 7.94 26.29
C GLY A 70 4.64 7.36 25.53
N GLY A 1 -8.80 15.80 -4.40
CA GLY A 1 -9.87 16.19 -3.50
C GLY A 1 -9.34 16.68 -2.16
N SER A 2 -10.20 17.36 -1.41
CA SER A 2 -9.82 17.89 -0.11
C SER A 2 -10.90 17.59 0.94
N SER A 3 -12.16 17.74 0.55
CA SER A 3 -13.28 17.48 1.45
C SER A 3 -14.57 17.28 0.66
N GLY A 4 -15.27 16.19 0.96
CA GLY A 4 -16.51 15.90 0.28
C GLY A 4 -16.48 14.56 -0.45
N SER A 5 -17.00 13.53 0.20
CA SER A 5 -17.03 12.19 -0.38
C SER A 5 -18.36 11.51 -0.10
N SER A 6 -18.66 10.48 -0.89
CA SER A 6 -19.90 9.73 -0.74
C SER A 6 -19.66 8.41 0.00
N GLY A 7 -18.70 7.64 -0.50
CA GLY A 7 -18.38 6.36 0.11
C GLY A 7 -19.36 5.28 -0.28
N LYS A 8 -20.03 4.69 0.71
CA LYS A 8 -20.99 3.63 0.46
C LYS A 8 -20.35 2.47 -0.29
N ARG A 9 -19.14 2.12 0.12
CA ARG A 9 -18.41 1.02 -0.51
C ARG A 9 -17.67 0.19 0.53
N PRO A 10 -17.38 -1.08 0.19
CA PRO A 10 -16.67 -2.00 1.08
C PRO A 10 -15.21 -1.62 1.26
N ARG A 11 -14.61 -2.10 2.34
CA ARG A 11 -13.20 -1.81 2.63
C ARG A 11 -12.36 -3.09 2.55
N THR A 12 -11.63 -3.23 1.45
CA THR A 12 -10.78 -4.40 1.24
C THR A 12 -9.45 -4.25 1.98
N ARG A 13 -9.44 -4.61 3.26
CA ARG A 13 -8.24 -4.51 4.06
C ARG A 13 -7.14 -5.42 3.52
N ILE A 14 -5.92 -4.89 3.43
CA ILE A 14 -4.78 -5.65 2.93
C ILE A 14 -4.37 -6.74 3.91
N THR A 15 -3.99 -7.89 3.38
CA THR A 15 -3.56 -9.01 4.21
C THR A 15 -2.07 -8.94 4.51
N ASP A 16 -1.58 -9.92 5.28
CA ASP A 16 -0.18 -9.96 5.64
C ASP A 16 0.68 -10.34 4.43
N ASP A 17 0.29 -11.41 3.75
CA ASP A 17 1.03 -11.87 2.58
C ASP A 17 1.11 -10.78 1.52
N GLN A 18 0.16 -9.85 1.56
CA GLN A 18 0.13 -8.75 0.60
C GLN A 18 0.90 -7.55 1.13
N LEU A 19 0.74 -7.27 2.42
CA LEU A 19 1.42 -6.15 3.05
C LEU A 19 2.94 -6.34 3.01
N ARG A 20 3.40 -7.49 3.48
CA ARG A 20 4.82 -7.79 3.49
C ARG A 20 5.49 -7.35 2.19
N VAL A 21 4.78 -7.53 1.08
CA VAL A 21 5.30 -7.15 -0.23
C VAL A 21 5.51 -5.64 -0.32
N LEU A 22 4.56 -4.88 0.20
CA LEU A 22 4.63 -3.43 0.18
C LEU A 22 5.68 -2.93 1.17
N ARG A 23 5.83 -3.64 2.28
CA ARG A 23 6.81 -3.27 3.30
C ARG A 23 8.23 -3.56 2.82
N GLN A 24 8.46 -4.79 2.37
CA GLN A 24 9.77 -5.20 1.89
C GLN A 24 10.40 -4.11 1.02
N TYR A 25 9.61 -3.58 0.08
CA TYR A 25 10.09 -2.55 -0.82
C TYR A 25 10.36 -1.25 -0.05
N PHE A 26 9.47 -0.90 0.87
CA PHE A 26 9.60 0.30 1.67
C PHE A 26 11.06 0.51 2.08
N ASP A 27 11.67 -0.54 2.63
CA ASP A 27 13.06 -0.47 3.07
C ASP A 27 13.98 -0.09 1.91
N ILE A 28 13.95 -0.88 0.85
CA ILE A 28 14.77 -0.62 -0.32
C ILE A 28 14.59 0.81 -0.82
N ASN A 29 13.35 1.16 -1.12
CA ASN A 29 13.04 2.50 -1.61
C ASN A 29 11.77 3.04 -0.96
N ASN A 30 11.86 4.22 -0.37
CA ASN A 30 10.72 4.85 0.29
C ASN A 30 9.44 4.63 -0.50
N SER A 31 9.33 5.31 -1.64
CA SER A 31 8.15 5.18 -2.49
C SER A 31 8.46 4.35 -3.73
N PRO A 32 7.50 3.52 -4.15
CA PRO A 32 7.64 2.65 -5.31
C PRO A 32 7.64 3.45 -6.62
N SER A 33 8.09 2.81 -7.70
CA SER A 33 8.14 3.45 -9.01
C SER A 33 7.12 2.85 -9.96
N GLU A 34 6.70 3.63 -10.94
CA GLU A 34 5.71 3.18 -11.92
C GLU A 34 5.98 1.73 -12.32
N GLU A 35 7.24 1.32 -12.23
CA GLU A 35 7.64 -0.04 -12.59
C GLU A 35 7.28 -1.02 -11.46
N GLN A 36 7.52 -0.61 -10.23
CA GLN A 36 7.23 -1.44 -9.07
C GLN A 36 5.73 -1.48 -8.79
N ILE A 37 5.10 -0.31 -8.78
CA ILE A 37 3.67 -0.21 -8.53
C ILE A 37 2.89 -1.19 -9.40
N LYS A 38 3.47 -1.54 -10.55
CA LYS A 38 2.82 -2.46 -11.48
C LYS A 38 3.22 -3.91 -11.15
N GLU A 39 4.52 -4.12 -10.96
CA GLU A 39 5.02 -5.46 -10.65
C GLU A 39 4.39 -6.00 -9.37
N MET A 40 4.11 -5.10 -8.44
CA MET A 40 3.50 -5.49 -7.17
C MET A 40 2.00 -5.72 -7.33
N ALA A 41 1.33 -4.80 -8.01
CA ALA A 41 -0.11 -4.91 -8.24
C ALA A 41 -0.48 -6.31 -8.72
N ASP A 42 0.45 -6.96 -9.41
CA ASP A 42 0.22 -8.30 -9.93
C ASP A 42 0.74 -9.36 -8.95
N LYS A 43 1.89 -9.09 -8.34
CA LYS A 43 2.48 -10.01 -7.38
C LYS A 43 1.54 -10.25 -6.21
N SER A 44 0.84 -9.21 -5.78
CA SER A 44 -0.10 -9.31 -4.67
C SER A 44 -1.53 -9.42 -5.16
N GLY A 45 -1.87 -8.60 -6.16
CA GLY A 45 -3.21 -8.62 -6.72
C GLY A 45 -3.94 -7.32 -6.48
N LEU A 46 -3.29 -6.37 -5.83
CA LEU A 46 -3.89 -5.08 -5.54
C LEU A 46 -3.70 -4.11 -6.70
N PRO A 47 -4.64 -3.16 -6.84
CA PRO A 47 -4.60 -2.16 -7.90
C PRO A 47 -3.47 -1.15 -7.72
N GLN A 48 -3.34 -0.22 -8.66
CA GLN A 48 -2.29 0.80 -8.60
C GLN A 48 -2.68 1.91 -7.64
N LYS A 49 -3.99 2.09 -7.43
CA LYS A 49 -4.49 3.13 -6.54
C LYS A 49 -4.34 2.71 -5.08
N VAL A 50 -4.54 1.42 -4.81
CA VAL A 50 -4.44 0.89 -3.46
C VAL A 50 -2.99 0.93 -2.98
N ILE A 51 -2.07 0.50 -3.85
CA ILE A 51 -0.65 0.48 -3.50
C ILE A 51 -0.12 1.90 -3.28
N LYS A 52 -0.27 2.74 -4.30
CA LYS A 52 0.19 4.12 -4.22
C LYS A 52 -0.29 4.78 -2.93
N HIS A 53 -1.60 4.69 -2.67
CA HIS A 53 -2.17 5.27 -1.47
C HIS A 53 -1.53 4.70 -0.21
N TRP A 54 -1.59 3.38 -0.07
CA TRP A 54 -1.02 2.70 1.08
C TRP A 54 0.34 3.29 1.43
N PHE A 55 1.21 3.43 0.43
CA PHE A 55 2.54 3.98 0.62
C PHE A 55 2.46 5.42 1.14
N ARG A 56 1.56 6.20 0.56
CA ARG A 56 1.39 7.59 0.95
C ARG A 56 0.83 7.69 2.36
N ASN A 57 -0.39 7.19 2.54
CA ASN A 57 -1.05 7.23 3.84
C ASN A 57 -0.07 6.84 4.95
N THR A 58 0.72 5.80 4.70
CA THR A 58 1.70 5.34 5.68
C THR A 58 2.91 6.26 5.72
N LEU A 59 3.67 6.28 4.63
CA LEU A 59 4.85 7.12 4.54
C LEU A 59 4.59 8.51 5.10
N PHE A 60 3.70 9.24 4.44
CA PHE A 60 3.35 10.60 4.88
C PHE A 60 3.29 10.68 6.40
N LYS A 61 2.65 9.68 7.02
CA LYS A 61 2.53 9.64 8.47
C LYS A 61 3.89 9.51 9.13
N GLU A 62 4.70 8.58 8.63
CA GLU A 62 6.03 8.36 9.18
C GLU A 62 6.88 9.62 9.09
N ARG A 63 6.77 10.33 7.97
CA ARG A 63 7.53 11.56 7.76
C ARG A 63 7.16 12.60 8.81
N GLN A 64 5.86 12.76 9.06
CA GLN A 64 5.39 13.72 10.04
C GLN A 64 5.52 13.18 11.46
N SER A 65 5.86 14.05 12.39
CA SER A 65 6.04 13.66 13.79
C SER A 65 5.24 14.58 14.71
N GLY A 66 4.70 14.00 15.78
CA GLY A 66 3.93 14.78 16.73
C GLY A 66 2.59 14.15 17.04
N PRO A 67 1.64 14.97 17.52
CA PRO A 67 0.29 14.50 17.86
C PRO A 67 -0.53 14.12 16.63
N SER A 68 -1.54 13.28 16.83
CA SER A 68 -2.39 12.84 15.74
C SER A 68 -3.29 13.96 15.25
N SER A 69 -3.36 14.13 13.93
CA SER A 69 -4.18 15.19 13.34
C SER A 69 -5.67 14.84 13.44
N GLY A 70 -6.52 15.85 13.35
CA GLY A 70 -7.95 15.63 13.44
C GLY A 70 -8.51 15.00 12.18
N GLY A 1 -6.03 -18.25 -0.05
CA GLY A 1 -6.01 -18.17 -1.51
C GLY A 1 -6.99 -17.14 -2.04
N SER A 2 -7.48 -17.36 -3.26
CA SER A 2 -8.41 -16.45 -3.88
C SER A 2 -9.77 -16.49 -3.17
N SER A 3 -10.42 -15.34 -3.08
CA SER A 3 -11.72 -15.25 -2.42
C SER A 3 -12.84 -15.69 -3.37
N GLY A 4 -12.59 -16.76 -4.11
CA GLY A 4 -13.58 -17.27 -5.04
C GLY A 4 -13.89 -16.28 -6.15
N SER A 5 -12.87 -15.83 -6.85
CA SER A 5 -13.04 -14.87 -7.93
C SER A 5 -13.78 -13.64 -7.45
N SER A 6 -13.38 -13.12 -6.29
CA SER A 6 -14.02 -11.94 -5.72
C SER A 6 -14.19 -10.86 -6.78
N GLY A 7 -13.41 -10.95 -7.85
CA GLY A 7 -13.50 -9.97 -8.91
C GLY A 7 -13.05 -8.58 -8.47
N LYS A 8 -13.95 -7.61 -8.60
CA LYS A 8 -13.63 -6.24 -8.21
C LYS A 8 -14.65 -5.71 -7.20
N ARG A 9 -14.17 -4.91 -6.25
CA ARG A 9 -15.05 -4.35 -5.22
C ARG A 9 -14.68 -2.89 -4.95
N PRO A 10 -15.65 -2.12 -4.46
CA PRO A 10 -15.46 -0.71 -4.13
C PRO A 10 -14.56 -0.50 -2.91
N ARG A 11 -14.22 -1.60 -2.25
CA ARG A 11 -13.37 -1.55 -1.07
C ARG A 11 -12.88 -2.94 -0.70
N THR A 12 -11.65 -3.01 -0.18
CA THR A 12 -11.05 -4.28 0.21
C THR A 12 -9.87 -4.07 1.15
N ARG A 13 -9.84 -4.83 2.24
CA ARG A 13 -8.76 -4.72 3.22
C ARG A 13 -7.56 -5.55 2.80
N ILE A 14 -6.38 -4.95 2.87
CA ILE A 14 -5.15 -5.64 2.50
C ILE A 14 -4.80 -6.74 3.50
N THR A 15 -4.26 -7.84 2.99
CA THR A 15 -3.88 -8.96 3.84
C THR A 15 -2.44 -8.85 4.29
N ASP A 16 -2.10 -9.56 5.37
CA ASP A 16 -0.74 -9.53 5.91
C ASP A 16 0.26 -10.03 4.87
N ASP A 17 -0.13 -11.06 4.12
CA ASP A 17 0.73 -11.64 3.10
C ASP A 17 0.92 -10.66 1.94
N GLN A 18 0.00 -9.70 1.82
CA GLN A 18 0.07 -8.72 0.75
C GLN A 18 0.82 -7.47 1.21
N LEU A 19 0.71 -7.16 2.50
CA LEU A 19 1.38 -5.99 3.06
C LEU A 19 2.89 -6.18 3.07
N ARG A 20 3.33 -7.36 3.51
CA ARG A 20 4.75 -7.66 3.58
C ARG A 20 5.45 -7.32 2.26
N VAL A 21 4.78 -7.64 1.15
CA VAL A 21 5.32 -7.37 -0.18
C VAL A 21 5.55 -5.88 -0.38
N LEU A 22 4.59 -5.07 0.05
CA LEU A 22 4.68 -3.62 -0.08
C LEU A 22 5.74 -3.05 0.87
N ARG A 23 5.82 -3.63 2.06
CA ARG A 23 6.79 -3.18 3.06
C ARG A 23 8.22 -3.43 2.58
N GLN A 24 8.47 -4.64 2.10
CA GLN A 24 9.80 -4.99 1.60
C GLN A 24 10.35 -3.91 0.69
N TYR A 25 9.50 -3.43 -0.23
CA TYR A 25 9.90 -2.39 -1.18
C TYR A 25 10.00 -1.04 -0.49
N PHE A 26 9.19 -0.85 0.54
CA PHE A 26 9.19 0.41 1.29
C PHE A 26 10.59 0.76 1.77
N ASP A 27 11.18 -0.14 2.55
CA ASP A 27 12.53 0.08 3.08
C ASP A 27 13.51 0.41 1.95
N ILE A 28 13.54 -0.44 0.93
CA ILE A 28 14.43 -0.23 -0.21
C ILE A 28 14.28 1.17 -0.77
N ASN A 29 13.04 1.65 -0.84
CA ASN A 29 12.76 2.98 -1.36
C ASN A 29 11.44 3.52 -0.80
N ASN A 30 11.47 4.75 -0.33
CA ASN A 30 10.28 5.38 0.23
C ASN A 30 9.04 5.04 -0.59
N SER A 31 8.96 5.58 -1.80
CA SER A 31 7.84 5.33 -2.68
C SER A 31 8.25 4.48 -3.89
N PRO A 32 7.36 3.59 -4.32
CA PRO A 32 7.61 2.71 -5.46
C PRO A 32 7.65 3.46 -6.79
N SER A 33 8.17 2.81 -7.82
CA SER A 33 8.27 3.42 -9.14
C SER A 33 7.23 2.83 -10.10
N GLU A 34 6.79 3.64 -11.05
CA GLU A 34 5.80 3.20 -12.03
C GLU A 34 6.04 1.74 -12.43
N GLU A 35 7.30 1.32 -12.39
CA GLU A 35 7.66 -0.04 -12.75
C GLU A 35 7.33 -1.01 -11.61
N GLN A 36 7.64 -0.60 -10.38
CA GLN A 36 7.37 -1.42 -9.21
C GLN A 36 5.88 -1.52 -8.93
N ILE A 37 5.22 -0.36 -8.89
CA ILE A 37 3.79 -0.30 -8.63
C ILE A 37 3.04 -1.32 -9.48
N LYS A 38 3.59 -1.62 -10.65
CA LYS A 38 2.97 -2.58 -11.56
C LYS A 38 3.37 -4.01 -11.21
N GLU A 39 4.67 -4.23 -11.06
CA GLU A 39 5.19 -5.55 -10.73
C GLU A 39 4.56 -6.07 -9.45
N MET A 40 4.21 -5.16 -8.54
CA MET A 40 3.60 -5.52 -7.28
C MET A 40 2.10 -5.76 -7.46
N ALA A 41 1.42 -4.83 -8.10
CA ALA A 41 -0.01 -4.93 -8.34
C ALA A 41 -0.38 -6.33 -8.82
N ASP A 42 0.57 -6.99 -9.48
CA ASP A 42 0.34 -8.34 -10.00
C ASP A 42 0.81 -9.39 -9.01
N LYS A 43 1.97 -9.16 -8.41
CA LYS A 43 2.54 -10.08 -7.43
C LYS A 43 1.56 -10.34 -6.29
N SER A 44 0.88 -9.28 -5.86
CA SER A 44 -0.10 -9.39 -4.77
C SER A 44 -1.52 -9.50 -5.33
N GLY A 45 -1.85 -8.61 -6.26
CA GLY A 45 -3.18 -8.62 -6.85
C GLY A 45 -3.94 -7.33 -6.60
N LEU A 46 -3.31 -6.41 -5.87
CA LEU A 46 -3.92 -5.13 -5.57
C LEU A 46 -3.71 -4.13 -6.70
N PRO A 47 -4.64 -3.18 -6.84
CA PRO A 47 -4.58 -2.15 -7.87
C PRO A 47 -3.46 -1.15 -7.62
N GLN A 48 -3.24 -0.26 -8.59
CA GLN A 48 -2.20 0.76 -8.48
C GLN A 48 -2.64 1.88 -7.55
N LYS A 49 -3.94 1.99 -7.33
CA LYS A 49 -4.49 3.02 -6.47
C LYS A 49 -4.39 2.62 -4.99
N VAL A 50 -4.51 1.33 -4.74
CA VAL A 50 -4.43 0.82 -3.38
C VAL A 50 -3.00 0.83 -2.87
N ILE A 51 -2.08 0.36 -3.70
CA ILE A 51 -0.66 0.34 -3.33
C ILE A 51 -0.10 1.75 -3.18
N LYS A 52 -0.22 2.53 -4.24
CA LYS A 52 0.27 3.90 -4.24
C LYS A 52 -0.19 4.65 -2.99
N HIS A 53 -1.48 4.53 -2.68
CA HIS A 53 -2.04 5.18 -1.50
C HIS A 53 -1.38 4.68 -0.22
N TRP A 54 -1.44 3.36 -0.02
CA TRP A 54 -0.85 2.75 1.17
C TRP A 54 0.52 3.34 1.47
N PHE A 55 1.32 3.52 0.41
CA PHE A 55 2.66 4.08 0.56
C PHE A 55 2.59 5.50 1.12
N ARG A 56 1.67 6.29 0.60
CA ARG A 56 1.52 7.68 1.05
C ARG A 56 1.01 7.72 2.49
N ASN A 57 -0.14 7.10 2.73
CA ASN A 57 -0.72 7.07 4.07
C ASN A 57 0.28 6.54 5.09
N THR A 58 0.93 5.44 4.76
CA THR A 58 1.91 4.84 5.65
C THR A 58 3.14 5.72 5.80
N LEU A 59 3.72 6.10 4.67
CA LEU A 59 4.91 6.96 4.68
C LEU A 59 4.63 8.27 5.42
N PHE A 60 3.73 9.07 4.88
CA PHE A 60 3.38 10.34 5.50
C PHE A 60 3.33 10.21 7.02
N LYS A 61 2.71 9.15 7.50
CA LYS A 61 2.59 8.91 8.93
C LYS A 61 3.96 8.71 9.56
N GLU A 62 4.76 7.84 8.97
CA GLU A 62 6.10 7.56 9.48
C GLU A 62 6.95 8.83 9.50
N ARG A 63 6.86 9.62 8.43
CA ARG A 63 7.61 10.87 8.33
C ARG A 63 7.28 11.79 9.50
N GLN A 64 6.01 11.86 9.87
CA GLN A 64 5.56 12.71 10.96
C GLN A 64 5.77 12.01 12.30
N SER A 65 6.09 12.80 13.33
CA SER A 65 6.31 12.26 14.66
C SER A 65 6.09 13.33 15.73
N GLY A 66 5.63 12.90 16.89
CA GLY A 66 5.38 13.83 17.98
C GLY A 66 4.11 13.50 18.75
N PRO A 67 2.95 13.65 18.08
CA PRO A 67 1.65 13.38 18.69
C PRO A 67 1.42 11.89 18.93
N SER A 68 2.16 11.06 18.19
CA SER A 68 2.04 9.61 18.33
C SER A 68 3.42 8.96 18.46
N SER A 69 3.42 7.65 18.72
CA SER A 69 4.67 6.92 18.87
C SER A 69 4.99 6.12 17.61
N GLY A 70 3.97 5.46 17.06
CA GLY A 70 4.16 4.67 15.86
C GLY A 70 4.78 5.47 14.74
N GLY A 1 -16.66 -20.56 8.53
CA GLY A 1 -17.68 -20.13 7.60
C GLY A 1 -17.13 -19.73 6.25
N SER A 2 -17.12 -20.67 5.31
CA SER A 2 -16.60 -20.41 3.97
C SER A 2 -17.69 -19.83 3.07
N SER A 3 -17.48 -18.60 2.63
CA SER A 3 -18.44 -17.92 1.77
C SER A 3 -17.80 -17.56 0.42
N GLY A 4 -17.95 -18.45 -0.55
CA GLY A 4 -17.39 -18.21 -1.87
C GLY A 4 -18.45 -18.21 -2.96
N SER A 5 -19.05 -17.06 -3.21
CA SER A 5 -20.08 -16.94 -4.23
C SER A 5 -20.19 -15.50 -4.74
N SER A 6 -20.52 -15.35 -6.01
CA SER A 6 -20.65 -14.03 -6.62
C SER A 6 -21.90 -13.32 -6.10
N GLY A 7 -21.68 -12.38 -5.17
CA GLY A 7 -22.80 -11.63 -4.61
C GLY A 7 -22.35 -10.49 -3.71
N LYS A 8 -21.33 -10.76 -2.90
CA LYS A 8 -20.80 -9.74 -1.99
C LYS A 8 -19.28 -9.63 -2.13
N ARG A 9 -18.75 -8.46 -1.80
CA ARG A 9 -17.32 -8.23 -1.89
C ARG A 9 -16.83 -7.41 -0.70
N PRO A 10 -15.57 -7.65 -0.30
CA PRO A 10 -14.96 -6.94 0.84
C PRO A 10 -14.67 -5.48 0.51
N ARG A 11 -14.22 -4.74 1.52
CA ARG A 11 -13.91 -3.32 1.36
C ARG A 11 -12.41 -3.08 1.45
N THR A 12 -12.01 -1.83 1.20
CA THR A 12 -10.59 -1.46 1.25
C THR A 12 -9.91 -2.11 2.46
N ARG A 13 -9.03 -3.07 2.18
CA ARG A 13 -8.31 -3.77 3.23
C ARG A 13 -7.21 -4.65 2.65
N ILE A 14 -6.04 -4.60 3.27
CA ILE A 14 -4.90 -5.40 2.81
C ILE A 14 -4.59 -6.53 3.79
N THR A 15 -4.06 -7.64 3.26
CA THR A 15 -3.72 -8.78 4.07
C THR A 15 -2.26 -8.74 4.51
N ASP A 16 -1.85 -9.73 5.29
CA ASP A 16 -0.48 -9.81 5.77
C ASP A 16 0.46 -10.31 4.66
N ASP A 17 -0.06 -11.21 3.83
CA ASP A 17 0.73 -11.76 2.74
C ASP A 17 0.89 -10.75 1.61
N GLN A 18 -0.02 -9.79 1.56
CA GLN A 18 0.01 -8.76 0.52
C GLN A 18 0.77 -7.52 1.02
N LEU A 19 0.65 -7.24 2.31
CA LEU A 19 1.31 -6.09 2.91
C LEU A 19 2.83 -6.29 2.94
N ARG A 20 3.26 -7.46 3.41
CA ARG A 20 4.67 -7.78 3.49
C ARG A 20 5.39 -7.41 2.19
N VAL A 21 4.77 -7.76 1.07
CA VAL A 21 5.34 -7.47 -0.24
C VAL A 21 5.59 -5.98 -0.42
N LEU A 22 4.68 -5.16 0.10
CA LEU A 22 4.80 -3.71 0.01
C LEU A 22 5.82 -3.18 1.00
N ARG A 23 5.90 -3.83 2.16
CA ARG A 23 6.84 -3.42 3.20
C ARG A 23 8.28 -3.60 2.72
N GLN A 24 8.57 -4.76 2.14
CA GLN A 24 9.91 -5.05 1.64
C GLN A 24 10.41 -3.93 0.72
N TYR A 25 9.50 -3.43 -0.12
CA TYR A 25 9.85 -2.36 -1.05
C TYR A 25 10.08 -1.05 -0.32
N PHE A 26 9.24 -0.78 0.68
CA PHE A 26 9.34 0.44 1.46
C PHE A 26 10.79 0.71 1.86
N ASP A 27 11.37 -0.23 2.60
CA ASP A 27 12.75 -0.10 3.05
C ASP A 27 13.68 0.20 1.87
N ILE A 28 13.69 -0.69 0.89
CA ILE A 28 14.53 -0.51 -0.28
C ILE A 28 14.41 0.90 -0.85
N ASN A 29 13.19 1.42 -0.86
CA ASN A 29 12.93 2.77 -1.37
C ASN A 29 11.65 3.34 -0.77
N ASN A 30 11.74 4.57 -0.28
CA ASN A 30 10.60 5.24 0.33
C ASN A 30 9.31 4.91 -0.44
N SER A 31 9.25 5.36 -1.69
CA SER A 31 8.07 5.11 -2.52
C SER A 31 8.46 4.35 -3.79
N PRO A 32 7.57 3.43 -4.22
CA PRO A 32 7.79 2.62 -5.42
C PRO A 32 7.72 3.43 -6.70
N SER A 33 8.16 2.84 -7.80
CA SER A 33 8.15 3.52 -9.09
C SER A 33 7.08 2.92 -10.00
N GLU A 34 6.59 3.73 -10.94
CA GLU A 34 5.56 3.28 -11.86
C GLU A 34 5.83 1.84 -12.32
N GLU A 35 7.10 1.46 -12.31
CA GLU A 35 7.49 0.11 -12.73
C GLU A 35 7.27 -0.89 -11.60
N GLN A 36 7.60 -0.47 -10.37
CA GLN A 36 7.43 -1.34 -9.21
C GLN A 36 5.95 -1.46 -8.82
N ILE A 37 5.28 -0.32 -8.72
CA ILE A 37 3.88 -0.29 -8.36
C ILE A 37 3.07 -1.29 -9.20
N LYS A 38 3.53 -1.52 -10.42
CA LYS A 38 2.87 -2.45 -11.32
C LYS A 38 3.24 -3.89 -11.00
N GLU A 39 4.54 -4.18 -10.96
CA GLU A 39 5.03 -5.51 -10.66
C GLU A 39 4.44 -6.02 -9.35
N MET A 40 4.25 -5.11 -8.39
CA MET A 40 3.70 -5.47 -7.09
C MET A 40 2.19 -5.73 -7.20
N ALA A 41 1.49 -4.84 -7.91
CA ALA A 41 0.05 -4.97 -8.08
C ALA A 41 -0.32 -6.39 -8.51
N ASP A 42 0.58 -7.05 -9.24
CA ASP A 42 0.34 -8.41 -9.71
C ASP A 42 0.89 -9.42 -8.70
N LYS A 43 2.02 -9.10 -8.09
CA LYS A 43 2.65 -9.99 -7.11
C LYS A 43 1.71 -10.25 -5.94
N SER A 44 0.92 -9.23 -5.58
CA SER A 44 -0.02 -9.36 -4.47
C SER A 44 -1.45 -9.47 -4.98
N GLY A 45 -1.80 -8.60 -5.93
CA GLY A 45 -3.14 -8.61 -6.48
C GLY A 45 -3.85 -7.29 -6.32
N LEU A 46 -3.26 -6.40 -5.54
CA LEU A 46 -3.84 -5.08 -5.30
C LEU A 46 -3.62 -4.15 -6.49
N PRO A 47 -4.55 -3.22 -6.69
CA PRO A 47 -4.48 -2.26 -7.80
C PRO A 47 -3.36 -1.23 -7.60
N GLN A 48 -3.21 -0.34 -8.57
CA GLN A 48 -2.18 0.70 -8.50
C GLN A 48 -2.63 1.85 -7.61
N LYS A 49 -3.94 2.02 -7.49
CA LYS A 49 -4.50 3.10 -6.68
C LYS A 49 -4.41 2.75 -5.19
N VAL A 50 -4.60 1.47 -4.87
CA VAL A 50 -4.54 1.02 -3.49
C VAL A 50 -3.11 1.03 -2.97
N ILE A 51 -2.20 0.44 -3.74
CA ILE A 51 -0.80 0.38 -3.36
C ILE A 51 -0.21 1.78 -3.23
N LYS A 52 -0.33 2.58 -4.28
CA LYS A 52 0.19 3.94 -4.28
C LYS A 52 -0.25 4.68 -3.01
N HIS A 53 -1.54 4.62 -2.72
CA HIS A 53 -2.09 5.29 -1.55
C HIS A 53 -1.43 4.76 -0.27
N TRP A 54 -1.51 3.45 -0.07
CA TRP A 54 -0.93 2.82 1.11
C TRP A 54 0.46 3.38 1.39
N PHE A 55 1.25 3.55 0.33
CA PHE A 55 2.60 4.08 0.47
C PHE A 55 2.58 5.52 0.97
N ARG A 56 1.60 6.29 0.50
CA ARG A 56 1.48 7.69 0.90
C ARG A 56 0.98 7.79 2.33
N ASN A 57 -0.16 7.16 2.61
CA ASN A 57 -0.73 7.19 3.95
C ASN A 57 0.27 6.70 4.99
N THR A 58 0.91 5.57 4.70
CA THR A 58 1.89 5.00 5.61
C THR A 58 3.12 5.88 5.72
N LEU A 59 3.72 6.21 4.57
CA LEU A 59 4.91 7.05 4.54
C LEU A 59 4.66 8.38 5.24
N PHE A 60 3.71 9.15 4.72
CA PHE A 60 3.38 10.44 5.30
C PHE A 60 3.26 10.35 6.81
N LYS A 61 2.58 9.30 7.29
CA LYS A 61 2.39 9.09 8.72
C LYS A 61 3.74 8.93 9.42
N GLU A 62 4.65 8.23 8.77
CA GLU A 62 5.99 8.00 9.33
C GLU A 62 6.81 9.28 9.31
N ARG A 63 6.52 10.14 8.34
CA ARG A 63 7.25 11.41 8.21
C ARG A 63 6.77 12.42 9.25
N GLN A 64 5.45 12.46 9.46
CA GLN A 64 4.87 13.39 10.42
C GLN A 64 5.10 12.90 11.85
N SER A 65 4.78 11.65 12.10
CA SER A 65 4.96 11.06 13.42
C SER A 65 6.35 11.38 13.98
N GLY A 66 6.50 11.26 15.30
CA GLY A 66 7.77 11.52 15.93
C GLY A 66 7.75 12.80 16.75
N PRO A 67 8.90 13.14 17.35
CA PRO A 67 9.03 14.33 18.19
C PRO A 67 8.97 15.62 17.36
N SER A 68 9.49 15.55 16.14
CA SER A 68 9.49 16.71 15.25
C SER A 68 8.12 17.37 15.20
N SER A 69 8.10 18.68 14.95
CA SER A 69 6.85 19.43 14.88
C SER A 69 7.04 20.71 14.07
N GLY A 70 5.94 21.42 13.85
CA GLY A 70 5.99 22.66 13.10
C GLY A 70 4.68 23.42 13.13
N GLY A 1 -7.30 -13.74 16.18
CA GLY A 1 -7.10 -13.06 14.92
C GLY A 1 -8.01 -13.58 13.83
N SER A 2 -9.27 -13.13 13.83
CA SER A 2 -10.24 -13.56 12.85
C SER A 2 -9.99 -12.88 11.51
N SER A 3 -10.27 -13.59 10.43
CA SER A 3 -10.08 -13.06 9.08
C SER A 3 -11.10 -13.64 8.11
N GLY A 4 -11.45 -12.87 7.08
CA GLY A 4 -12.41 -13.32 6.10
C GLY A 4 -12.55 -12.36 4.94
N SER A 5 -12.69 -12.91 3.73
CA SER A 5 -12.82 -12.09 2.54
C SER A 5 -13.85 -12.70 1.57
N SER A 6 -14.09 -12.01 0.47
CA SER A 6 -15.04 -12.48 -0.53
C SER A 6 -14.72 -11.89 -1.90
N GLY A 7 -15.22 -12.56 -2.95
CA GLY A 7 -14.97 -12.10 -4.30
C GLY A 7 -15.66 -10.78 -4.59
N LYS A 8 -15.05 -9.98 -5.46
CA LYS A 8 -15.61 -8.68 -5.84
C LYS A 8 -16.21 -7.99 -4.62
N ARG A 9 -15.49 -8.01 -3.50
CA ARG A 9 -15.96 -7.39 -2.26
C ARG A 9 -15.56 -5.91 -2.24
N PRO A 10 -16.49 -5.08 -1.74
CA PRO A 10 -16.26 -3.62 -1.64
C PRO A 10 -15.22 -3.28 -0.58
N ARG A 11 -14.30 -2.38 -0.94
CA ARG A 11 -13.25 -1.95 -0.01
C ARG A 11 -12.40 -3.14 0.41
N THR A 12 -11.86 -3.86 -0.56
CA THR A 12 -11.02 -5.02 -0.29
C THR A 12 -9.97 -4.70 0.77
N ARG A 13 -9.82 -5.59 1.75
CA ARG A 13 -8.85 -5.40 2.82
C ARG A 13 -7.55 -6.13 2.50
N ILE A 14 -6.43 -5.50 2.84
CA ILE A 14 -5.12 -6.10 2.61
C ILE A 14 -4.75 -7.08 3.71
N THR A 15 -4.01 -8.12 3.34
CA THR A 15 -3.59 -9.13 4.30
C THR A 15 -2.10 -9.04 4.59
N ASP A 16 -1.64 -9.78 5.59
CA ASP A 16 -0.23 -9.77 5.96
C ASP A 16 0.64 -10.33 4.84
N ASP A 17 0.02 -11.12 3.97
CA ASP A 17 0.74 -11.71 2.84
C ASP A 17 0.89 -10.71 1.70
N GLN A 18 -0.03 -9.77 1.62
CA GLN A 18 0.00 -8.75 0.58
C GLN A 18 0.78 -7.52 1.04
N LEU A 19 0.62 -7.15 2.30
CA LEU A 19 1.30 -6.00 2.85
C LEU A 19 2.80 -6.23 2.91
N ARG A 20 3.21 -7.39 3.43
CA ARG A 20 4.62 -7.73 3.53
C ARG A 20 5.35 -7.43 2.22
N VAL A 21 4.74 -7.82 1.11
CA VAL A 21 5.33 -7.59 -0.20
C VAL A 21 5.60 -6.11 -0.43
N LEU A 22 4.70 -5.26 0.05
CA LEU A 22 4.85 -3.82 -0.10
C LEU A 22 5.89 -3.28 0.88
N ARG A 23 5.99 -3.91 2.04
CA ARG A 23 6.94 -3.49 3.07
C ARG A 23 8.37 -3.67 2.59
N GLN A 24 8.65 -4.84 2.01
CA GLN A 24 9.98 -5.15 1.51
C GLN A 24 10.48 -4.04 0.59
N TYR A 25 9.62 -3.58 -0.30
CA TYR A 25 9.98 -2.52 -1.24
C TYR A 25 10.07 -1.18 -0.53
N PHE A 26 9.28 -0.99 0.52
CA PHE A 26 9.27 0.25 1.27
C PHE A 26 10.68 0.63 1.70
N ASP A 27 11.33 -0.27 2.43
CA ASP A 27 12.69 -0.04 2.91
C ASP A 27 13.63 0.26 1.74
N ILE A 28 13.67 -0.65 0.77
CA ILE A 28 14.53 -0.48 -0.39
C ILE A 28 14.42 0.92 -0.96
N ASN A 29 13.21 1.47 -0.96
CA ASN A 29 12.97 2.82 -1.47
C ASN A 29 11.70 3.40 -0.87
N ASN A 30 11.80 4.62 -0.36
CA ASN A 30 10.66 5.31 0.24
C ASN A 30 9.37 4.96 -0.50
N SER A 31 9.24 5.47 -1.72
CA SER A 31 8.06 5.23 -2.54
C SER A 31 8.42 4.43 -3.79
N PRO A 32 7.51 3.53 -4.18
CA PRO A 32 7.70 2.68 -5.37
C PRO A 32 7.63 3.48 -6.67
N SER A 33 8.16 2.90 -7.74
CA SER A 33 8.16 3.56 -9.04
C SER A 33 7.14 2.92 -9.98
N GLU A 34 6.66 3.70 -10.94
CA GLU A 34 5.67 3.21 -11.89
C GLU A 34 5.96 1.76 -12.28
N GLU A 35 7.24 1.39 -12.23
CA GLU A 35 7.65 0.04 -12.57
C GLU A 35 7.34 -0.94 -11.45
N GLN A 36 7.68 -0.55 -10.22
CA GLN A 36 7.44 -1.38 -9.05
C GLN A 36 5.95 -1.45 -8.74
N ILE A 37 5.29 -0.30 -8.70
CA ILE A 37 3.87 -0.24 -8.41
C ILE A 37 3.09 -1.24 -9.27
N LYS A 38 3.64 -1.56 -10.43
CA LYS A 38 3.00 -2.51 -11.34
C LYS A 38 3.39 -3.94 -11.00
N GLU A 39 4.69 -4.18 -10.88
CA GLU A 39 5.20 -5.51 -10.56
C GLU A 39 4.57 -6.04 -9.27
N MET A 40 4.31 -5.12 -8.33
CA MET A 40 3.70 -5.49 -7.05
C MET A 40 2.20 -5.73 -7.21
N ALA A 41 1.52 -4.78 -7.86
CA ALA A 41 0.08 -4.90 -8.07
C ALA A 41 -0.29 -6.28 -8.58
N ASP A 42 0.67 -6.96 -9.21
CA ASP A 42 0.44 -8.30 -9.74
C ASP A 42 0.88 -9.36 -8.74
N LYS A 43 1.96 -9.08 -8.01
CA LYS A 43 2.48 -10.02 -7.02
C LYS A 43 1.48 -10.21 -5.88
N SER A 44 0.82 -9.13 -5.48
CA SER A 44 -0.16 -9.19 -4.41
C SER A 44 -1.58 -9.24 -4.97
N GLY A 45 -1.80 -8.54 -6.08
CA GLY A 45 -3.11 -8.51 -6.69
C GLY A 45 -3.82 -7.18 -6.49
N LEU A 46 -3.21 -6.31 -5.70
CA LEU A 46 -3.78 -5.00 -5.42
C LEU A 46 -3.56 -4.04 -6.59
N PRO A 47 -4.50 -3.12 -6.80
CA PRO A 47 -4.43 -2.13 -7.88
C PRO A 47 -3.34 -1.10 -7.65
N GLN A 48 -3.14 -0.21 -8.62
CA GLN A 48 -2.13 0.82 -8.51
C GLN A 48 -2.61 1.97 -7.62
N LYS A 49 -3.92 2.11 -7.49
CA LYS A 49 -4.51 3.16 -6.67
C LYS A 49 -4.40 2.80 -5.18
N VAL A 50 -4.66 1.55 -4.86
CA VAL A 50 -4.58 1.08 -3.48
C VAL A 50 -3.14 1.09 -2.97
N ILE A 51 -2.23 0.56 -3.79
CA ILE A 51 -0.83 0.51 -3.43
C ILE A 51 -0.25 1.91 -3.25
N LYS A 52 -0.35 2.72 -4.30
CA LYS A 52 0.15 4.09 -4.26
C LYS A 52 -0.31 4.80 -3.00
N HIS A 53 -1.59 4.69 -2.71
CA HIS A 53 -2.16 5.33 -1.52
C HIS A 53 -1.52 4.79 -0.25
N TRP A 54 -1.62 3.48 -0.05
CA TRP A 54 -1.05 2.84 1.13
C TRP A 54 0.33 3.41 1.44
N PHE A 55 1.17 3.51 0.42
CA PHE A 55 2.52 4.03 0.58
C PHE A 55 2.49 5.48 1.09
N ARG A 56 1.52 6.24 0.60
CA ARG A 56 1.37 7.63 1.01
C ARG A 56 0.81 7.73 2.43
N ASN A 57 -0.39 7.20 2.63
CA ASN A 57 -1.04 7.23 3.93
C ASN A 57 -0.11 6.65 5.01
N THR A 58 0.76 5.74 4.60
CA THR A 58 1.70 5.11 5.53
C THR A 58 2.97 5.94 5.67
N LEU A 59 3.65 6.15 4.55
CA LEU A 59 4.89 6.93 4.55
C LEU A 59 4.68 8.29 5.23
N PHE A 60 3.69 9.04 4.75
CA PHE A 60 3.38 10.35 5.30
C PHE A 60 3.55 10.35 6.83
N LYS A 61 3.08 9.27 7.46
CA LYS A 61 3.17 9.14 8.90
C LYS A 61 4.58 8.77 9.34
N GLU A 62 5.21 7.86 8.59
CA GLU A 62 6.56 7.42 8.90
C GLU A 62 7.48 8.61 9.12
N ARG A 63 7.46 9.55 8.18
CA ARG A 63 8.29 10.75 8.27
C ARG A 63 7.72 11.73 9.29
N GLN A 64 6.41 11.83 9.33
CA GLN A 64 5.74 12.73 10.28
C GLN A 64 6.28 12.54 11.68
N SER A 65 6.26 11.29 12.15
CA SER A 65 6.74 10.97 13.49
C SER A 65 7.97 10.07 13.43
N GLY A 66 8.97 10.37 14.25
CA GLY A 66 10.18 9.57 14.28
C GLY A 66 11.39 10.34 13.77
N PRO A 67 11.69 10.17 12.47
CA PRO A 67 12.82 10.85 11.83
C PRO A 67 12.60 12.35 11.68
N SER A 68 12.92 13.09 12.74
CA SER A 68 12.76 14.55 12.73
C SER A 68 13.96 15.23 13.38
N SER A 69 14.29 16.42 12.89
CA SER A 69 15.41 17.18 13.41
C SER A 69 15.17 17.56 14.87
N GLY A 70 13.96 18.02 15.16
CA GLY A 70 13.62 18.41 16.53
C GLY A 70 14.61 19.40 17.10
N GLY A 1 -7.26 -15.16 -22.49
CA GLY A 1 -7.83 -14.31 -21.46
C GLY A 1 -9.02 -14.94 -20.78
N SER A 2 -9.40 -14.41 -19.62
CA SER A 2 -10.53 -14.94 -18.86
C SER A 2 -11.17 -13.84 -18.02
N SER A 3 -12.46 -13.61 -18.25
CA SER A 3 -13.19 -12.59 -17.50
C SER A 3 -14.70 -12.79 -17.64
N GLY A 4 -15.44 -12.31 -16.66
CA GLY A 4 -16.89 -12.46 -16.69
C GLY A 4 -17.58 -11.59 -15.65
N SER A 5 -18.90 -11.53 -15.72
CA SER A 5 -19.67 -10.72 -14.78
C SER A 5 -20.20 -11.59 -13.63
N SER A 6 -20.71 -10.93 -12.60
CA SER A 6 -21.25 -11.64 -11.43
C SER A 6 -22.04 -10.69 -10.55
N GLY A 7 -22.95 -11.25 -9.76
CA GLY A 7 -23.78 -10.45 -8.87
C GLY A 7 -22.95 -9.68 -7.86
N LYS A 8 -23.16 -9.97 -6.58
CA LYS A 8 -22.43 -9.30 -5.51
C LYS A 8 -20.94 -9.25 -5.81
N ARG A 9 -20.19 -8.54 -4.99
CA ARG A 9 -18.75 -8.42 -5.16
C ARG A 9 -18.04 -8.24 -3.83
N PRO A 10 -16.78 -8.67 -3.75
CA PRO A 10 -15.97 -8.57 -2.53
C PRO A 10 -15.60 -7.13 -2.21
N ARG A 11 -15.08 -6.91 -1.01
CA ARG A 11 -14.68 -5.57 -0.57
C ARG A 11 -13.17 -5.47 -0.49
N THR A 12 -12.66 -4.23 -0.50
CA THR A 12 -11.22 -3.98 -0.42
C THR A 12 -10.68 -4.31 0.96
N ARG A 13 -9.61 -5.10 1.01
CA ARG A 13 -9.00 -5.47 2.27
C ARG A 13 -7.63 -6.09 2.04
N ILE A 14 -6.60 -5.51 2.65
CA ILE A 14 -5.24 -6.01 2.52
C ILE A 14 -4.88 -6.95 3.65
N THR A 15 -4.13 -8.00 3.34
CA THR A 15 -3.71 -8.98 4.33
C THR A 15 -2.22 -8.87 4.63
N ASP A 16 -1.76 -9.59 5.65
CA ASP A 16 -0.35 -9.58 6.02
C ASP A 16 0.51 -10.14 4.90
N ASP A 17 -0.05 -11.06 4.13
CA ASP A 17 0.67 -11.68 3.02
C ASP A 17 0.86 -10.68 1.88
N GLN A 18 -0.06 -9.73 1.77
CA GLN A 18 0.01 -8.72 0.72
C GLN A 18 0.81 -7.51 1.18
N LEU A 19 0.74 -7.21 2.47
CA LEU A 19 1.44 -6.07 3.04
C LEU A 19 2.95 -6.29 2.99
N ARG A 20 3.39 -7.48 3.40
CA ARG A 20 4.81 -7.81 3.39
C ARG A 20 5.45 -7.45 2.06
N VAL A 21 4.70 -7.63 0.97
CA VAL A 21 5.19 -7.32 -0.36
C VAL A 21 5.44 -5.83 -0.52
N LEU A 22 4.55 -5.02 0.05
CA LEU A 22 4.67 -3.57 -0.03
C LEU A 22 5.74 -3.06 0.93
N ARG A 23 5.88 -3.75 2.06
CA ARG A 23 6.86 -3.37 3.06
C ARG A 23 8.29 -3.57 2.54
N GLN A 24 8.57 -4.78 2.08
CA GLN A 24 9.89 -5.11 1.55
C GLN A 24 10.41 -4.00 0.65
N TYR A 25 9.53 -3.47 -0.20
CA TYR A 25 9.89 -2.40 -1.12
C TYR A 25 10.11 -1.09 -0.37
N PHE A 26 9.25 -0.83 0.61
CA PHE A 26 9.33 0.39 1.39
C PHE A 26 10.76 0.61 1.90
N ASP A 27 11.32 -0.41 2.53
CA ASP A 27 12.68 -0.34 3.06
C ASP A 27 13.68 -0.04 1.95
N ILE A 28 13.62 -0.84 0.88
CA ILE A 28 14.52 -0.66 -0.25
C ILE A 28 14.38 0.72 -0.86
N ASN A 29 13.22 1.34 -0.65
CA ASN A 29 12.96 2.67 -1.18
C ASN A 29 11.70 3.27 -0.56
N ASN A 30 11.77 4.54 -0.18
CA ASN A 30 10.64 5.22 0.42
C ASN A 30 9.34 4.89 -0.31
N SER A 31 9.29 5.23 -1.60
CA SER A 31 8.12 4.98 -2.41
C SER A 31 8.49 4.23 -3.68
N PRO A 32 7.61 3.32 -4.13
CA PRO A 32 7.82 2.52 -5.33
C PRO A 32 7.74 3.36 -6.60
N SER A 33 8.22 2.78 -7.71
CA SER A 33 8.20 3.48 -8.99
C SER A 33 7.19 2.85 -9.94
N GLU A 34 6.72 3.63 -10.90
CA GLU A 34 5.75 3.15 -11.87
C GLU A 34 6.03 1.70 -12.26
N GLU A 35 7.31 1.32 -12.17
CA GLU A 35 7.71 -0.04 -12.52
C GLU A 35 7.39 -1.01 -11.38
N GLN A 36 7.77 -0.63 -10.16
CA GLN A 36 7.51 -1.46 -9.00
C GLN A 36 6.03 -1.53 -8.68
N ILE A 37 5.38 -0.37 -8.69
CA ILE A 37 3.95 -0.29 -8.39
C ILE A 37 3.15 -1.25 -9.28
N LYS A 38 3.69 -1.52 -10.46
CA LYS A 38 3.03 -2.43 -11.40
C LYS A 38 3.42 -3.87 -11.14
N GLU A 39 4.73 -4.11 -10.99
CA GLU A 39 5.23 -5.45 -10.72
C GLU A 39 4.61 -6.03 -9.45
N MET A 40 4.27 -5.15 -8.51
CA MET A 40 3.67 -5.58 -7.25
C MET A 40 2.16 -5.76 -7.41
N ALA A 41 1.51 -4.78 -8.01
CA ALA A 41 0.07 -4.83 -8.23
C ALA A 41 -0.34 -6.19 -8.80
N ASP A 42 0.56 -6.82 -9.54
CA ASP A 42 0.29 -8.12 -10.14
C ASP A 42 0.74 -9.25 -9.23
N LYS A 43 1.92 -9.08 -8.64
CA LYS A 43 2.47 -10.09 -7.73
C LYS A 43 1.48 -10.41 -6.62
N SER A 44 0.83 -9.38 -6.10
CA SER A 44 -0.14 -9.55 -5.02
C SER A 44 -1.57 -9.56 -5.56
N GLY A 45 -1.83 -8.70 -6.54
CA GLY A 45 -3.15 -8.63 -7.13
C GLY A 45 -3.84 -7.31 -6.85
N LEU A 46 -3.19 -6.46 -6.06
CA LEU A 46 -3.73 -5.15 -5.72
C LEU A 46 -3.52 -4.15 -6.85
N PRO A 47 -4.46 -3.20 -6.98
CA PRO A 47 -4.39 -2.17 -8.02
C PRO A 47 -3.27 -1.16 -7.76
N GLN A 48 -3.14 -0.19 -8.66
CA GLN A 48 -2.11 0.83 -8.54
C GLN A 48 -2.58 1.97 -7.63
N LYS A 49 -3.89 2.03 -7.40
CA LYS A 49 -4.47 3.07 -6.56
C LYS A 49 -4.38 2.68 -5.08
N VAL A 50 -4.69 1.43 -4.79
CA VAL A 50 -4.63 0.94 -3.41
C VAL A 50 -3.19 0.88 -2.90
N ILE A 51 -2.29 0.40 -3.74
CA ILE A 51 -0.88 0.29 -3.38
C ILE A 51 -0.27 1.67 -3.15
N LYS A 52 -0.39 2.54 -4.14
CA LYS A 52 0.15 3.89 -4.05
C LYS A 52 -0.37 4.59 -2.79
N HIS A 53 -1.69 4.61 -2.63
CA HIS A 53 -2.30 5.25 -1.47
C HIS A 53 -1.73 4.70 -0.17
N TRP A 54 -1.62 3.37 -0.10
CA TRP A 54 -1.08 2.73 1.10
C TRP A 54 0.28 3.30 1.47
N PHE A 55 1.19 3.35 0.49
CA PHE A 55 2.52 3.88 0.71
C PHE A 55 2.46 5.29 1.30
N ARG A 56 1.47 6.06 0.86
CA ARG A 56 1.30 7.43 1.34
C ARG A 56 0.79 7.44 2.79
N ASN A 57 -0.24 6.65 3.06
CA ASN A 57 -0.81 6.56 4.40
C ASN A 57 0.28 6.37 5.44
N THR A 58 1.29 5.58 5.10
CA THR A 58 2.39 5.29 6.00
C THR A 58 3.52 6.32 5.84
N LEU A 59 3.87 6.60 4.59
CA LEU A 59 4.93 7.55 4.29
C LEU A 59 4.52 8.97 4.71
N PHE A 60 3.45 9.47 4.10
CA PHE A 60 2.95 10.81 4.40
C PHE A 60 3.13 11.13 5.89
N LYS A 61 2.77 10.17 6.73
CA LYS A 61 2.87 10.34 8.18
C LYS A 61 4.33 10.38 8.61
N GLU A 62 5.15 9.51 8.03
CA GLU A 62 6.56 9.45 8.35
C GLU A 62 7.22 10.81 8.20
N ARG A 63 6.66 11.64 7.32
CA ARG A 63 7.19 12.98 7.08
C ARG A 63 6.70 13.94 8.17
N GLN A 64 5.43 13.86 8.50
CA GLN A 64 4.85 14.74 9.52
C GLN A 64 4.90 14.07 10.90
N SER A 65 4.31 14.73 11.89
CA SER A 65 4.29 14.21 13.24
C SER A 65 2.87 13.91 13.69
N GLY A 66 2.70 12.85 14.48
CA GLY A 66 1.39 12.47 14.97
C GLY A 66 1.40 12.08 16.43
N PRO A 67 1.46 13.09 17.31
CA PRO A 67 1.48 12.87 18.76
C PRO A 67 0.14 12.35 19.29
N SER A 68 -0.94 12.72 18.61
CA SER A 68 -2.28 12.31 19.01
C SER A 68 -2.53 10.86 18.60
N SER A 69 -2.35 10.57 17.31
CA SER A 69 -2.57 9.22 16.79
C SER A 69 -3.94 8.70 17.19
N GLY A 70 -4.94 9.57 17.11
CA GLY A 70 -6.29 9.19 17.47
C GLY A 70 -6.37 8.59 18.86
N GLY A 1 -3.19 -17.23 -6.16
CA GLY A 1 -2.94 -16.02 -6.92
C GLY A 1 -4.22 -15.41 -7.47
N SER A 2 -4.07 -14.44 -8.38
CA SER A 2 -5.22 -13.78 -8.97
C SER A 2 -4.85 -13.12 -10.29
N SER A 3 -5.32 -13.71 -11.39
CA SER A 3 -5.04 -13.19 -12.73
C SER A 3 -6.16 -13.55 -13.70
N GLY A 4 -6.24 -12.79 -14.80
CA GLY A 4 -7.27 -13.05 -15.79
C GLY A 4 -8.36 -11.99 -15.78
N SER A 5 -9.30 -12.10 -16.71
CA SER A 5 -10.40 -11.15 -16.80
C SER A 5 -11.63 -11.65 -16.04
N SER A 6 -12.01 -10.91 -15.00
CA SER A 6 -13.15 -11.28 -14.18
C SER A 6 -13.58 -10.12 -13.29
N GLY A 7 -14.89 -9.98 -13.09
CA GLY A 7 -15.40 -8.91 -12.27
C GLY A 7 -15.11 -9.12 -10.79
N LYS A 8 -14.59 -8.09 -10.14
CA LYS A 8 -14.26 -8.17 -8.71
C LYS A 8 -14.87 -7.01 -7.95
N ARG A 9 -14.87 -7.10 -6.62
CA ARG A 9 -15.42 -6.06 -5.78
C ARG A 9 -14.59 -4.78 -5.87
N PRO A 10 -15.27 -3.63 -5.89
CA PRO A 10 -14.62 -2.32 -5.98
C PRO A 10 -13.86 -1.96 -4.70
N ARG A 11 -14.32 -2.49 -3.58
CA ARG A 11 -13.69 -2.22 -2.29
C ARG A 11 -13.09 -3.50 -1.71
N THR A 12 -11.78 -3.48 -1.48
CA THR A 12 -11.09 -4.64 -0.94
C THR A 12 -10.03 -4.21 0.09
N ARG A 13 -9.84 -5.04 1.12
CA ARG A 13 -8.88 -4.75 2.16
C ARG A 13 -7.55 -5.43 1.87
N ILE A 14 -6.47 -4.90 2.46
CA ILE A 14 -5.14 -5.45 2.26
C ILE A 14 -4.80 -6.45 3.35
N THR A 15 -4.25 -7.59 2.95
CA THR A 15 -3.87 -8.65 3.89
C THR A 15 -2.40 -8.55 4.25
N ASP A 16 -1.96 -9.42 5.16
CA ASP A 16 -0.57 -9.44 5.60
C ASP A 16 0.34 -9.91 4.47
N ASP A 17 0.03 -11.07 3.90
CA ASP A 17 0.83 -11.63 2.82
C ASP A 17 0.97 -10.63 1.68
N GLN A 18 0.07 -9.65 1.64
CA GLN A 18 0.09 -8.63 0.60
C GLN A 18 0.81 -7.38 1.08
N LEU A 19 0.56 -7.00 2.32
CA LEU A 19 1.18 -5.82 2.91
C LEU A 19 2.69 -5.99 3.00
N ARG A 20 3.13 -7.18 3.39
CA ARG A 20 4.56 -7.47 3.52
C ARG A 20 5.30 -7.12 2.24
N VAL A 21 4.71 -7.49 1.10
CA VAL A 21 5.31 -7.22 -0.20
C VAL A 21 5.52 -5.73 -0.41
N LEU A 22 4.60 -4.92 0.12
CA LEU A 22 4.68 -3.47 -0.01
C LEU A 22 5.72 -2.90 0.95
N ARG A 23 5.92 -3.58 2.07
CA ARG A 23 6.88 -3.12 3.07
C ARG A 23 8.32 -3.36 2.58
N GLN A 24 8.61 -4.60 2.20
CA GLN A 24 9.94 -4.96 1.71
C GLN A 24 10.47 -3.89 0.76
N TYR A 25 9.60 -3.40 -0.13
CA TYR A 25 9.99 -2.38 -1.09
C TYR A 25 10.24 -1.04 -0.39
N PHE A 26 9.42 -0.74 0.61
CA PHE A 26 9.54 0.51 1.35
C PHE A 26 10.97 0.72 1.83
N ASP A 27 11.52 -0.31 2.48
CA ASP A 27 12.89 -0.24 2.99
C ASP A 27 13.89 0.00 1.85
N ILE A 28 13.68 -0.70 0.75
CA ILE A 28 14.56 -0.56 -0.41
C ILE A 28 14.39 0.80 -1.07
N ASN A 29 13.23 1.41 -0.86
CA ASN A 29 12.94 2.73 -1.43
C ASN A 29 11.66 3.31 -0.84
N ASN A 30 11.79 4.50 -0.24
CA ASN A 30 10.65 5.16 0.37
C ASN A 30 9.37 4.88 -0.41
N SER A 31 9.33 5.33 -1.67
CA SER A 31 8.17 5.11 -2.51
C SER A 31 8.52 4.28 -3.74
N PRO A 32 7.58 3.43 -4.16
CA PRO A 32 7.78 2.55 -5.32
C PRO A 32 7.80 3.33 -6.63
N SER A 33 8.28 2.68 -7.69
CA SER A 33 8.35 3.31 -9.01
C SER A 33 7.28 2.76 -9.94
N GLU A 34 6.85 3.58 -10.89
CA GLU A 34 5.83 3.17 -11.85
C GLU A 34 6.04 1.73 -12.28
N GLU A 35 7.28 1.26 -12.21
CA GLU A 35 7.62 -0.10 -12.60
C GLU A 35 7.30 -1.08 -11.49
N GLN A 36 7.62 -0.68 -10.25
CA GLN A 36 7.36 -1.53 -9.09
C GLN A 36 5.87 -1.60 -8.78
N ILE A 37 5.22 -0.43 -8.76
CA ILE A 37 3.80 -0.35 -8.47
C ILE A 37 3.01 -1.34 -9.34
N LYS A 38 3.53 -1.62 -10.53
CA LYS A 38 2.88 -2.54 -11.44
C LYS A 38 3.29 -3.98 -11.15
N GLU A 39 4.60 -4.20 -11.07
CA GLU A 39 5.12 -5.54 -10.80
C GLU A 39 4.53 -6.11 -9.52
N MET A 40 4.22 -5.22 -8.57
CA MET A 40 3.63 -5.64 -7.30
C MET A 40 2.13 -5.86 -7.43
N ALA A 41 1.45 -4.90 -8.05
CA ALA A 41 0.00 -5.00 -8.24
C ALA A 41 -0.39 -6.38 -8.74
N ASP A 42 0.53 -7.05 -9.43
CA ASP A 42 0.28 -8.38 -9.96
C ASP A 42 0.76 -9.46 -8.99
N LYS A 43 1.91 -9.21 -8.35
CA LYS A 43 2.47 -10.15 -7.40
C LYS A 43 1.51 -10.41 -6.25
N SER A 44 0.96 -9.34 -5.70
CA SER A 44 0.01 -9.44 -4.58
C SER A 44 -1.42 -9.57 -5.09
N GLY A 45 -1.77 -8.73 -6.06
CA GLY A 45 -3.11 -8.76 -6.62
C GLY A 45 -3.87 -7.47 -6.39
N LEU A 46 -3.21 -6.51 -5.75
CA LEU A 46 -3.83 -5.22 -5.46
C LEU A 46 -3.60 -4.24 -6.60
N PRO A 47 -4.53 -3.29 -6.76
CA PRO A 47 -4.46 -2.27 -7.81
C PRO A 47 -3.34 -1.27 -7.57
N GLN A 48 -3.16 -0.35 -8.52
CA GLN A 48 -2.11 0.66 -8.41
C GLN A 48 -2.54 1.78 -7.45
N LYS A 49 -3.84 2.04 -7.41
CA LYS A 49 -4.38 3.09 -6.55
C LYS A 49 -4.26 2.69 -5.08
N VAL A 50 -4.53 1.42 -4.78
CA VAL A 50 -4.45 0.92 -3.42
C VAL A 50 -3.02 0.93 -2.91
N ILE A 51 -2.12 0.33 -3.70
CA ILE A 51 -0.71 0.27 -3.33
C ILE A 51 -0.12 1.66 -3.15
N LYS A 52 -0.21 2.48 -4.19
CA LYS A 52 0.30 3.84 -4.14
C LYS A 52 -0.26 4.59 -2.94
N HIS A 53 -1.59 4.57 -2.80
CA HIS A 53 -2.24 5.25 -1.69
C HIS A 53 -1.70 4.76 -0.35
N TRP A 54 -1.58 3.44 -0.21
CA TRP A 54 -1.08 2.85 1.02
C TRP A 54 0.28 3.42 1.39
N PHE A 55 1.18 3.47 0.41
CA PHE A 55 2.53 3.99 0.63
C PHE A 55 2.47 5.40 1.23
N ARG A 56 1.49 6.18 0.78
CA ARG A 56 1.31 7.55 1.27
C ARG A 56 0.81 7.55 2.71
N ASN A 57 -0.26 6.79 2.96
CA ASN A 57 -0.84 6.71 4.30
C ASN A 57 0.21 6.30 5.32
N THR A 58 1.08 5.36 4.94
CA THR A 58 2.12 4.88 5.83
C THR A 58 3.31 5.84 5.84
N LEU A 59 3.70 6.32 4.66
CA LEU A 59 4.81 7.24 4.54
C LEU A 59 4.51 8.56 5.24
N PHE A 60 3.49 9.25 4.78
CA PHE A 60 3.09 10.53 5.37
C PHE A 60 3.31 10.53 6.88
N LYS A 61 3.00 9.40 7.51
CA LYS A 61 3.17 9.27 8.95
C LYS A 61 4.64 9.19 9.32
N GLU A 62 5.39 8.35 8.60
CA GLU A 62 6.81 8.19 8.86
C GLU A 62 7.52 9.54 8.94
N ARG A 63 7.08 10.47 8.10
CA ARG A 63 7.67 11.81 8.06
C ARG A 63 7.38 12.55 9.37
N GLN A 64 6.22 12.29 9.94
CA GLN A 64 5.82 12.95 11.19
C GLN A 64 6.17 12.07 12.39
N SER A 65 6.22 12.68 13.57
CA SER A 65 6.54 11.96 14.80
C SER A 65 6.17 12.79 16.02
N GLY A 66 5.25 12.28 16.83
CA GLY A 66 4.84 12.98 18.03
C GLY A 66 3.53 12.45 18.59
N PRO A 67 3.38 12.50 19.92
CA PRO A 67 2.17 12.03 20.60
C PRO A 67 0.98 12.93 20.34
N SER A 68 1.19 13.99 19.58
CA SER A 68 0.12 14.93 19.26
C SER A 68 -1.11 14.19 18.75
N SER A 69 -2.01 13.86 19.66
CA SER A 69 -3.24 13.15 19.31
C SER A 69 -4.45 14.07 19.41
N GLY A 70 -5.59 13.59 18.92
CA GLY A 70 -6.81 14.39 18.98
C GLY A 70 -7.71 13.99 20.13
N GLY A 1 -14.52 15.15 5.01
CA GLY A 1 -15.38 15.99 4.20
C GLY A 1 -16.85 15.88 4.59
N SER A 2 -17.68 16.76 4.04
CA SER A 2 -19.10 16.74 4.33
C SER A 2 -19.74 15.43 3.90
N SER A 3 -20.79 15.02 4.60
CA SER A 3 -21.48 13.78 4.28
C SER A 3 -22.50 13.99 3.16
N GLY A 4 -22.13 13.58 1.95
CA GLY A 4 -23.01 13.73 0.82
C GLY A 4 -23.40 12.40 0.20
N SER A 5 -22.42 11.52 0.06
CA SER A 5 -22.65 10.20 -0.54
C SER A 5 -23.47 9.32 0.41
N SER A 6 -23.92 8.18 -0.10
CA SER A 6 -24.72 7.26 0.69
C SER A 6 -23.83 6.40 1.59
N GLY A 7 -22.82 5.77 0.99
CA GLY A 7 -21.91 4.94 1.74
C GLY A 7 -21.87 3.51 1.24
N LYS A 8 -21.27 2.63 2.02
CA LYS A 8 -21.17 1.22 1.65
C LYS A 8 -20.40 1.06 0.34
N ARG A 9 -19.27 1.73 0.23
CA ARG A 9 -18.44 1.67 -0.96
C ARG A 9 -17.59 0.40 -0.97
N PRO A 10 -17.47 -0.22 -2.16
CA PRO A 10 -16.68 -1.46 -2.32
C PRO A 10 -15.18 -1.21 -2.17
N ARG A 11 -14.56 -1.96 -1.27
CA ARG A 11 -13.13 -1.83 -1.03
C ARG A 11 -12.54 -3.13 -0.50
N THR A 12 -11.48 -3.60 -1.14
CA THR A 12 -10.83 -4.84 -0.75
C THR A 12 -9.97 -4.64 0.50
N ARG A 13 -9.73 -5.72 1.23
CA ARG A 13 -8.92 -5.66 2.45
C ARG A 13 -7.55 -6.28 2.23
N ILE A 14 -6.52 -5.64 2.77
CA ILE A 14 -5.16 -6.13 2.62
C ILE A 14 -4.79 -7.06 3.77
N THR A 15 -4.00 -8.09 3.46
CA THR A 15 -3.57 -9.05 4.46
C THR A 15 -2.07 -8.96 4.70
N ASP A 16 -1.61 -9.60 5.77
CA ASP A 16 -0.19 -9.60 6.11
C ASP A 16 0.65 -10.13 4.96
N ASP A 17 0.08 -11.04 4.18
CA ASP A 17 0.77 -11.62 3.04
C ASP A 17 0.91 -10.61 1.91
N GLN A 18 -0.03 -9.68 1.84
CA GLN A 18 -0.01 -8.65 0.80
C GLN A 18 0.77 -7.42 1.27
N LEU A 19 0.73 -7.18 2.57
CA LEU A 19 1.44 -6.04 3.16
C LEU A 19 2.95 -6.23 3.08
N ARG A 20 3.40 -7.42 3.46
CA ARG A 20 4.83 -7.73 3.45
C ARG A 20 5.45 -7.39 2.10
N VAL A 21 4.69 -7.61 1.03
CA VAL A 21 5.16 -7.32 -0.32
C VAL A 21 5.36 -5.82 -0.52
N LEU A 22 4.53 -5.02 0.15
CA LEU A 22 4.62 -3.57 0.05
C LEU A 22 5.60 -3.01 1.07
N ARG A 23 5.89 -3.79 2.10
CA ARG A 23 6.82 -3.38 3.14
C ARG A 23 8.26 -3.64 2.72
N GLN A 24 8.51 -4.83 2.16
CA GLN A 24 9.84 -5.21 1.73
C GLN A 24 10.44 -4.14 0.81
N TYR A 25 9.61 -3.59 -0.07
CA TYR A 25 10.06 -2.57 -1.00
C TYR A 25 10.24 -1.23 -0.29
N PHE A 26 9.30 -0.90 0.60
CA PHE A 26 9.35 0.35 1.35
C PHE A 26 10.79 0.67 1.75
N ASP A 27 11.39 -0.21 2.54
CA ASP A 27 12.76 -0.01 3.00
C ASP A 27 13.69 0.29 1.82
N ILE A 28 13.71 -0.61 0.85
CA ILE A 28 14.55 -0.45 -0.33
C ILE A 28 14.44 0.97 -0.89
N ASN A 29 13.21 1.48 -0.92
CA ASN A 29 12.96 2.83 -1.44
C ASN A 29 11.69 3.42 -0.84
N ASN A 30 11.80 4.63 -0.29
CA ASN A 30 10.65 5.29 0.31
C ASN A 30 9.37 4.96 -0.43
N SER A 31 9.29 5.39 -1.69
CA SER A 31 8.10 5.12 -2.51
C SER A 31 8.48 4.36 -3.76
N PRO A 32 7.58 3.45 -4.19
CA PRO A 32 7.79 2.63 -5.39
C PRO A 32 7.72 3.44 -6.67
N SER A 33 8.17 2.85 -7.78
CA SER A 33 8.16 3.52 -9.07
C SER A 33 7.17 2.86 -10.03
N GLU A 34 6.68 3.63 -10.98
CA GLU A 34 5.73 3.12 -11.96
C GLU A 34 6.04 1.67 -12.33
N GLU A 35 7.31 1.31 -12.27
CA GLU A 35 7.74 -0.05 -12.58
C GLU A 35 7.38 -1.01 -11.46
N GLN A 36 7.73 -0.63 -10.23
CA GLN A 36 7.45 -1.46 -9.08
C GLN A 36 5.95 -1.49 -8.78
N ILE A 37 5.32 -0.32 -8.78
CA ILE A 37 3.90 -0.21 -8.52
C ILE A 37 3.11 -1.18 -9.39
N LYS A 38 3.64 -1.48 -10.57
CA LYS A 38 2.98 -2.40 -11.50
C LYS A 38 3.36 -3.84 -11.20
N GLU A 39 4.66 -4.09 -11.07
CA GLU A 39 5.15 -5.44 -10.79
C GLU A 39 4.52 -5.99 -9.51
N MET A 40 4.24 -5.10 -8.56
CA MET A 40 3.63 -5.48 -7.30
C MET A 40 2.14 -5.70 -7.46
N ALA A 41 1.47 -4.73 -8.08
CA ALA A 41 0.03 -4.81 -8.30
C ALA A 41 -0.37 -6.19 -8.79
N ASP A 42 0.56 -6.89 -9.43
CA ASP A 42 0.30 -8.23 -9.94
C ASP A 42 0.71 -9.29 -8.93
N LYS A 43 1.88 -9.11 -8.33
CA LYS A 43 2.39 -10.05 -7.33
C LYS A 43 1.40 -10.21 -6.18
N SER A 44 0.89 -9.08 -5.69
CA SER A 44 -0.07 -9.10 -4.59
C SER A 44 -1.51 -9.18 -5.11
N GLY A 45 -1.78 -8.43 -6.17
CA GLY A 45 -3.11 -8.42 -6.74
C GLY A 45 -3.84 -7.12 -6.50
N LEU A 46 -3.22 -6.22 -5.74
CA LEU A 46 -3.82 -4.93 -5.42
C LEU A 46 -3.60 -3.94 -6.55
N PRO A 47 -4.59 -3.08 -6.80
CA PRO A 47 -4.53 -2.07 -7.86
C PRO A 47 -3.53 -0.96 -7.54
N GLN A 48 -3.08 -0.26 -8.57
CA GLN A 48 -2.12 0.82 -8.40
C GLN A 48 -2.66 1.90 -7.46
N LYS A 49 -3.96 2.18 -7.59
CA LYS A 49 -4.59 3.19 -6.76
C LYS A 49 -4.48 2.83 -5.28
N VAL A 50 -4.59 1.53 -4.99
CA VAL A 50 -4.49 1.04 -3.61
C VAL A 50 -3.05 1.07 -3.12
N ILE A 51 -2.17 0.41 -3.87
CA ILE A 51 -0.76 0.38 -3.50
C ILE A 51 -0.19 1.77 -3.29
N LYS A 52 -0.38 2.64 -4.29
CA LYS A 52 0.11 4.00 -4.20
C LYS A 52 -0.40 4.69 -2.95
N HIS A 53 -1.69 4.56 -2.69
CA HIS A 53 -2.31 5.17 -1.50
C HIS A 53 -1.68 4.63 -0.23
N TRP A 54 -1.62 3.30 -0.12
CA TRP A 54 -1.04 2.65 1.06
C TRP A 54 0.31 3.25 1.39
N PHE A 55 1.19 3.33 0.40
CA PHE A 55 2.53 3.87 0.59
C PHE A 55 2.45 5.31 1.10
N ARG A 56 1.49 6.06 0.58
CA ARG A 56 1.31 7.45 0.97
C ARG A 56 0.87 7.56 2.43
N ASN A 57 -0.26 6.95 2.75
CA ASN A 57 -0.79 6.97 4.11
C ASN A 57 0.30 6.61 5.12
N THR A 58 0.94 5.47 4.90
CA THR A 58 2.00 5.00 5.78
C THR A 58 3.18 5.97 5.79
N LEU A 59 3.81 6.14 4.62
CA LEU A 59 4.94 7.03 4.49
C LEU A 59 4.66 8.38 5.15
N PHE A 60 3.66 9.08 4.65
CA PHE A 60 3.28 10.39 5.19
C PHE A 60 3.18 10.33 6.71
N LYS A 61 2.66 9.23 7.23
CA LYS A 61 2.51 9.05 8.67
C LYS A 61 3.87 8.93 9.35
N GLU A 62 4.78 8.21 8.70
CA GLU A 62 6.13 8.03 9.25
C GLU A 62 6.89 9.34 9.28
N ARG A 63 6.76 10.12 8.21
CA ARG A 63 7.44 11.41 8.11
C ARG A 63 6.88 12.40 9.14
N GLN A 64 5.56 12.44 9.25
CA GLN A 64 4.91 13.33 10.19
C GLN A 64 4.96 12.78 11.61
N SER A 65 5.19 13.65 12.58
CA SER A 65 5.28 13.24 13.97
C SER A 65 4.69 14.30 14.89
N GLY A 66 3.84 13.88 15.83
CA GLY A 66 3.23 14.81 16.76
C GLY A 66 3.50 14.45 18.20
N PRO A 67 3.01 15.30 19.13
CA PRO A 67 3.19 15.10 20.56
C PRO A 67 2.40 13.90 21.09
N SER A 68 1.34 13.54 20.37
CA SER A 68 0.50 12.41 20.76
C SER A 68 1.30 11.11 20.78
N SER A 69 2.17 10.95 19.78
CA SER A 69 2.99 9.75 19.67
C SER A 69 4.35 9.97 20.34
N GLY A 70 4.82 8.94 21.04
CA GLY A 70 6.10 9.03 21.72
C GLY A 70 6.71 7.67 21.99
N GLY A 1 -38.52 -15.61 -1.68
CA GLY A 1 -38.64 -15.59 -0.24
C GLY A 1 -37.84 -14.47 0.40
N SER A 2 -36.63 -14.26 -0.10
CA SER A 2 -35.76 -13.21 0.43
C SER A 2 -36.11 -11.86 -0.18
N SER A 3 -36.82 -11.04 0.59
CA SER A 3 -37.22 -9.72 0.13
C SER A 3 -36.75 -8.65 1.09
N GLY A 4 -36.32 -7.51 0.54
CA GLY A 4 -35.86 -6.41 1.37
C GLY A 4 -34.78 -5.60 0.69
N SER A 5 -33.60 -5.53 1.31
CA SER A 5 -32.48 -4.77 0.76
C SER A 5 -32.09 -5.31 -0.62
N SER A 6 -31.17 -4.62 -1.27
CA SER A 6 -30.71 -5.02 -2.59
C SER A 6 -29.54 -4.13 -3.06
N GLY A 7 -28.54 -4.76 -3.66
CA GLY A 7 -27.39 -4.02 -4.15
C GLY A 7 -26.20 -4.12 -3.21
N LYS A 8 -25.11 -4.69 -3.72
CA LYS A 8 -23.89 -4.85 -2.93
C LYS A 8 -22.74 -4.07 -3.54
N ARG A 9 -21.67 -3.90 -2.76
CA ARG A 9 -20.50 -3.17 -3.23
C ARG A 9 -19.23 -4.02 -3.09
N PRO A 10 -18.34 -3.94 -4.08
CA PRO A 10 -17.09 -4.70 -4.09
C PRO A 10 -16.10 -4.18 -3.05
N ARG A 11 -16.19 -4.72 -1.83
CA ARG A 11 -15.31 -4.31 -0.75
C ARG A 11 -13.92 -4.92 -0.93
N THR A 12 -12.91 -4.24 -0.38
CA THR A 12 -11.53 -4.71 -0.48
C THR A 12 -10.80 -4.55 0.85
N ARG A 13 -9.76 -5.34 1.04
CA ARG A 13 -8.97 -5.28 2.26
C ARG A 13 -7.63 -6.00 2.08
N ILE A 14 -6.54 -5.27 2.32
CA ILE A 14 -5.20 -5.84 2.19
C ILE A 14 -4.92 -6.85 3.28
N THR A 15 -4.30 -7.97 2.91
CA THR A 15 -3.97 -9.03 3.85
C THR A 15 -2.56 -8.86 4.38
N ASP A 16 -2.13 -9.82 5.20
CA ASP A 16 -0.79 -9.78 5.78
C ASP A 16 0.25 -10.27 4.77
N ASP A 17 -0.12 -11.29 4.00
CA ASP A 17 0.78 -11.85 3.00
C ASP A 17 1.00 -10.86 1.85
N GLN A 18 0.06 -9.94 1.68
CA GLN A 18 0.14 -8.94 0.62
C GLN A 18 0.87 -7.70 1.11
N LEU A 19 0.53 -7.24 2.30
CA LEU A 19 1.15 -6.06 2.88
C LEU A 19 2.68 -6.20 2.92
N ARG A 20 3.14 -7.31 3.49
CA ARG A 20 4.57 -7.57 3.60
C ARG A 20 5.29 -7.19 2.31
N VAL A 21 4.73 -7.61 1.18
CA VAL A 21 5.32 -7.31 -0.13
C VAL A 21 5.52 -5.81 -0.30
N LEU A 22 4.54 -5.04 0.13
CA LEU A 22 4.60 -3.59 0.01
C LEU A 22 5.59 -3.01 1.02
N ARG A 23 5.77 -3.71 2.13
CA ARG A 23 6.69 -3.27 3.17
C ARG A 23 8.15 -3.50 2.75
N GLN A 24 8.42 -4.69 2.23
CA GLN A 24 9.76 -5.04 1.79
C GLN A 24 10.33 -3.96 0.87
N TYR A 25 9.52 -3.52 -0.09
CA TYR A 25 9.94 -2.49 -1.03
C TYR A 25 10.10 -1.15 -0.34
N PHE A 26 9.31 -0.92 0.70
CA PHE A 26 9.36 0.33 1.46
C PHE A 26 10.79 0.63 1.91
N ASP A 27 11.36 -0.28 2.68
CA ASP A 27 12.71 -0.12 3.18
C ASP A 27 13.68 0.23 2.05
N ILE A 28 13.58 -0.51 0.95
CA ILE A 28 14.43 -0.28 -0.21
C ILE A 28 14.25 1.13 -0.75
N ASN A 29 13.01 1.61 -0.73
CA ASN A 29 12.70 2.95 -1.22
C ASN A 29 11.41 3.47 -0.61
N ASN A 30 11.45 4.70 -0.09
CA ASN A 30 10.29 5.31 0.53
C ASN A 30 9.01 4.96 -0.24
N SER A 31 8.88 5.51 -1.44
CA SER A 31 7.71 5.26 -2.27
C SER A 31 8.10 4.50 -3.54
N PRO A 32 7.23 3.57 -3.97
CA PRO A 32 7.46 2.77 -5.17
C PRO A 32 7.35 3.59 -6.45
N SER A 33 7.87 3.03 -7.54
CA SER A 33 7.83 3.72 -8.83
C SER A 33 6.88 3.02 -9.79
N GLU A 34 6.35 3.78 -10.75
CA GLU A 34 5.42 3.23 -11.73
C GLU A 34 5.82 1.82 -12.14
N GLU A 35 7.12 1.53 -12.04
CA GLU A 35 7.65 0.22 -12.41
C GLU A 35 7.35 -0.80 -11.31
N GLN A 36 7.56 -0.40 -10.06
CA GLN A 36 7.31 -1.29 -8.92
C GLN A 36 5.82 -1.39 -8.63
N ILE A 37 5.15 -0.24 -8.60
CA ILE A 37 3.71 -0.20 -8.33
C ILE A 37 2.96 -1.17 -9.23
N LYS A 38 3.52 -1.44 -10.40
CA LYS A 38 2.89 -2.35 -11.36
C LYS A 38 3.36 -3.80 -11.12
N GLU A 39 4.67 -3.98 -10.98
CA GLU A 39 5.23 -5.29 -10.74
C GLU A 39 4.62 -5.93 -9.49
N MET A 40 4.30 -5.09 -8.51
CA MET A 40 3.72 -5.57 -7.26
C MET A 40 2.23 -5.85 -7.43
N ALA A 41 1.52 -4.91 -8.03
CA ALA A 41 0.08 -5.06 -8.25
C ALA A 41 -0.25 -6.41 -8.86
N ASP A 42 0.72 -6.96 -9.60
CA ASP A 42 0.54 -8.27 -10.24
C ASP A 42 1.02 -9.39 -9.33
N LYS A 43 2.05 -9.11 -8.54
CA LYS A 43 2.61 -10.10 -7.63
C LYS A 43 1.63 -10.41 -6.50
N SER A 44 1.03 -9.37 -5.94
CA SER A 44 0.07 -9.53 -4.86
C SER A 44 -1.36 -9.59 -5.39
N GLY A 45 -1.61 -8.86 -6.47
CA GLY A 45 -2.93 -8.85 -7.07
C GLY A 45 -3.65 -7.53 -6.84
N LEU A 46 -3.14 -6.73 -5.92
CA LEU A 46 -3.75 -5.44 -5.61
C LEU A 46 -3.53 -4.45 -6.75
N PRO A 47 -4.45 -3.48 -6.88
CA PRO A 47 -4.39 -2.46 -7.93
C PRO A 47 -3.24 -1.48 -7.69
N GLN A 48 -3.19 -0.44 -8.52
CA GLN A 48 -2.15 0.58 -8.41
C GLN A 48 -2.57 1.68 -7.43
N LYS A 49 -3.83 2.05 -7.48
CA LYS A 49 -4.36 3.08 -6.60
C LYS A 49 -4.23 2.68 -5.13
N VAL A 50 -4.59 1.43 -4.83
CA VAL A 50 -4.51 0.92 -3.47
C VAL A 50 -3.08 0.96 -2.95
N ILE A 51 -2.18 0.32 -3.69
CA ILE A 51 -0.77 0.28 -3.31
C ILE A 51 -0.21 1.69 -3.14
N LYS A 52 -0.56 2.57 -4.07
CA LYS A 52 -0.09 3.95 -4.02
C LYS A 52 -0.56 4.65 -2.75
N HIS A 53 -1.86 4.54 -2.47
CA HIS A 53 -2.44 5.15 -1.28
C HIS A 53 -1.77 4.62 0.00
N TRP A 54 -1.59 3.31 0.05
CA TRP A 54 -0.96 2.68 1.21
C TRP A 54 0.41 3.26 1.47
N PHE A 55 1.25 3.26 0.44
CA PHE A 55 2.61 3.79 0.56
C PHE A 55 2.58 5.25 1.01
N ARG A 56 1.57 5.99 0.55
CA ARG A 56 1.43 7.39 0.90
C ARG A 56 1.04 7.55 2.37
N ASN A 57 -0.05 6.91 2.76
CA ASN A 57 -0.53 6.98 4.14
C ASN A 57 0.58 6.60 5.11
N THR A 58 1.35 5.57 4.76
CA THR A 58 2.44 5.10 5.61
C THR A 58 3.65 6.02 5.50
N LEU A 59 4.02 6.38 4.27
CA LEU A 59 5.16 7.26 4.04
C LEU A 59 4.90 8.65 4.60
N PHE A 60 3.90 9.33 4.04
CA PHE A 60 3.54 10.66 4.49
C PHE A 60 3.74 10.81 6.00
N LYS A 61 3.29 9.81 6.75
CA LYS A 61 3.42 9.82 8.20
C LYS A 61 4.83 9.43 8.62
N GLU A 62 5.34 8.36 8.06
CA GLU A 62 6.69 7.88 8.38
C GLU A 62 7.71 9.00 8.19
N ARG A 63 7.35 9.99 7.39
CA ARG A 63 8.23 11.12 7.12
C ARG A 63 8.18 12.14 8.26
N GLN A 64 7.02 12.26 8.88
CA GLN A 64 6.83 13.19 9.99
C GLN A 64 6.89 12.47 11.33
N SER A 65 7.58 13.07 12.29
CA SER A 65 7.70 12.48 13.62
C SER A 65 7.05 13.37 14.66
N GLY A 66 6.12 12.78 15.42
CA GLY A 66 5.41 13.53 16.46
C GLY A 66 4.46 12.66 17.24
N PRO A 67 4.98 11.96 18.25
CA PRO A 67 4.17 11.08 19.11
C PRO A 67 3.23 11.86 20.01
N SER A 68 1.93 11.79 19.71
CA SER A 68 0.93 12.49 20.50
C SER A 68 0.25 11.54 21.48
N SER A 69 0.60 11.66 22.76
CA SER A 69 0.03 10.82 23.80
C SER A 69 -1.31 11.36 24.26
N GLY A 70 -1.34 12.64 24.62
CA GLY A 70 -2.56 13.27 25.08
C GLY A 70 -2.33 14.21 26.25
#